data_6MYM
#
_entry.id   6MYM
#
_cell.length_a   195.780
_cell.length_b   187.580
_cell.length_c   107.730
_cell.angle_alpha   90.000
_cell.angle_beta   109.820
_cell.angle_gamma   90.000
#
_symmetry.space_group_name_H-M   'C 1 2 1'
#
loop_
_entity.id
_entity.type
_entity.pdbx_description
1 polymer Hemagglutinin
2 branched 2-acetamido-2-deoxy-beta-D-glucopyranose-(1-4)-2-acetamido-2-deoxy-beta-D-glucopyranose
3 branched beta-D-mannopyranose-(1-4)-2-acetamido-2-deoxy-beta-D-glucopyranose-(1-4)-2-acetamido-2-deoxy-beta-D-glucopyranose
4 non-polymer 2-acetamido-2-deoxy-beta-D-glucopyranose
5 water water
#
_entity_poly.entity_id   1
_entity_poly.type   'polypeptide(L)'
_entity_poly.pdbx_seq_one_letter_code
;NSTATLCLGHHAVPNGTLVKTITNDQIEVTNATELVQSSSTGRICDSPHRILDGKNCTLIDALLGDPHCDGFQNEKWDLF
VERSKAFSNCYPYDVPDYASLRSLVASSGTLEFINEGFNWTGVTQSGGSYTCKRGSNNSFFSRLNWLYESESKYPVLNVT
MPNNGKFDKLYIWGIHHPSTDKEQTNLYIRASGRVTVSTKRSQQTVIPNIGSRPWVRGLSSRISIYWTIVKPGDILLINS
TGNLIAPRGYFKIRTGKSSIMRSDAPIGTCSSECITPNGSIPNDKPFQNVNKITYGACPRYVKQNTLKLATGMRNVPEKQ
TRGIFGAIAGFIENGWEGMVDGWYGFRHQNSEGTGQAADLKSTQAAIDQINGKLNRVIEKTNEKFHQIEKEFSEVEGRIQ
DLEKYVEDTKIDLWSYNAELLVALENQHTIDLTDSEMNKLFEKTRKQLRENAEDMGNGCFKIYHKCDNACIGSIRNGTYD
HDVYRDEALNNRFQIKG
;
_entity_poly.pdbx_strand_id   A,B,C
#
loop_
_chem_comp.id
_chem_comp.type
_chem_comp.name
_chem_comp.formula
BMA D-saccharide, beta linking beta-D-mannopyranose 'C6 H12 O6'
NAG D-saccharide, beta linking 2-acetamido-2-deoxy-beta-D-glucopyranose 'C8 H15 N O6'
#
# COMPACT_ATOMS: atom_id res chain seq x y z
N ASN A 1 -6.60 -23.73 -63.86
CA ASN A 1 -7.33 -22.94 -64.86
C ASN A 1 -8.79 -22.75 -64.49
N SER A 2 -9.43 -23.86 -64.10
CA SER A 2 -10.83 -23.91 -63.67
C SER A 2 -10.96 -23.88 -62.14
N THR A 3 -9.95 -23.30 -61.48
CA THR A 3 -9.96 -23.20 -60.02
C THR A 3 -9.52 -21.79 -59.64
N ALA A 4 -9.57 -21.50 -58.35
CA ALA A 4 -9.07 -20.24 -57.82
C ALA A 4 -8.47 -20.51 -56.45
N THR A 5 -7.61 -19.60 -56.01
CA THR A 5 -7.01 -19.64 -54.69
C THR A 5 -7.47 -18.41 -53.93
N LEU A 6 -7.89 -18.60 -52.69
CA LEU A 6 -8.28 -17.51 -51.81
C LEU A 6 -7.52 -17.63 -50.52
N CYS A 7 -6.66 -16.67 -50.22
CA CYS A 7 -5.83 -16.70 -49.02
C CYS A 7 -6.30 -15.66 -48.02
N LEU A 8 -6.30 -16.05 -46.75
CA LEU A 8 -6.64 -15.16 -45.65
C LEU A 8 -5.35 -14.68 -44.99
N GLY A 9 -5.30 -13.39 -44.63
CA GLY A 9 -4.09 -12.86 -44.03
C GLY A 9 -4.31 -11.64 -43.16
N HIS A 10 -3.23 -11.26 -42.50
CA HIS A 10 -3.18 -10.08 -41.65
C HIS A 10 -1.97 -9.25 -42.04
N HIS A 11 -1.96 -8.01 -41.58
CA HIS A 11 -0.92 -7.11 -42.05
C HIS A 11 0.36 -7.30 -41.23
N ALA A 12 1.42 -6.66 -41.72
CA ALA A 12 2.68 -6.64 -41.02
C ALA A 12 3.40 -5.35 -41.37
N VAL A 13 4.34 -4.96 -40.51
CA VAL A 13 5.09 -3.73 -40.71
C VAL A 13 6.58 -4.05 -40.70
N PRO A 14 7.40 -3.27 -41.39
CA PRO A 14 8.85 -3.53 -41.35
C PRO A 14 9.52 -3.07 -40.07
N ASN A 15 8.89 -2.17 -39.30
CA ASN A 15 9.49 -1.59 -38.10
C ASN A 15 8.59 -1.92 -36.91
N GLY A 16 8.64 -3.17 -36.46
CA GLY A 16 7.86 -3.58 -35.31
C GLY A 16 8.44 -3.03 -34.02
N THR A 17 7.69 -3.24 -32.94
CA THR A 17 8.07 -2.78 -31.60
C THR A 17 8.01 -3.94 -30.62
N LEU A 18 8.98 -4.01 -29.73
CA LEU A 18 8.99 -5.08 -28.73
C LEU A 18 8.16 -4.67 -27.52
N VAL A 19 7.29 -5.59 -27.07
CA VAL A 19 6.50 -5.43 -25.86
C VAL A 19 6.64 -6.69 -25.03
N LYS A 20 6.12 -6.65 -23.81
CA LYS A 20 6.14 -7.81 -22.93
C LYS A 20 4.73 -8.38 -22.78
N THR A 21 4.67 -9.69 -22.61
CA THR A 21 3.41 -10.36 -22.35
C THR A 21 3.57 -11.25 -21.13
N ILE A 22 2.58 -12.11 -20.88
CA ILE A 22 2.73 -13.09 -19.81
C ILE A 22 3.81 -14.11 -20.19
N THR A 23 3.92 -14.44 -21.47
CA THR A 23 4.87 -15.48 -21.91
C THR A 23 6.28 -14.93 -22.05
N ASN A 24 6.49 -14.06 -23.02
CA ASN A 24 7.84 -13.68 -23.40
C ASN A 24 8.18 -12.27 -22.93
N ASP A 25 9.47 -12.05 -22.71
CA ASP A 25 9.98 -10.75 -22.32
C ASP A 25 10.06 -9.80 -23.51
N GLN A 26 10.13 -10.33 -24.73
CA GLN A 26 10.29 -9.55 -25.96
C GLN A 26 9.47 -10.20 -27.05
N ILE A 27 8.36 -9.57 -27.43
CA ILE A 27 7.60 -10.03 -28.59
C ILE A 27 7.29 -8.83 -29.45
N GLU A 28 7.46 -8.99 -30.76
CA GLU A 28 7.31 -7.87 -31.69
C GLU A 28 5.85 -7.76 -32.12
N VAL A 29 5.29 -6.56 -31.96
CA VAL A 29 3.94 -6.24 -32.40
C VAL A 29 4.02 -5.11 -33.43
N THR A 30 2.91 -4.89 -34.13
CA THR A 30 2.91 -3.89 -35.20
C THR A 30 2.96 -2.47 -34.65
N ASN A 31 2.48 -2.26 -33.42
CA ASN A 31 2.36 -0.91 -32.90
C ASN A 31 2.18 -0.98 -31.39
N ALA A 32 2.65 0.06 -30.70
CA ALA A 32 2.51 0.13 -29.25
C ALA A 32 2.51 1.58 -28.81
N THR A 33 2.07 1.80 -27.58
CA THR A 33 2.06 3.15 -27.03
C THR A 33 2.70 3.12 -25.65
N GLU A 34 3.34 4.23 -25.31
CA GLU A 34 4.06 4.32 -24.05
C GLU A 34 3.12 4.66 -22.91
N LEU A 35 3.29 3.99 -21.77
CA LEU A 35 2.45 4.24 -20.62
C LEU A 35 3.15 4.97 -19.48
N VAL A 36 4.46 5.21 -19.58
CA VAL A 36 5.22 5.88 -18.53
C VAL A 36 5.66 7.24 -19.06
N GLN A 37 5.15 8.31 -18.44
CA GLN A 37 5.64 9.66 -18.74
C GLN A 37 7.04 9.84 -18.15
N SER A 38 8.01 10.12 -19.02
CA SER A 38 9.39 10.18 -18.58
C SER A 38 10.06 11.50 -18.87
N SER A 39 9.36 12.45 -19.48
CA SER A 39 9.97 13.73 -19.81
C SER A 39 9.15 14.85 -19.23
N SER A 40 9.82 15.95 -18.97
CA SER A 40 9.15 17.15 -18.51
C SER A 40 9.56 18.32 -19.36
N THR A 41 8.68 19.30 -19.40
CA THR A 41 9.01 20.49 -20.15
C THR A 41 10.08 21.31 -19.45
N GLY A 42 10.29 21.15 -18.14
CA GLY A 42 11.22 22.01 -17.44
C GLY A 42 10.61 23.29 -16.91
N ARG A 43 9.32 23.50 -17.14
CA ARG A 43 8.62 24.73 -16.78
C ARG A 43 7.44 24.35 -15.90
N ILE A 44 7.21 25.12 -14.85
CA ILE A 44 6.02 24.97 -14.04
C ILE A 44 4.98 25.94 -14.61
N CYS A 45 3.90 25.40 -15.16
CA CYS A 45 2.88 26.21 -15.79
C CYS A 45 2.03 26.95 -14.74
N ASP A 46 1.76 28.24 -14.99
CA ASP A 46 0.99 29.04 -14.05
C ASP A 46 -0.50 28.81 -14.15
N SER A 47 -0.93 27.88 -14.98
CA SER A 47 -2.34 27.53 -15.10
C SER A 47 -2.49 26.02 -15.10
N PRO A 48 -3.61 25.49 -14.60
CA PRO A 48 -4.75 26.22 -14.05
C PRO A 48 -4.65 26.43 -12.54
N HIS A 49 -3.53 26.05 -11.93
CA HIS A 49 -3.30 26.23 -10.51
C HIS A 49 -2.71 27.59 -10.22
N ARG A 50 -3.08 28.15 -9.07
CA ARG A 50 -2.49 29.41 -8.61
C ARG A 50 -1.10 29.13 -8.08
N ILE A 51 -0.08 29.51 -8.84
CA ILE A 51 1.30 29.30 -8.41
C ILE A 51 1.79 30.57 -7.73
N LEU A 52 2.46 30.41 -6.61
CA LEU A 52 3.04 31.53 -5.87
C LEU A 52 4.53 31.26 -5.74
N ASP A 53 5.34 32.06 -6.45
CA ASP A 53 6.79 31.90 -6.43
C ASP A 53 7.35 32.63 -5.21
N GLY A 54 7.91 31.85 -4.28
CA GLY A 54 8.51 32.41 -3.08
C GLY A 54 9.77 33.20 -3.34
N LYS A 55 10.44 32.94 -4.47
CA LYS A 55 11.64 33.67 -4.88
C LYS A 55 12.69 33.64 -3.79
N ASN A 56 12.86 34.75 -3.08
CA ASN A 56 13.85 34.87 -2.01
C ASN A 56 13.33 34.48 -0.63
N CYS A 57 12.06 34.10 -0.52
CA CYS A 57 11.42 33.90 0.77
C CYS A 57 10.93 32.48 0.94
N THR A 58 11.24 31.89 2.09
CA THR A 58 10.55 30.70 2.53
C THR A 58 9.14 31.05 3.00
N LEU A 59 8.29 30.03 3.05
CA LEU A 59 6.93 30.26 3.51
C LEU A 59 6.91 30.80 4.93
N ILE A 60 7.80 30.31 5.80
CA ILE A 60 7.79 30.75 7.20
C ILE A 60 8.23 32.21 7.30
N ASP A 61 9.23 32.63 6.52
CA ASP A 61 9.66 34.04 6.56
C ASP A 61 8.54 34.97 6.08
N ALA A 62 7.77 34.55 5.07
CA ALA A 62 6.62 35.33 4.64
C ALA A 62 5.53 35.34 5.71
N LEU A 63 5.39 34.24 6.44
CA LEU A 63 4.40 34.19 7.51
C LEU A 63 4.74 35.17 8.62
N LEU A 64 5.97 35.11 9.13
CA LEU A 64 6.38 35.97 10.24
C LEU A 64 6.45 37.44 9.82
N GLY A 65 6.84 37.71 8.57
CA GLY A 65 6.93 39.06 8.08
C GLY A 65 8.34 39.62 8.02
N ASP A 66 9.29 38.78 7.58
CA ASP A 66 10.62 39.25 7.24
C ASP A 66 10.51 40.40 6.23
N PRO A 67 11.17 41.53 6.46
CA PRO A 67 10.99 42.71 5.58
C PRO A 67 11.11 42.44 4.09
N HIS A 68 12.09 41.65 3.65
CA HIS A 68 12.16 41.42 2.21
C HIS A 68 11.05 40.49 1.72
N CYS A 69 10.17 40.04 2.61
CA CYS A 69 8.99 39.24 2.26
C CYS A 69 7.69 40.02 2.43
N ASP A 70 7.77 41.35 2.55
CA ASP A 70 6.57 42.15 2.80
C ASP A 70 5.55 42.02 1.68
N GLY A 71 6.00 41.81 0.44
CA GLY A 71 5.09 41.65 -0.68
C GLY A 71 4.20 40.42 -0.63
N PHE A 72 4.50 39.44 0.22
CA PHE A 72 3.71 38.23 0.35
C PHE A 72 2.54 38.36 1.32
N GLN A 73 2.37 39.53 1.96
CA GLN A 73 1.32 39.70 2.96
C GLN A 73 -0.05 39.39 2.37
N ASN A 74 -0.80 38.52 3.06
CA ASN A 74 -2.20 38.19 2.73
C ASN A 74 -2.33 37.48 1.39
N GLU A 75 -1.23 36.95 0.87
CA GLU A 75 -1.22 36.30 -0.42
C GLU A 75 -1.84 34.91 -0.30
N LYS A 76 -2.40 34.41 -1.40
CA LYS A 76 -2.95 33.05 -1.48
C LYS A 76 -2.22 32.23 -2.53
N TRP A 77 -2.43 30.92 -2.49
CA TRP A 77 -1.78 30.04 -3.45
C TRP A 77 -2.52 28.70 -3.52
N ASP A 78 -2.43 28.05 -4.67
CA ASP A 78 -2.68 26.62 -4.74
C ASP A 78 -1.41 25.84 -4.44
N LEU A 79 -0.31 26.25 -5.04
CA LEU A 79 1.00 25.64 -4.80
C LEU A 79 2.00 26.74 -4.51
N PHE A 80 2.63 26.67 -3.34
CA PHE A 80 3.73 27.56 -3.00
C PHE A 80 5.04 26.90 -3.40
N VAL A 81 5.85 27.62 -4.17
CA VAL A 81 7.11 27.11 -4.69
C VAL A 81 8.24 27.78 -3.94
N GLU A 82 8.97 27.01 -3.13
CA GLU A 82 10.11 27.49 -2.37
C GLU A 82 11.39 27.27 -3.19
N ARG A 83 12.20 28.33 -3.29
CA ARG A 83 13.44 28.29 -4.04
C ARG A 83 14.61 28.03 -3.09
N SER A 84 15.64 27.37 -3.63
CA SER A 84 16.83 27.07 -2.85
C SER A 84 17.63 28.32 -2.51
N LYS A 85 17.47 29.40 -3.27
CA LYS A 85 18.20 30.63 -3.02
C LYS A 85 17.60 31.46 -1.89
N ALA A 86 16.45 31.05 -1.34
CA ALA A 86 15.80 31.82 -0.30
C ALA A 86 16.71 32.00 0.91
N PHE A 87 16.51 33.09 1.63
CA PHE A 87 17.35 33.40 2.78
C PHE A 87 16.55 34.23 3.78
N SER A 88 17.03 34.22 5.01
CA SER A 88 16.48 35.03 6.09
C SER A 88 17.34 36.27 6.27
N ASN A 89 16.69 37.38 6.58
CA ASN A 89 17.36 38.66 6.75
C ASN A 89 16.69 39.46 7.86
N CYS A 90 16.32 38.78 8.94
CA CYS A 90 15.70 39.46 10.07
C CYS A 90 16.32 38.94 11.35
N TYR A 91 15.59 38.99 12.45
CA TYR A 91 16.11 38.50 13.72
C TYR A 91 16.31 36.99 13.65
N PRO A 92 17.46 36.47 14.10
CA PRO A 92 17.67 35.02 14.08
C PRO A 92 16.64 34.31 14.95
N TYR A 93 16.08 33.23 14.39
CA TYR A 93 14.99 32.53 15.04
C TYR A 93 15.08 31.04 14.77
N ASP A 94 14.34 30.28 15.59
CA ASP A 94 14.12 28.87 15.37
C ASP A 94 12.66 28.55 15.67
N VAL A 95 12.19 27.45 15.09
CA VAL A 95 10.85 26.94 15.30
C VAL A 95 11.00 25.48 15.73
N PRO A 96 10.71 25.15 16.99
CA PRO A 96 10.83 23.74 17.43
C PRO A 96 10.12 22.71 16.56
N ASP A 97 9.04 23.08 15.89
CA ASP A 97 8.29 22.15 15.05
C ASP A 97 8.14 22.73 13.66
N TYR A 98 9.27 23.19 13.11
CA TYR A 98 9.28 23.93 11.85
C TYR A 98 8.48 23.21 10.77
N ALA A 99 8.74 21.91 10.58
CA ALA A 99 8.11 21.18 9.50
C ALA A 99 6.59 21.16 9.65
N SER A 100 6.09 21.02 10.87
CA SER A 100 4.64 20.96 11.06
C SER A 100 3.99 22.31 10.78
N LEU A 101 4.63 23.39 11.22
CA LEU A 101 4.07 24.72 10.96
C LEU A 101 4.07 25.02 9.48
N ARG A 102 5.20 24.75 8.82
CA ARG A 102 5.28 24.95 7.37
C ARG A 102 4.20 24.14 6.66
N SER A 103 3.94 22.93 7.13
CA SER A 103 2.95 22.09 6.46
C SER A 103 1.54 22.64 6.61
N LEU A 104 1.15 23.02 7.84
CA LEU A 104 -0.23 23.44 8.04
C LEU A 104 -0.51 24.78 7.37
N VAL A 105 0.48 25.67 7.29
CA VAL A 105 0.30 26.91 6.55
C VAL A 105 0.22 26.62 5.06
N ALA A 106 1.10 25.76 4.54
CA ALA A 106 1.05 25.37 3.15
C ALA A 106 -0.30 24.78 2.79
N SER A 107 -0.80 23.87 3.63
CA SER A 107 -2.10 23.24 3.35
C SER A 107 -3.24 24.25 3.42
N SER A 108 -3.14 25.25 4.32
CA SER A 108 -4.18 26.26 4.42
C SER A 108 -4.27 27.11 3.16
N GLY A 109 -3.12 27.41 2.54
CA GLY A 109 -3.11 28.12 1.27
C GLY A 109 -3.30 29.61 1.31
N THR A 110 -3.13 30.24 2.46
CA THR A 110 -3.34 31.68 2.57
C THR A 110 -2.48 32.25 3.68
N LEU A 111 -1.97 33.47 3.45
CA LEU A 111 -1.31 34.27 4.48
C LEU A 111 -2.19 35.42 4.95
N GLU A 112 -3.50 35.32 4.73
CA GLU A 112 -4.46 36.34 5.17
C GLU A 112 -4.34 36.55 6.67
N PHE A 113 -4.12 37.79 7.07
CA PHE A 113 -3.83 38.09 8.46
C PHE A 113 -4.81 39.14 8.95
N ILE A 114 -5.36 38.92 10.14
CA ILE A 114 -6.34 39.83 10.72
C ILE A 114 -5.74 40.43 11.97
N ASN A 115 -5.44 41.73 11.90
CA ASN A 115 -4.95 42.44 13.07
C ASN A 115 -6.03 42.51 14.14
N GLU A 116 -5.61 42.34 15.39
CA GLU A 116 -6.50 42.43 16.54
C GLU A 116 -5.88 43.35 17.58
N GLY A 117 -6.74 44.05 18.30
CA GLY A 117 -6.29 44.97 19.34
C GLY A 117 -6.09 44.29 20.68
N PHE A 118 -4.85 43.89 20.95
CA PHE A 118 -4.50 43.34 22.24
C PHE A 118 -4.25 44.48 23.22
N ASN A 119 -4.54 44.23 24.49
CA ASN A 119 -4.38 45.25 25.53
C ASN A 119 -2.99 45.08 26.15
N TRP A 120 -2.01 45.80 25.61
CA TRP A 120 -0.65 45.75 26.15
C TRP A 120 -0.35 46.98 27.01
N THR A 121 -1.25 47.34 27.93
CA THR A 121 -1.01 48.48 28.79
C THR A 121 0.06 48.16 29.82
N GLY A 122 1.04 49.06 29.94
CA GLY A 122 2.13 48.89 30.88
C GLY A 122 3.45 48.50 30.24
N VAL A 123 3.47 48.19 28.94
CA VAL A 123 4.71 47.82 28.26
C VAL A 123 4.84 48.64 26.98
N THR A 124 6.07 48.73 26.50
CA THR A 124 6.36 49.34 25.21
C THR A 124 6.19 48.29 24.11
N GLN A 125 5.54 48.68 23.03
CA GLN A 125 5.29 47.82 21.89
C GLN A 125 6.28 48.09 20.77
N SER A 126 6.29 47.19 19.79
CA SER A 126 7.00 47.37 18.52
C SER A 126 8.51 47.52 18.73
N GLY A 127 9.07 46.65 19.57
CA GLY A 127 10.51 46.61 19.70
C GLY A 127 11.16 46.19 18.40
N GLY A 128 12.32 46.78 18.10
CA GLY A 128 13.01 46.55 16.85
C GLY A 128 14.45 46.13 17.04
N SER A 129 15.14 45.96 15.91
CA SER A 129 16.52 45.54 15.91
C SER A 129 17.18 45.97 14.61
N TYR A 130 18.49 46.21 14.67
CA TYR A 130 19.23 46.62 13.48
C TYR A 130 19.46 45.46 12.52
N THR A 131 19.28 44.21 12.96
CA THR A 131 19.40 43.06 12.07
C THR A 131 18.17 42.86 11.20
N CYS A 132 17.09 43.60 11.46
CA CYS A 132 15.85 43.47 10.74
C CYS A 132 15.46 44.86 10.22
N LYS A 133 16.20 45.33 9.23
CA LYS A 133 15.94 46.66 8.68
C LYS A 133 14.73 46.63 7.77
N ARG A 134 13.85 47.62 7.94
CA ARG A 134 12.73 47.84 7.04
C ARG A 134 12.86 49.25 6.49
N GLY A 135 13.29 49.34 5.24
CA GLY A 135 13.66 50.61 4.67
C GLY A 135 15.05 50.93 5.18
N SER A 136 15.15 51.93 6.04
CA SER A 136 16.40 52.31 6.66
C SER A 136 16.36 52.25 8.18
N ASN A 137 15.30 51.71 8.77
CA ASN A 137 15.07 51.77 10.21
C ASN A 137 15.10 50.40 10.85
N ASN A 138 15.59 50.34 12.09
CA ASN A 138 15.40 49.17 12.93
C ASN A 138 13.93 48.77 12.93
N SER A 139 13.69 47.47 12.79
CA SER A 139 12.33 47.00 12.68
C SER A 139 12.27 45.56 13.23
N PHE A 140 11.27 44.82 12.80
CA PHE A 140 10.99 43.51 13.36
C PHE A 140 10.03 42.79 12.43
N PHE A 141 9.74 41.52 12.76
CA PHE A 141 8.74 40.76 12.03
C PHE A 141 7.40 41.49 12.02
N SER A 142 6.85 41.69 10.82
CA SER A 142 5.64 42.50 10.68
C SER A 142 4.47 41.92 11.47
N ARG A 143 4.43 40.61 11.65
CA ARG A 143 3.28 39.99 12.30
C ARG A 143 3.52 39.72 13.78
N LEU A 144 4.68 40.10 14.30
CA LEU A 144 5.01 39.89 15.71
C LEU A 144 5.19 41.24 16.40
N ASN A 145 5.00 41.24 17.72
CA ASN A 145 5.03 42.45 18.52
C ASN A 145 6.00 42.23 19.68
N TRP A 146 7.18 42.81 19.58
CA TRP A 146 8.20 42.67 20.60
C TRP A 146 7.88 43.62 21.75
N LEU A 147 7.39 43.08 22.86
CA LEU A 147 7.06 43.84 24.05
C LEU A 147 8.26 43.88 24.99
N TYR A 148 8.39 45.00 25.69
CA TYR A 148 9.45 45.15 26.70
C TYR A 148 9.02 46.24 27.69
N GLU A 149 9.94 46.59 28.57
CA GLU A 149 9.63 47.43 29.72
C GLU A 149 9.16 48.81 29.29
N SER A 150 8.25 49.37 30.07
CA SER A 150 7.82 50.77 29.92
C SER A 150 8.00 51.46 31.26
N GLU A 151 8.75 52.56 31.26
CA GLU A 151 9.02 53.34 32.47
C GLU A 151 9.74 52.46 33.48
N SER A 152 10.70 51.67 33.00
CA SER A 152 11.49 50.76 33.83
C SER A 152 10.61 49.76 34.56
N LYS A 153 9.50 49.37 33.94
CA LYS A 153 8.59 48.40 34.55
C LYS A 153 8.05 47.44 33.50
N TYR A 154 7.93 46.18 33.88
CA TYR A 154 7.26 45.15 33.08
C TYR A 154 6.25 44.46 33.98
N PRO A 155 5.04 45.00 34.06
CA PRO A 155 4.00 44.36 34.89
C PRO A 155 3.58 43.02 34.28
N VAL A 156 3.08 42.14 35.16
CA VAL A 156 2.62 40.83 34.74
C VAL A 156 1.39 41.00 33.84
N LEU A 157 1.51 40.55 32.59
CA LEU A 157 0.44 40.67 31.61
C LEU A 157 -0.54 39.51 31.75
N ASN A 158 -1.82 39.81 31.56
CA ASN A 158 -2.92 38.84 31.60
C ASN A 158 -3.95 39.31 30.57
N VAL A 159 -3.70 38.94 29.32
CA VAL A 159 -4.40 39.51 28.16
C VAL A 159 -5.22 38.42 27.48
N THR A 160 -6.44 38.77 27.09
CA THR A 160 -7.38 37.84 26.51
C THR A 160 -7.78 38.26 25.10
N MET A 161 -8.17 37.29 24.31
CA MET A 161 -8.69 37.53 22.97
C MET A 161 -9.63 36.38 22.62
N PRO A 162 -10.94 36.58 22.73
CA PRO A 162 -11.88 35.52 22.40
C PRO A 162 -12.07 35.36 20.90
N ASN A 163 -12.36 34.12 20.51
CA ASN A 163 -12.74 33.77 19.13
C ASN A 163 -14.26 33.65 19.09
N ASN A 164 -14.92 34.71 18.64
CA ASN A 164 -16.37 34.74 18.50
C ASN A 164 -16.82 34.54 17.07
N GLY A 165 -15.91 34.26 16.16
CA GLY A 165 -16.24 34.05 14.76
C GLY A 165 -16.67 32.62 14.52
N LYS A 166 -16.76 32.27 13.23
CA LYS A 166 -17.14 30.93 12.83
C LYS A 166 -16.00 30.15 12.19
N PHE A 167 -14.77 30.63 12.32
CA PHE A 167 -13.61 29.94 11.76
C PHE A 167 -12.51 29.83 12.81
N ASP A 168 -11.58 28.91 12.56
CA ASP A 168 -10.42 28.72 13.42
C ASP A 168 -9.41 29.83 13.23
N LYS A 169 -8.68 30.15 14.29
CA LYS A 169 -7.65 31.17 14.29
C LYS A 169 -6.29 30.55 14.56
N LEU A 170 -5.31 30.89 13.73
CA LEU A 170 -3.93 30.49 13.95
C LEU A 170 -3.15 31.68 14.48
N TYR A 171 -2.65 31.57 15.72
CA TYR A 171 -1.83 32.59 16.33
C TYR A 171 -0.36 32.18 16.32
N ILE A 172 0.49 33.05 15.78
CA ILE A 172 1.92 32.86 15.78
C ILE A 172 2.53 33.83 16.79
N TRP A 173 3.30 33.30 17.73
CA TRP A 173 3.93 34.11 18.75
C TRP A 173 5.30 33.53 19.05
N GLY A 174 6.02 34.17 19.96
CA GLY A 174 7.40 33.78 20.15
C GLY A 174 7.91 34.18 21.52
N ILE A 175 9.15 33.78 21.78
CA ILE A 175 9.82 34.13 23.02
C ILE A 175 11.24 34.56 22.72
N HIS A 176 11.67 35.65 23.36
CA HIS A 176 12.98 36.24 23.14
C HIS A 176 14.00 35.61 24.08
N HIS A 177 15.11 35.13 23.51
CA HIS A 177 16.23 34.59 24.28
C HIS A 177 17.37 35.60 24.22
N PRO A 178 17.52 36.49 25.21
CA PRO A 178 18.63 37.44 25.17
C PRO A 178 19.95 36.73 25.34
N SER A 179 21.00 37.35 24.80
CA SER A 179 22.32 36.73 24.86
C SER A 179 23.03 37.01 26.17
N THR A 180 22.74 38.14 26.82
CA THR A 180 23.36 38.48 28.09
C THR A 180 22.31 38.86 29.12
N ASP A 181 22.76 38.87 30.38
CA ASP A 181 21.91 39.30 31.48
C ASP A 181 21.57 40.78 31.39
N LYS A 182 22.52 41.58 30.89
CA LYS A 182 22.24 43.00 30.67
C LYS A 182 21.06 43.20 29.74
N GLU A 183 21.02 42.50 28.61
CA GLU A 183 19.85 42.57 27.73
C GLU A 183 18.60 42.13 28.45
N GLN A 184 18.68 41.02 29.19
CA GLN A 184 17.49 40.49 29.86
C GLN A 184 16.91 41.53 30.80
N THR A 185 17.74 42.15 31.64
CA THR A 185 17.21 43.09 32.62
C THR A 185 16.82 44.42 31.98
N ASN A 186 17.57 44.90 31.00
CA ASN A 186 17.23 46.15 30.32
C ASN A 186 15.86 46.07 29.67
N LEU A 187 15.58 44.98 28.95
CA LEU A 187 14.29 44.87 28.26
C LEU A 187 13.16 44.44 29.21
N TYR A 188 13.42 43.49 30.08
CA TYR A 188 12.45 42.92 31.00
C TYR A 188 13.03 43.00 32.39
N ILE A 189 12.34 43.63 33.33
CA ILE A 189 13.00 43.97 34.59
C ILE A 189 13.61 42.73 35.23
N ARG A 190 12.90 41.60 35.17
CA ARG A 190 13.36 40.42 35.87
C ARG A 190 14.52 39.76 35.11
N ALA A 191 15.30 38.98 35.86
CA ALA A 191 16.41 38.25 35.29
C ALA A 191 15.94 37.06 34.48
N SER A 192 14.66 36.73 34.56
CA SER A 192 14.07 35.66 33.77
C SER A 192 12.58 35.95 33.63
N GLY A 193 12.00 35.53 32.51
CA GLY A 193 10.60 35.73 32.25
C GLY A 193 9.93 34.39 32.01
N ARG A 194 8.60 34.40 32.01
CA ARG A 194 7.84 33.18 31.78
C ARG A 194 6.63 33.56 30.94
N VAL A 195 6.22 32.67 30.05
CA VAL A 195 5.06 32.89 29.19
C VAL A 195 4.19 31.65 29.23
N THR A 196 2.91 31.84 29.51
CA THR A 196 1.91 30.78 29.38
C THR A 196 0.81 31.27 28.46
N VAL A 197 0.61 30.57 27.35
CA VAL A 197 -0.46 30.83 26.41
C VAL A 197 -1.43 29.67 26.50
N SER A 198 -2.70 29.98 26.78
CA SER A 198 -3.65 28.92 27.10
C SER A 198 -4.98 29.18 26.40
N THR A 199 -5.75 28.09 26.27
CA THR A 199 -7.13 28.11 25.83
C THR A 199 -7.96 27.30 26.82
N LYS A 200 -9.22 27.02 26.49
CA LYS A 200 -10.00 26.14 27.35
C LYS A 200 -9.43 24.73 27.40
N ARG A 201 -8.75 24.30 26.36
CA ARG A 201 -8.32 22.92 26.24
C ARG A 201 -6.81 22.74 26.17
N SER A 202 -6.02 23.81 26.19
CA SER A 202 -4.59 23.67 26.02
C SER A 202 -3.86 24.76 26.80
N GLN A 203 -2.61 24.50 27.10
CA GLN A 203 -1.73 25.47 27.73
C GLN A 203 -0.30 25.18 27.30
N GLN A 204 0.46 26.23 27.01
CA GLN A 204 1.86 26.12 26.62
C GLN A 204 2.67 27.10 27.46
N THR A 205 3.66 26.59 28.18
CA THR A 205 4.55 27.41 28.99
C THR A 205 5.96 27.28 28.43
N VAL A 206 6.65 28.41 28.28
CA VAL A 206 8.00 28.38 27.72
C VAL A 206 8.89 29.35 28.50
N ILE A 207 10.13 28.92 28.73
CA ILE A 207 11.13 29.62 29.52
C ILE A 207 12.24 30.10 28.59
N PRO A 208 12.58 31.37 28.58
CA PRO A 208 13.77 31.83 27.85
C PRO A 208 15.05 31.25 28.46
N ASN A 209 16.06 31.07 27.61
CA ASN A 209 17.37 30.59 27.99
C ASN A 209 18.38 31.69 27.65
N ILE A 210 18.71 32.52 28.65
CA ILE A 210 19.69 33.58 28.42
C ILE A 210 21.06 32.96 28.20
N GLY A 211 21.80 33.47 27.24
CA GLY A 211 23.12 32.94 26.94
C GLY A 211 23.46 33.14 25.48
N SER A 212 24.75 32.95 25.19
CA SER A 212 25.26 33.13 23.83
C SER A 212 24.88 31.95 22.96
N ARG A 213 24.35 32.25 21.76
CA ARG A 213 24.11 31.30 20.70
C ARG A 213 25.08 31.64 19.58
N PRO A 214 25.39 30.71 18.68
CA PRO A 214 26.33 31.03 17.61
C PRO A 214 25.93 32.28 16.83
N TRP A 215 26.94 33.03 16.39
CA TRP A 215 26.72 34.29 15.68
C TRP A 215 25.92 34.07 14.42
N VAL A 216 24.78 34.75 14.32
CA VAL A 216 23.95 34.71 13.12
C VAL A 216 23.53 36.14 12.80
N ARG A 217 23.98 36.65 11.66
CA ARG A 217 23.63 38.00 11.20
C ARG A 217 23.84 39.04 12.31
N GLY A 218 25.02 39.00 12.92
CA GLY A 218 25.45 40.01 13.86
C GLY A 218 24.93 39.88 15.26
N LEU A 219 24.17 38.84 15.59
CA LEU A 219 23.62 38.68 16.93
C LEU A 219 23.80 37.25 17.41
N SER A 220 23.81 37.12 18.73
CA SER A 220 23.82 35.83 19.41
C SER A 220 22.54 35.58 20.20
N SER A 221 21.56 36.46 20.09
CA SER A 221 20.25 36.22 20.68
C SER A 221 19.38 35.43 19.71
N ARG A 222 18.24 34.93 20.21
CA ARG A 222 17.32 34.13 19.41
C ARG A 222 15.88 34.43 19.79
N ILE A 223 14.99 34.14 18.85
CA ILE A 223 13.55 34.09 19.05
C ILE A 223 13.08 32.68 18.74
N SER A 224 12.28 32.11 19.63
CA SER A 224 11.67 30.80 19.41
C SER A 224 10.20 31.01 19.05
N ILE A 225 9.78 30.44 17.93
CA ILE A 225 8.45 30.64 17.39
C ILE A 225 7.56 29.48 17.84
N TYR A 226 6.36 29.81 18.30
CA TYR A 226 5.35 28.84 18.69
C TYR A 226 4.03 29.26 18.07
N TRP A 227 3.05 28.35 18.08
CA TRP A 227 1.76 28.68 17.51
C TRP A 227 0.66 28.05 18.34
N THR A 228 -0.53 28.63 18.21
CA THR A 228 -1.71 28.21 18.95
C THR A 228 -2.91 28.38 18.04
N ILE A 229 -3.75 27.36 17.96
CA ILE A 229 -5.00 27.41 17.22
C ILE A 229 -6.14 27.57 18.20
N VAL A 230 -7.02 28.54 17.96
CA VAL A 230 -8.14 28.84 18.85
C VAL A 230 -9.42 28.57 18.07
N LYS A 231 -10.20 27.59 18.53
CA LYS A 231 -11.44 27.22 17.88
C LYS A 231 -12.52 28.26 18.15
N PRO A 232 -13.57 28.29 17.33
CA PRO A 232 -14.72 29.15 17.67
C PRO A 232 -15.28 28.79 19.03
N GLY A 233 -15.61 29.82 19.81
CA GLY A 233 -16.07 29.62 21.17
C GLY A 233 -14.97 29.46 22.19
N ASP A 234 -13.72 29.30 21.76
CA ASP A 234 -12.60 29.23 22.69
C ASP A 234 -12.03 30.63 22.90
N ILE A 235 -11.03 30.73 23.78
CA ILE A 235 -10.47 32.02 24.20
C ILE A 235 -8.97 31.88 24.30
N LEU A 236 -8.24 32.86 23.73
CA LEU A 236 -6.80 32.95 23.91
C LEU A 236 -6.52 33.73 25.20
N LEU A 237 -5.64 33.19 26.03
CA LEU A 237 -5.22 33.87 27.25
C LEU A 237 -3.70 33.84 27.31
N ILE A 238 -3.09 35.02 27.39
CA ILE A 238 -1.65 35.18 27.38
C ILE A 238 -1.24 35.73 28.74
N ASN A 239 -0.30 35.05 29.38
CA ASN A 239 0.25 35.48 30.65
C ASN A 239 1.76 35.57 30.46
N SER A 240 2.33 36.71 30.82
CA SER A 240 3.75 36.93 30.58
C SER A 240 4.36 37.77 31.68
N THR A 241 5.61 37.44 32.00
CA THR A 241 6.42 38.24 32.90
C THR A 241 7.71 38.68 32.21
N GLY A 242 7.76 38.59 30.90
CA GLY A 242 8.91 39.03 30.13
C GLY A 242 9.16 38.10 28.97
N ASN A 243 9.92 38.59 28.00
CA ASN A 243 10.44 37.84 26.86
C ASN A 243 9.36 37.43 25.86
N LEU A 244 8.13 37.92 26.00
CA LEU A 244 7.06 37.54 25.09
C LEU A 244 7.19 38.31 23.78
N ILE A 245 7.23 37.58 22.67
CA ILE A 245 7.07 38.15 21.34
C ILE A 245 5.63 37.91 20.97
N ALA A 246 4.81 38.94 21.05
CA ALA A 246 3.37 38.86 21.03
C ALA A 246 2.85 38.75 19.60
N PRO A 247 1.69 38.12 19.41
CA PRO A 247 1.02 38.18 18.11
C PRO A 247 0.32 39.52 17.92
N ARG A 248 0.26 39.96 16.65
CA ARG A 248 -0.50 41.15 16.29
C ARG A 248 -1.90 40.81 15.79
N GLY A 249 -2.26 39.54 15.85
CA GLY A 249 -3.51 39.05 15.30
C GLY A 249 -3.38 37.59 14.98
N TYR A 250 -4.26 37.12 14.10
CA TYR A 250 -4.27 35.72 13.70
C TYR A 250 -4.29 35.61 12.19
N PHE A 251 -3.77 34.49 11.71
CA PHE A 251 -3.90 34.09 10.31
C PHE A 251 -5.18 33.28 10.14
N LYS A 252 -5.90 33.55 9.06
CA LYS A 252 -7.01 32.69 8.68
C LYS A 252 -6.46 31.33 8.33
N ILE A 253 -7.09 30.30 8.87
CA ILE A 253 -6.69 28.93 8.56
C ILE A 253 -7.88 28.26 7.87
N ARG A 254 -7.67 27.89 6.61
CA ARG A 254 -8.69 27.31 5.77
C ARG A 254 -8.33 25.85 5.48
N THR A 255 -9.31 25.12 4.99
CA THR A 255 -9.14 23.73 4.57
C THR A 255 -9.31 23.67 3.06
N GLY A 256 -8.30 23.19 2.36
CA GLY A 256 -8.35 23.14 0.92
C GLY A 256 -7.26 22.26 0.33
N LYS A 257 -7.03 22.44 -0.97
CA LYS A 257 -6.15 21.59 -1.75
C LYS A 257 -4.77 22.20 -1.97
N SER A 258 -4.38 23.15 -1.13
CA SER A 258 -3.12 23.85 -1.32
C SER A 258 -1.97 23.05 -0.73
N SER A 259 -0.78 23.31 -1.24
CA SER A 259 0.41 22.63 -0.77
C SER A 259 1.64 23.47 -1.09
N ILE A 260 2.82 22.92 -0.79
CA ILE A 260 4.09 23.59 -1.02
C ILE A 260 5.04 22.60 -1.66
N MET A 261 5.94 23.12 -2.51
CA MET A 261 6.90 22.30 -3.25
C MET A 261 8.24 23.01 -3.35
N ARG A 262 9.33 22.25 -3.16
CA ARG A 262 10.70 22.74 -3.36
C ARG A 262 11.10 22.48 -4.80
N SER A 263 11.47 23.55 -5.52
CA SER A 263 11.82 23.43 -6.92
C SER A 263 12.56 24.68 -7.37
N ASP A 264 13.50 24.48 -8.29
CA ASP A 264 14.16 25.60 -8.95
C ASP A 264 13.70 25.77 -10.39
N ALA A 265 12.62 25.11 -10.78
CA ALA A 265 12.11 25.23 -12.14
C ALA A 265 11.46 26.60 -12.35
N PRO A 266 11.67 27.22 -13.50
CA PRO A 266 11.02 28.51 -13.78
C PRO A 266 9.50 28.35 -13.92
N ILE A 267 8.78 29.41 -13.51
CA ILE A 267 7.32 29.46 -13.58
C ILE A 267 6.92 29.93 -14.99
N GLY A 268 5.95 29.24 -15.60
CA GLY A 268 5.59 29.55 -16.97
C GLY A 268 4.13 29.90 -17.20
N THR A 269 3.94 30.56 -18.35
CA THR A 269 2.63 30.89 -18.92
C THR A 269 2.28 29.75 -19.85
N CYS A 270 1.57 28.76 -19.32
CA CYS A 270 1.13 27.58 -20.05
C CYS A 270 0.11 26.90 -19.15
N SER A 271 -0.43 25.78 -19.61
CA SER A 271 -1.46 25.09 -18.83
C SER A 271 -1.04 23.63 -18.66
N SER A 272 -1.08 23.17 -17.42
CA SER A 272 -0.72 21.79 -17.10
C SER A 272 -1.26 21.49 -15.71
N GLU A 273 -1.99 20.39 -15.59
CA GLU A 273 -2.58 20.05 -14.33
C GLU A 273 -1.62 19.39 -13.36
N CYS A 274 -0.64 18.68 -13.88
CA CYS A 274 0.31 17.99 -13.02
C CYS A 274 1.61 18.78 -12.94
N ILE A 275 2.07 19.04 -11.72
CA ILE A 275 3.31 19.76 -11.46
C ILE A 275 4.24 18.85 -10.69
N THR A 276 5.51 18.84 -11.09
CA THR A 276 6.59 18.17 -10.38
C THR A 276 7.72 19.17 -10.16
N PRO A 277 8.64 18.88 -9.24
CA PRO A 277 9.80 19.76 -9.07
C PRO A 277 10.63 19.92 -10.34
N ASN A 278 10.56 18.96 -11.26
CA ASN A 278 11.25 19.09 -12.54
C ASN A 278 10.49 19.99 -13.50
N GLY A 279 9.29 20.40 -13.15
CA GLY A 279 8.39 21.09 -14.06
C GLY A 279 7.09 20.34 -14.22
N SER A 280 6.17 20.98 -14.95
CA SER A 280 4.90 20.35 -15.25
C SER A 280 5.10 19.20 -16.22
N ILE A 281 4.27 18.17 -16.07
CA ILE A 281 4.29 17.04 -16.99
C ILE A 281 2.87 16.79 -17.48
N PRO A 282 2.70 16.27 -18.70
CA PRO A 282 1.36 15.87 -19.13
C PRO A 282 0.84 14.71 -18.30
N ASN A 283 -0.48 14.62 -18.18
CA ASN A 283 -1.08 13.53 -17.42
C ASN A 283 -1.97 12.65 -18.28
N ASP A 284 -1.66 12.54 -19.59
CA ASP A 284 -2.43 11.65 -20.46
C ASP A 284 -2.15 10.19 -20.13
N LYS A 285 -0.89 9.86 -19.87
CA LYS A 285 -0.47 8.50 -19.57
C LYS A 285 -0.80 8.14 -18.12
N PRO A 286 -0.99 6.85 -17.83
CA PRO A 286 -1.37 6.46 -16.47
C PRO A 286 -0.23 6.47 -15.46
N PHE A 287 1.03 6.42 -15.91
CA PHE A 287 2.17 6.34 -15.01
C PHE A 287 3.21 7.38 -15.40
N GLN A 288 4.13 7.65 -14.47
CA GLN A 288 5.20 8.60 -14.72
C GLN A 288 6.44 8.21 -13.94
N ASN A 289 7.59 8.59 -14.50
CA ASN A 289 8.89 8.29 -13.94
C ASN A 289 9.65 9.57 -13.58
N VAL A 290 8.98 10.72 -13.66
CA VAL A 290 9.68 12.00 -13.57
C VAL A 290 10.08 12.28 -12.13
N ASN A 291 9.13 12.18 -11.20
CA ASN A 291 9.40 12.55 -9.82
C ASN A 291 8.29 11.98 -8.95
N LYS A 292 8.66 11.40 -7.81
CA LYS A 292 7.63 10.95 -6.89
C LYS A 292 6.92 12.10 -6.20
N ILE A 293 7.49 13.31 -6.24
CA ILE A 293 6.86 14.50 -5.69
C ILE A 293 5.99 15.15 -6.75
N THR A 294 4.69 15.21 -6.50
CA THR A 294 3.75 15.73 -7.48
C THR A 294 2.70 16.63 -6.81
N TYR A 295 2.08 17.47 -7.64
CA TYR A 295 0.91 18.25 -7.22
C TYR A 295 -0.07 18.30 -8.38
N GLY A 296 -1.36 18.10 -8.09
CA GLY A 296 -2.41 18.12 -9.09
C GLY A 296 -2.81 16.72 -9.51
N ALA A 297 -3.56 16.65 -10.61
CA ALA A 297 -4.00 15.37 -11.17
C ALA A 297 -2.84 14.74 -11.93
N CYS A 298 -2.22 13.71 -11.35
CA CYS A 298 -0.94 13.24 -11.85
C CYS A 298 -0.95 11.74 -12.14
N PRO A 299 -0.20 11.31 -13.15
CA PRO A 299 0.04 9.88 -13.32
C PRO A 299 0.76 9.32 -12.11
N ARG A 300 0.53 8.05 -11.81
CA ARG A 300 1.11 7.45 -10.63
C ARG A 300 2.58 7.16 -10.87
N TYR A 301 3.41 7.41 -9.86
CA TYR A 301 4.84 7.21 -10.00
C TYR A 301 5.19 5.73 -9.94
N VAL A 302 6.04 5.30 -10.88
CA VAL A 302 6.53 3.93 -10.93
C VAL A 302 8.04 3.93 -11.16
N LYS A 303 8.66 2.80 -10.84
CA LYS A 303 10.10 2.66 -11.01
C LYS A 303 10.49 2.47 -12.47
N GLN A 304 9.63 1.86 -13.27
CA GLN A 304 9.95 1.64 -14.68
C GLN A 304 10.09 2.97 -15.42
N ASN A 305 11.04 3.04 -16.35
CA ASN A 305 11.15 4.21 -17.21
C ASN A 305 10.40 4.06 -18.52
N THR A 306 9.93 2.85 -18.83
CA THR A 306 9.11 2.62 -20.01
C THR A 306 8.25 1.39 -19.79
N LEU A 307 7.01 1.47 -20.24
CA LEU A 307 6.09 0.34 -20.28
C LEU A 307 5.29 0.49 -21.55
N LYS A 308 5.52 -0.40 -22.52
CA LYS A 308 4.88 -0.29 -23.82
C LYS A 308 3.67 -1.21 -23.86
N LEU A 309 2.51 -0.62 -24.18
CA LEU A 309 1.24 -1.33 -24.31
C LEU A 309 1.01 -1.58 -25.80
N ALA A 310 0.82 -2.84 -26.15
CA ALA A 310 0.59 -3.21 -27.54
C ALA A 310 -0.72 -2.61 -28.02
N THR A 311 -0.68 -1.98 -29.20
CA THR A 311 -1.88 -1.47 -29.86
C THR A 311 -2.07 -2.11 -31.23
N GLY A 312 -1.44 -3.25 -31.47
CA GLY A 312 -1.59 -3.98 -32.71
C GLY A 312 -1.22 -5.43 -32.47
N MET A 313 -1.37 -6.24 -33.53
CA MET A 313 -1.14 -7.68 -33.46
C MET A 313 0.35 -8.00 -33.50
N ARG A 314 0.66 -9.27 -33.28
CA ARG A 314 2.03 -9.75 -33.43
C ARG A 314 2.51 -9.43 -34.85
N ASN A 315 3.77 -8.99 -34.96
CA ASN A 315 4.37 -8.61 -36.23
C ASN A 315 5.19 -9.77 -36.77
N VAL A 316 4.81 -10.27 -37.93
CA VAL A 316 5.42 -11.45 -38.51
C VAL A 316 5.92 -11.13 -39.92
N PRO A 317 6.99 -10.34 -40.07
CA PRO A 317 7.51 -9.97 -41.40
C PRO A 317 7.76 -11.19 -42.30
N ALA A 327 3.62 -16.57 -56.38
CA ALA A 327 2.37 -17.06 -55.83
C ALA A 327 2.01 -16.37 -54.51
N ILE A 328 0.79 -16.64 -54.01
CA ILE A 328 0.30 -16.07 -52.77
C ILE A 328 0.20 -17.16 -51.70
N ALA A 329 0.25 -16.72 -50.44
CA ALA A 329 0.16 -17.58 -49.27
C ALA A 329 -0.64 -16.84 -48.20
N GLY A 330 -1.13 -17.58 -47.21
CA GLY A 330 -2.01 -17.04 -46.21
C GLY A 330 -1.31 -16.75 -44.89
N PHE A 331 -2.11 -16.61 -43.83
CA PHE A 331 -1.57 -16.15 -42.55
C PHE A 331 -0.77 -17.23 -41.81
N ILE A 332 -0.94 -18.51 -42.16
CA ILE A 332 -0.22 -19.58 -41.46
C ILE A 332 1.28 -19.35 -41.57
N GLU A 333 1.71 -18.86 -42.73
CA GLU A 333 3.13 -18.65 -42.99
C GLU A 333 3.64 -17.29 -42.54
N ASN A 334 2.84 -16.26 -42.80
CA ASN A 334 3.40 -14.90 -42.92
C ASN A 334 2.37 -13.82 -42.55
N GLY A 335 2.88 -12.60 -42.39
CA GLY A 335 2.06 -11.41 -42.41
C GLY A 335 2.27 -10.77 -43.75
N TRP A 336 1.40 -9.84 -44.09
CA TRP A 336 1.42 -9.18 -45.38
C TRP A 336 1.84 -7.74 -45.14
N GLU A 337 3.10 -7.43 -45.41
CA GLU A 337 3.55 -6.06 -45.33
C GLU A 337 2.91 -5.18 -46.39
N GLY A 338 2.50 -5.78 -47.52
CA GLY A 338 1.88 -5.03 -48.59
C GLY A 338 0.45 -4.62 -48.34
N MET A 339 -0.15 -5.10 -47.26
CA MET A 339 -1.51 -4.68 -46.88
C MET A 339 -1.39 -3.49 -45.94
N VAL A 340 -1.75 -2.31 -46.43
CA VAL A 340 -1.60 -1.08 -45.67
C VAL A 340 -2.95 -0.48 -45.26
N ASP A 341 -4.03 -0.85 -45.93
CA ASP A 341 -5.36 -0.27 -45.72
C ASP A 341 -6.24 -1.13 -44.82
N GLY A 342 -5.68 -2.10 -44.12
CA GLY A 342 -6.48 -2.92 -43.23
C GLY A 342 -5.60 -3.82 -42.39
N TRP A 343 -6.20 -4.39 -41.36
CA TRP A 343 -5.49 -5.33 -40.50
C TRP A 343 -5.63 -6.77 -40.98
N TYR A 344 -6.77 -7.12 -41.57
CA TYR A 344 -7.02 -8.44 -42.12
C TYR A 344 -7.59 -8.29 -43.52
N GLY A 345 -7.39 -9.32 -44.35
CA GLY A 345 -7.93 -9.23 -45.69
C GLY A 345 -7.72 -10.50 -46.48
N PHE A 346 -8.00 -10.37 -47.77
CA PHE A 346 -8.00 -11.49 -48.69
C PHE A 346 -6.98 -11.22 -49.80
N ARG A 347 -6.30 -12.29 -50.21
CA ARG A 347 -5.56 -12.31 -51.45
C ARG A 347 -6.08 -13.47 -52.28
N HIS A 348 -6.26 -13.24 -53.57
CA HIS A 348 -6.87 -14.23 -54.43
C HIS A 348 -6.06 -14.36 -55.71
N GLN A 349 -6.24 -15.50 -56.35
CA GLN A 349 -5.69 -15.81 -57.67
C GLN A 349 -6.81 -16.51 -58.43
N ASN A 350 -7.23 -15.94 -59.56
CA ASN A 350 -8.36 -16.49 -60.28
C ASN A 350 -8.14 -16.28 -61.79
N SER A 351 -9.22 -16.44 -62.55
CA SER A 351 -9.16 -16.31 -64.00
C SER A 351 -8.87 -14.90 -64.47
N GLU A 352 -9.14 -13.89 -63.65
CA GLU A 352 -8.94 -12.50 -64.04
C GLU A 352 -7.64 -11.90 -63.51
N GLY A 353 -6.82 -12.69 -62.83
CA GLY A 353 -5.56 -12.23 -62.30
C GLY A 353 -5.46 -12.40 -60.79
N THR A 354 -4.65 -11.55 -60.16
CA THR A 354 -4.39 -11.58 -58.72
C THR A 354 -4.84 -10.27 -58.08
N GLY A 355 -5.17 -10.35 -56.80
CA GLY A 355 -5.64 -9.15 -56.11
C GLY A 355 -5.51 -9.29 -54.62
N GLN A 356 -5.73 -8.15 -53.95
CA GLN A 356 -5.68 -8.05 -52.50
C GLN A 356 -6.79 -7.13 -52.04
N ALA A 357 -7.45 -7.49 -50.95
CA ALA A 357 -8.54 -6.67 -50.43
C ALA A 357 -8.57 -6.76 -48.92
N ALA A 358 -8.70 -5.61 -48.24
CA ALA A 358 -8.81 -5.61 -46.79
C ALA A 358 -10.25 -5.91 -46.38
N ASP A 359 -10.39 -6.60 -45.24
CA ASP A 359 -11.72 -6.86 -44.66
C ASP A 359 -11.96 -5.81 -43.57
N LEU A 360 -12.87 -4.88 -43.84
CA LEU A 360 -13.04 -3.74 -42.94
C LEU A 360 -13.68 -4.17 -41.62
N LYS A 361 -14.66 -5.07 -41.67
CA LYS A 361 -15.39 -5.44 -40.46
C LYS A 361 -14.46 -6.07 -39.42
N SER A 362 -13.66 -7.05 -39.83
CA SER A 362 -12.77 -7.69 -38.87
C SER A 362 -11.67 -6.73 -38.41
N THR A 363 -11.23 -5.82 -39.28
CA THR A 363 -10.25 -4.81 -38.87
C THR A 363 -10.84 -3.90 -37.78
N GLN A 364 -12.08 -3.43 -37.99
CA GLN A 364 -12.70 -2.55 -37.02
C GLN A 364 -13.00 -3.28 -35.72
N ALA A 365 -13.37 -4.55 -35.79
CA ALA A 365 -13.61 -5.31 -34.56
C ALA A 365 -12.37 -5.35 -33.69
N ALA A 366 -11.21 -5.62 -34.30
CA ALA A 366 -9.97 -5.65 -33.55
C ALA A 366 -9.60 -4.26 -33.04
N ILE A 367 -9.71 -3.24 -33.89
CA ILE A 367 -9.34 -1.89 -33.47
C ILE A 367 -10.26 -1.40 -32.36
N ASP A 368 -11.55 -1.72 -32.45
CA ASP A 368 -12.49 -1.30 -31.41
C ASP A 368 -12.16 -1.96 -30.07
N GLN A 369 -11.71 -3.21 -30.09
CA GLN A 369 -11.36 -3.84 -28.83
C GLN A 369 -10.08 -3.24 -28.25
N ILE A 370 -9.12 -2.91 -29.11
CA ILE A 370 -7.87 -2.33 -28.63
C ILE A 370 -8.09 -0.91 -28.13
N ASN A 371 -8.88 -0.11 -28.86
CA ASN A 371 -9.24 1.21 -28.37
C ASN A 371 -10.08 1.12 -27.10
N GLY A 372 -10.88 0.05 -26.97
CA GLY A 372 -11.66 -0.13 -25.75
C GLY A 372 -10.80 -0.33 -24.53
N LYS A 373 -9.78 -1.19 -24.64
CA LYS A 373 -8.90 -1.40 -23.51
C LYS A 373 -8.01 -0.19 -23.26
N LEU A 374 -7.69 0.56 -24.33
CA LEU A 374 -6.95 1.81 -24.16
C LEU A 374 -7.68 2.77 -23.24
N ASN A 375 -9.01 2.86 -23.36
CA ASN A 375 -9.75 3.78 -22.50
C ASN A 375 -9.68 3.33 -21.05
N ARG A 376 -9.88 2.03 -20.80
CA ARG A 376 -9.85 1.53 -19.43
C ARG A 376 -8.47 1.71 -18.81
N VAL A 377 -7.41 1.53 -19.60
CA VAL A 377 -6.06 1.71 -19.07
C VAL A 377 -5.75 3.20 -18.87
N ILE A 378 -6.32 4.07 -19.69
CA ILE A 378 -5.93 5.48 -19.68
C ILE A 378 -6.89 6.38 -18.87
N GLU A 379 -8.13 5.95 -18.61
CA GLU A 379 -9.11 6.83 -17.99
C GLU A 379 -9.24 6.70 -16.46
N LYS A 380 -8.89 5.55 -15.87
CA LYS A 380 -9.01 5.34 -14.42
C LYS A 380 -7.70 5.63 -13.68
N THR A 381 -7.15 6.84 -13.84
CA THR A 381 -5.69 6.86 -13.68
C THR A 381 -5.17 7.78 -12.58
N ASN A 382 -5.65 9.01 -12.49
CA ASN A 382 -4.92 10.04 -11.75
C ASN A 382 -5.16 9.95 -10.24
N GLU A 383 -4.06 10.08 -9.49
CA GLU A 383 -4.13 10.38 -8.07
C GLU A 383 -4.58 11.82 -7.88
N LYS A 384 -5.51 12.02 -6.93
CA LYS A 384 -6.13 13.33 -6.71
C LYS A 384 -6.26 13.62 -5.22
N PHE A 385 -5.18 13.43 -4.45
CA PHE A 385 -5.21 13.79 -3.03
C PHE A 385 -3.86 14.36 -2.60
N HIS A 386 -3.80 14.69 -1.30
CA HIS A 386 -2.68 15.41 -0.69
C HIS A 386 -1.47 14.50 -0.50
N GLN A 387 -0.29 15.11 -0.48
CA GLN A 387 0.97 14.40 -0.50
C GLN A 387 1.82 14.79 0.71
N ILE A 388 2.35 13.78 1.41
CA ILE A 388 3.37 13.99 2.44
C ILE A 388 4.68 14.41 1.80
N GLU A 389 5.63 14.84 2.61
CA GLU A 389 6.99 15.11 2.15
C GLU A 389 7.70 13.81 1.79
N LYS A 390 8.51 13.87 0.73
CA LYS A 390 9.18 12.69 0.23
C LYS A 390 10.68 12.88 0.05
N GLU A 391 11.20 14.07 0.32
CA GLU A 391 12.64 14.31 0.37
C GLU A 391 12.95 15.06 1.66
N PHE A 392 14.10 14.76 2.25
CA PHE A 392 14.45 15.28 3.57
C PHE A 392 15.87 15.83 3.58
N SER A 393 16.02 17.04 4.11
CA SER A 393 17.32 17.69 4.20
C SER A 393 18.09 17.24 5.43
N GLU A 394 17.40 16.88 6.52
CA GLU A 394 18.05 16.49 7.76
C GLU A 394 17.77 15.04 8.11
N VAL A 395 18.72 14.44 8.84
CA VAL A 395 18.59 13.10 9.39
C VAL A 395 17.77 13.21 10.68
N GLU A 396 16.65 12.47 10.76
CA GLU A 396 15.68 12.70 11.83
C GLU A 396 15.14 11.50 12.60
N GLY A 397 15.29 10.27 12.11
CA GLY A 397 14.79 9.15 12.88
C GLY A 397 13.38 8.63 12.60
N ARG A 398 12.65 8.27 13.67
CA ARG A 398 11.53 7.33 13.57
C ARG A 398 10.47 7.75 12.55
N ILE A 399 9.95 8.98 12.65
CA ILE A 399 8.83 9.36 11.79
C ILE A 399 9.27 9.50 10.35
N GLN A 400 10.50 9.96 10.12
CA GLN A 400 10.99 10.06 8.75
C GLN A 400 11.18 8.68 8.13
N ASP A 401 11.65 7.70 8.92
CA ASP A 401 11.77 6.34 8.42
C ASP A 401 10.42 5.82 7.96
N LEU A 402 9.38 6.07 8.75
CA LEU A 402 8.05 5.60 8.39
C LEU A 402 7.55 6.30 7.13
N GLU A 403 7.82 7.60 6.99
CA GLU A 403 7.44 8.30 5.77
C GLU A 403 8.13 7.71 4.54
N LYS A 404 9.43 7.40 4.67
CA LYS A 404 10.15 6.78 3.56
C LYS A 404 9.64 5.37 3.26
N TYR A 405 9.37 4.59 4.30
CA TYR A 405 8.90 3.23 4.12
C TYR A 405 7.53 3.18 3.45
N VAL A 406 6.61 4.06 3.86
CA VAL A 406 5.29 4.12 3.23
C VAL A 406 5.42 4.44 1.76
N GLU A 407 6.23 5.44 1.43
CA GLU A 407 6.36 5.83 0.04
C GLU A 407 7.03 4.73 -0.79
N ASP A 408 8.02 4.04 -0.21
CA ASP A 408 8.67 2.94 -0.92
C ASP A 408 7.73 1.77 -1.13
N THR A 409 6.98 1.41 -0.09
CA THR A 409 5.97 0.37 -0.22
C THR A 409 4.97 0.70 -1.32
N LYS A 410 4.49 1.95 -1.34
CA LYS A 410 3.52 2.37 -2.34
C LYS A 410 4.08 2.25 -3.75
N ILE A 411 5.30 2.73 -3.96
CA ILE A 411 5.86 2.74 -5.30
C ILE A 411 6.08 1.31 -5.82
N ASP A 412 6.52 0.40 -4.94
CA ASP A 412 6.69 -0.99 -5.37
C ASP A 412 5.37 -1.63 -5.76
N LEU A 413 4.31 -1.35 -4.99
CA LEU A 413 3.00 -1.91 -5.31
C LEU A 413 2.48 -1.37 -6.64
N TRP A 414 2.61 -0.05 -6.86
CA TRP A 414 2.15 0.50 -8.13
C TRP A 414 3.07 0.10 -9.27
N SER A 415 4.36 -0.09 -9.00
CA SER A 415 5.25 -0.62 -10.03
C SER A 415 4.86 -2.04 -10.42
N TYR A 416 4.53 -2.87 -9.42
CA TYR A 416 4.05 -4.22 -9.71
C TYR A 416 2.74 -4.17 -10.50
N ASN A 417 1.75 -3.37 -10.04
CA ASN A 417 0.49 -3.27 -10.75
C ASN A 417 0.71 -2.88 -12.21
N ALA A 418 1.60 -1.92 -12.46
CA ALA A 418 1.83 -1.46 -13.81
C ALA A 418 2.44 -2.56 -14.67
N GLU A 419 3.39 -3.33 -14.12
CA GLU A 419 4.02 -4.43 -14.86
C GLU A 419 3.00 -5.52 -15.19
N LEU A 420 2.22 -5.95 -14.20
CA LEU A 420 1.23 -6.99 -14.42
C LEU A 420 0.15 -6.54 -15.40
N LEU A 421 -0.30 -5.29 -15.28
CA LEU A 421 -1.35 -4.80 -16.18
C LEU A 421 -0.91 -4.86 -17.63
N VAL A 422 0.31 -4.38 -17.91
CA VAL A 422 0.79 -4.36 -19.29
C VAL A 422 0.99 -5.77 -19.83
N ALA A 423 1.50 -6.68 -18.99
CA ALA A 423 1.70 -8.04 -19.43
C ALA A 423 0.36 -8.72 -19.73
N LEU A 424 -0.65 -8.52 -18.88
CA LEU A 424 -1.97 -9.09 -19.11
C LEU A 424 -2.63 -8.46 -20.33
N GLU A 425 -2.58 -7.13 -20.42
CA GLU A 425 -3.23 -6.47 -21.55
C GLU A 425 -2.61 -6.88 -22.87
N ASN A 426 -1.27 -6.99 -22.91
CA ASN A 426 -0.59 -7.37 -24.14
C ASN A 426 -0.89 -8.82 -24.53
N GLN A 427 -0.90 -9.73 -23.55
CA GLN A 427 -1.28 -11.11 -23.83
C GLN A 427 -2.68 -11.18 -24.43
N HIS A 428 -3.61 -10.40 -23.87
CA HIS A 428 -4.98 -10.41 -24.38
C HIS A 428 -5.05 -9.78 -25.76
N THR A 429 -4.27 -8.72 -25.99
CA THR A 429 -4.25 -8.09 -27.32
C THR A 429 -3.71 -9.06 -28.37
N ILE A 430 -2.62 -9.76 -28.05
CA ILE A 430 -2.12 -10.80 -28.94
C ILE A 430 -3.20 -11.85 -29.19
N ASP A 431 -3.84 -12.31 -28.12
CA ASP A 431 -4.84 -13.39 -28.24
C ASP A 431 -6.06 -12.94 -29.04
N LEU A 432 -6.57 -11.74 -28.79
CA LEU A 432 -7.78 -11.31 -29.48
C LEU A 432 -7.52 -11.05 -30.96
N THR A 433 -6.32 -10.56 -31.31
CA THR A 433 -6.02 -10.32 -32.71
C THR A 433 -5.80 -11.64 -33.47
N ASP A 434 -5.20 -12.65 -32.81
CA ASP A 434 -5.11 -13.98 -33.42
C ASP A 434 -6.51 -14.56 -33.64
N SER A 435 -7.41 -14.34 -32.69
CA SER A 435 -8.76 -14.88 -32.80
C SER A 435 -9.52 -14.26 -33.97
N GLU A 436 -9.38 -12.95 -34.19
CA GLU A 436 -10.08 -12.33 -35.32
C GLU A 436 -9.62 -12.96 -36.63
N MET A 437 -8.34 -13.28 -36.75
CA MET A 437 -7.84 -13.91 -37.98
C MET A 437 -8.49 -15.27 -38.18
N ASN A 438 -8.54 -16.08 -37.12
CA ASN A 438 -9.16 -17.39 -37.23
C ASN A 438 -10.67 -17.27 -37.52
N LYS A 439 -11.33 -16.29 -36.91
CA LYS A 439 -12.78 -16.15 -37.15
C LYS A 439 -13.07 -15.80 -38.59
N LEU A 440 -12.25 -14.93 -39.19
CA LEU A 440 -12.42 -14.60 -40.59
C LEU A 440 -12.19 -15.82 -41.48
N PHE A 441 -11.19 -16.63 -41.12
CA PHE A 441 -10.93 -17.84 -41.90
C PHE A 441 -12.09 -18.82 -41.78
N GLU A 442 -12.60 -19.03 -40.57
CA GLU A 442 -13.73 -19.94 -40.39
C GLU A 442 -14.98 -19.43 -41.09
N LYS A 443 -15.22 -18.13 -41.02
CA LYS A 443 -16.35 -17.54 -41.73
C LYS A 443 -16.26 -17.84 -43.23
N THR A 444 -15.07 -17.70 -43.81
CA THR A 444 -14.90 -18.00 -45.23
C THR A 444 -15.09 -19.48 -45.51
N ARG A 445 -14.62 -20.34 -44.59
CA ARG A 445 -14.73 -21.77 -44.79
C ARG A 445 -16.19 -22.22 -44.77
N LYS A 446 -17.00 -21.63 -43.89
CA LYS A 446 -18.43 -21.99 -43.83
C LYS A 446 -19.17 -21.56 -45.10
N GLN A 447 -18.81 -20.40 -45.67
CA GLN A 447 -19.44 -19.95 -46.90
C GLN A 447 -19.17 -20.91 -48.04
N LEU A 448 -17.92 -21.40 -48.13
CA LEU A 448 -17.52 -22.16 -49.30
C LEU A 448 -18.12 -23.55 -49.33
N ARG A 449 -18.55 -24.07 -48.18
CA ARG A 449 -19.19 -25.38 -48.07
C ARG A 449 -18.35 -26.44 -48.75
N GLU A 450 -18.90 -27.15 -49.73
CA GLU A 450 -18.18 -28.21 -50.39
C GLU A 450 -17.47 -27.74 -51.65
N ASN A 451 -17.39 -26.43 -51.89
CA ASN A 451 -16.80 -25.95 -53.12
C ASN A 451 -15.30 -25.68 -53.01
N ALA A 452 -14.72 -25.89 -51.83
CA ALA A 452 -13.33 -25.55 -51.62
C ALA A 452 -12.72 -26.50 -50.60
N GLU A 453 -11.39 -26.56 -50.59
CA GLU A 453 -10.64 -27.33 -49.62
C GLU A 453 -9.57 -26.46 -48.98
N ASP A 454 -9.32 -26.72 -47.69
CA ASP A 454 -8.30 -26.03 -46.93
C ASP A 454 -6.93 -26.57 -47.31
N MET A 455 -6.07 -25.71 -47.85
CA MET A 455 -4.73 -26.11 -48.26
C MET A 455 -3.73 -26.15 -47.10
N GLY A 456 -4.12 -25.71 -45.90
CA GLY A 456 -3.27 -25.81 -44.73
C GLY A 456 -2.35 -24.64 -44.48
N ASN A 457 -2.30 -23.67 -45.40
CA ASN A 457 -1.43 -22.51 -45.26
C ASN A 457 -2.23 -21.22 -45.12
N GLY A 458 -3.48 -21.30 -44.66
CA GLY A 458 -4.34 -20.14 -44.63
C GLY A 458 -5.04 -19.85 -45.95
N CYS A 459 -5.02 -20.78 -46.89
CA CYS A 459 -5.61 -20.56 -48.21
C CYS A 459 -6.64 -21.64 -48.52
N PHE A 460 -7.63 -21.25 -49.32
CA PHE A 460 -8.59 -22.20 -49.85
C PHE A 460 -8.31 -22.41 -51.33
N LYS A 461 -8.40 -23.66 -51.77
CA LYS A 461 -8.46 -23.98 -53.18
C LYS A 461 -9.94 -24.05 -53.53
N ILE A 462 -10.38 -23.13 -54.39
CA ILE A 462 -11.76 -23.08 -54.83
C ILE A 462 -11.88 -23.86 -56.13
N TYR A 463 -12.71 -24.89 -56.12
CA TYR A 463 -12.74 -25.85 -57.21
C TYR A 463 -13.73 -25.48 -58.31
N HIS A 464 -13.88 -24.20 -58.61
CA HIS A 464 -14.70 -23.77 -59.73
C HIS A 464 -14.13 -22.47 -60.26
N LYS A 465 -14.53 -22.11 -61.48
CA LYS A 465 -14.15 -20.81 -62.02
C LYS A 465 -14.74 -19.72 -61.13
N CYS A 466 -13.90 -18.75 -60.76
CA CYS A 466 -14.24 -17.83 -59.68
C CYS A 466 -13.72 -16.43 -60.05
N ASP A 467 -14.50 -15.71 -60.85
CA ASP A 467 -14.07 -14.41 -61.35
C ASP A 467 -14.09 -13.36 -60.23
N ASN A 468 -13.77 -12.11 -60.60
CA ASN A 468 -13.65 -11.05 -59.60
C ASN A 468 -14.97 -10.83 -58.88
N ALA A 469 -16.09 -10.90 -59.59
CA ALA A 469 -17.39 -10.71 -58.94
C ALA A 469 -17.68 -11.83 -57.95
N CYS A 470 -17.29 -13.06 -58.28
CA CYS A 470 -17.50 -14.17 -57.37
C CYS A 470 -16.64 -14.01 -56.10
N ILE A 471 -15.36 -13.66 -56.28
CA ILE A 471 -14.51 -13.37 -55.11
C ILE A 471 -15.11 -12.27 -54.27
N GLY A 472 -15.65 -11.22 -54.91
CA GLY A 472 -16.27 -10.14 -54.16
C GLY A 472 -17.45 -10.61 -53.32
N SER A 473 -18.25 -11.54 -53.86
CA SER A 473 -19.37 -12.09 -53.10
C SER A 473 -18.87 -12.87 -51.89
N ILE A 474 -17.69 -13.47 -51.98
CA ILE A 474 -17.16 -14.16 -50.81
C ILE A 474 -16.77 -13.15 -49.75
N ARG A 475 -16.11 -12.07 -50.16
CA ARG A 475 -15.71 -11.06 -49.18
C ARG A 475 -16.90 -10.29 -48.63
N ASN A 476 -17.97 -10.15 -49.43
CA ASN A 476 -19.17 -9.46 -49.00
C ASN A 476 -20.08 -10.34 -48.13
N GLY A 477 -19.84 -11.65 -48.09
CA GLY A 477 -20.73 -12.54 -47.40
C GLY A 477 -21.99 -12.92 -48.13
N THR A 478 -22.02 -12.78 -49.47
CA THR A 478 -23.19 -13.10 -50.27
C THR A 478 -22.94 -14.26 -51.24
N TYR A 479 -21.83 -14.99 -51.08
CA TYR A 479 -21.51 -16.12 -51.96
C TYR A 479 -22.57 -17.22 -51.81
N ASP A 480 -23.11 -17.65 -52.95
CA ASP A 480 -24.12 -18.70 -52.97
C ASP A 480 -23.44 -20.00 -53.40
N HIS A 481 -23.20 -20.89 -52.44
CA HIS A 481 -22.45 -22.09 -52.75
C HIS A 481 -23.21 -23.01 -53.69
N ASP A 482 -24.54 -22.95 -53.69
CA ASP A 482 -25.34 -23.83 -54.55
C ASP A 482 -25.13 -23.53 -56.03
N VAL A 483 -24.84 -22.28 -56.38
CA VAL A 483 -24.63 -21.92 -57.78
C VAL A 483 -23.49 -22.72 -58.38
N TYR A 484 -22.46 -22.98 -57.59
CA TYR A 484 -21.22 -23.58 -58.09
C TYR A 484 -21.01 -25.00 -57.61
N ARG A 485 -21.91 -25.56 -56.80
CA ARG A 485 -21.65 -26.84 -56.15
C ARG A 485 -21.46 -27.97 -57.17
N ASP A 486 -22.28 -28.01 -58.22
CA ASP A 486 -22.14 -29.06 -59.23
C ASP A 486 -20.76 -29.02 -59.88
N GLU A 487 -20.36 -27.84 -60.36
CA GLU A 487 -19.03 -27.70 -60.97
C GLU A 487 -17.95 -28.06 -59.97
N ALA A 488 -18.09 -27.62 -58.72
CA ALA A 488 -17.03 -27.84 -57.73
C ALA A 488 -16.91 -29.33 -57.37
N LEU A 489 -18.04 -29.99 -57.11
CA LEU A 489 -17.98 -31.42 -56.79
C LEU A 489 -17.39 -32.23 -57.93
N ASN A 490 -17.60 -31.80 -59.18
CA ASN A 490 -17.05 -32.51 -60.32
C ASN A 490 -15.53 -32.45 -60.32
N ASN A 491 -14.95 -31.30 -59.97
CA ASN A 491 -13.50 -31.16 -59.95
C ASN A 491 -12.88 -31.82 -58.72
N ARG A 492 -13.55 -31.76 -57.58
CA ARG A 492 -12.97 -32.29 -56.34
C ARG A 492 -12.88 -33.81 -56.36
N PHE A 493 -13.98 -34.46 -56.73
CA PHE A 493 -14.15 -35.89 -56.52
C PHE A 493 -14.01 -36.63 -57.86
N GLN A 494 -12.79 -36.63 -58.36
CA GLN A 494 -12.43 -37.45 -59.50
C GLN A 494 -11.57 -38.59 -59.00
N ILE A 495 -11.64 -39.72 -59.71
CA ILE A 495 -10.89 -40.92 -59.32
C ILE A 495 -10.26 -41.57 -60.54
N ASN B 1 -6.94 -55.05 -43.69
CA ASN B 1 -7.64 -53.79 -43.49
C ASN B 1 -7.09 -52.67 -44.37
N SER B 2 -8.01 -51.92 -44.99
CA SER B 2 -7.65 -50.84 -45.91
C SER B 2 -7.64 -49.48 -45.23
N THR B 3 -7.63 -49.43 -43.90
CA THR B 3 -7.60 -48.17 -43.19
C THR B 3 -6.56 -48.24 -42.09
N ALA B 4 -6.33 -47.09 -41.46
CA ALA B 4 -5.44 -46.98 -40.32
C ALA B 4 -6.03 -45.92 -39.40
N THR B 5 -5.62 -45.96 -38.14
CA THR B 5 -6.03 -44.95 -37.17
C THR B 5 -4.80 -44.20 -36.68
N LEU B 6 -4.93 -42.88 -36.60
CA LEU B 6 -3.88 -42.02 -36.06
C LEU B 6 -4.49 -41.17 -34.95
N CYS B 7 -4.03 -41.36 -33.73
CA CYS B 7 -4.55 -40.68 -32.55
C CYS B 7 -3.55 -39.64 -32.07
N LEU B 8 -4.08 -38.49 -31.66
CA LEU B 8 -3.30 -37.42 -31.07
C LEU B 8 -3.52 -37.42 -29.56
N GLY B 9 -2.44 -37.22 -28.81
CA GLY B 9 -2.56 -37.26 -27.37
C GLY B 9 -1.49 -36.44 -26.69
N HIS B 10 -1.62 -36.35 -25.37
CA HIS B 10 -0.65 -35.66 -24.53
C HIS B 10 -0.27 -36.58 -23.39
N HIS B 11 0.77 -36.20 -22.66
CA HIS B 11 1.23 -37.11 -21.63
C HIS B 11 0.45 -36.90 -20.33
N ALA B 12 0.65 -37.83 -19.42
CA ALA B 12 0.09 -37.77 -18.09
C ALA B 12 1.05 -38.47 -17.14
N VAL B 13 0.94 -38.17 -15.87
CA VAL B 13 1.83 -38.73 -14.85
C VAL B 13 1.00 -39.38 -13.76
N PRO B 14 1.55 -40.37 -13.05
CA PRO B 14 0.78 -40.99 -11.96
C PRO B 14 0.76 -40.16 -10.70
N ASN B 15 1.65 -39.19 -10.52
CA ASN B 15 1.76 -38.40 -9.30
C ASN B 15 1.57 -36.91 -9.62
N GLY B 16 0.33 -36.51 -9.87
CA GLY B 16 0.04 -35.12 -10.17
C GLY B 16 0.11 -34.22 -8.94
N THR B 17 0.00 -32.91 -9.19
CA THR B 17 0.02 -31.89 -8.14
C THR B 17 -1.18 -30.97 -8.29
N LEU B 18 -1.82 -30.65 -7.17
CA LEU B 18 -2.97 -29.75 -7.18
C LEU B 18 -2.50 -28.31 -7.17
N VAL B 19 -3.10 -27.49 -8.04
CA VAL B 19 -2.88 -26.05 -8.05
C VAL B 19 -4.22 -25.34 -8.13
N LYS B 20 -4.18 -24.02 -8.01
CA LYS B 20 -5.36 -23.17 -8.06
C LYS B 20 -5.40 -22.37 -9.36
N THR B 21 -6.61 -22.15 -9.88
CA THR B 21 -6.79 -21.30 -11.04
C THR B 21 -7.88 -20.26 -10.82
N ILE B 22 -8.28 -19.57 -11.89
CA ILE B 22 -9.41 -18.68 -11.79
C ILE B 22 -10.69 -19.47 -11.60
N THR B 23 -10.80 -20.63 -12.25
CA THR B 23 -12.05 -21.38 -12.20
C THR B 23 -12.13 -22.19 -10.91
N ASN B 24 -11.27 -23.19 -10.75
CA ASN B 24 -11.39 -24.12 -9.64
C ASN B 24 -10.29 -23.91 -8.60
N ASP B 25 -10.61 -24.30 -7.37
CA ASP B 25 -9.70 -24.23 -6.24
C ASP B 25 -8.64 -25.34 -6.27
N GLN B 26 -8.94 -26.49 -6.90
CA GLN B 26 -8.03 -27.63 -6.94
C GLN B 26 -8.13 -28.30 -8.29
N ILE B 27 -7.09 -28.16 -9.10
CA ILE B 27 -6.97 -28.86 -10.37
C ILE B 27 -5.60 -29.50 -10.43
N GLU B 28 -5.56 -30.75 -10.91
CA GLU B 28 -4.34 -31.54 -10.92
C GLU B 28 -3.56 -31.28 -12.20
N VAL B 29 -2.27 -30.96 -12.06
CA VAL B 29 -1.37 -30.75 -13.18
C VAL B 29 -0.24 -31.77 -13.07
N THR B 30 0.53 -31.90 -14.15
CA THR B 30 1.61 -32.89 -14.17
C THR B 30 2.78 -32.47 -13.29
N ASN B 31 2.97 -31.17 -13.08
CA ASN B 31 4.13 -30.68 -12.35
C ASN B 31 3.87 -29.24 -11.91
N ALA B 32 4.50 -28.86 -10.80
CA ALA B 32 4.38 -27.51 -10.28
C ALA B 32 5.63 -27.17 -9.50
N THR B 33 5.81 -25.87 -9.25
CA THR B 33 6.94 -25.38 -8.47
C THR B 33 6.43 -24.46 -7.37
N GLU B 34 7.15 -24.47 -6.25
CA GLU B 34 6.76 -23.69 -5.08
C GLU B 34 7.26 -22.25 -5.22
N LEU B 35 6.39 -21.29 -4.91
CA LEU B 35 6.75 -19.88 -4.98
C LEU B 35 6.92 -19.20 -3.62
N VAL B 36 6.60 -19.88 -2.52
CA VAL B 36 6.71 -19.31 -1.18
C VAL B 36 7.85 -20.02 -0.45
N GLN B 37 8.91 -19.26 -0.17
CA GLN B 37 10.01 -19.76 0.66
C GLN B 37 9.53 -19.89 2.10
N SER B 38 9.60 -21.10 2.64
CA SER B 38 9.05 -21.36 3.96
C SER B 38 10.06 -21.91 4.95
N SER B 39 11.30 -22.13 4.53
CA SER B 39 12.30 -22.72 5.40
C SER B 39 13.55 -21.85 5.42
N SER B 40 14.29 -21.97 6.52
CA SER B 40 15.58 -21.29 6.65
C SER B 40 16.62 -22.29 7.10
N THR B 41 17.88 -22.00 6.76
CA THR B 41 18.99 -22.81 7.24
C THR B 41 19.18 -22.69 8.76
N GLY B 42 18.69 -21.61 9.35
CA GLY B 42 18.88 -21.35 10.76
C GLY B 42 20.14 -20.58 11.09
N ARG B 43 20.94 -20.23 10.09
CA ARG B 43 22.20 -19.56 10.30
C ARG B 43 22.23 -18.27 9.52
N ILE B 44 22.85 -17.24 10.07
CA ILE B 44 23.06 -15.99 9.36
C ILE B 44 24.39 -16.11 8.63
N CYS B 45 24.34 -16.09 7.31
CA CYS B 45 25.57 -16.22 6.52
C CYS B 45 26.39 -14.94 6.58
N ASP B 46 27.69 -15.08 6.82
CA ASP B 46 28.55 -13.92 6.99
C ASP B 46 28.97 -13.30 5.66
N SER B 47 28.46 -13.80 4.54
CA SER B 47 28.70 -13.26 3.21
C SER B 47 27.38 -13.17 2.46
N PRO B 48 27.24 -12.19 1.55
CA PRO B 48 28.24 -11.18 1.17
C PRO B 48 28.13 -9.88 1.98
N HIS B 49 27.23 -9.84 2.97
CA HIS B 49 27.06 -8.65 3.79
C HIS B 49 28.00 -8.72 4.99
N ARG B 50 28.51 -7.55 5.38
CA ARG B 50 29.36 -7.45 6.56
C ARG B 50 28.47 -7.52 7.81
N ILE B 51 28.51 -8.66 8.49
CA ILE B 51 27.71 -8.89 9.69
C ILE B 51 28.56 -8.54 10.91
N LEU B 52 27.95 -7.85 11.87
CA LEU B 52 28.60 -7.50 13.12
C LEU B 52 27.76 -8.07 14.26
N ASP B 53 28.31 -9.05 14.96
CA ASP B 53 27.61 -9.67 16.07
C ASP B 53 27.82 -8.81 17.32
N GLY B 54 26.73 -8.23 17.83
CA GLY B 54 26.83 -7.41 19.02
C GLY B 54 27.13 -8.20 20.28
N LYS B 55 26.83 -9.50 20.28
CA LYS B 55 27.13 -10.40 21.39
C LYS B 55 26.51 -9.91 22.70
N ASN B 56 27.30 -9.39 23.62
CA ASN B 56 26.77 -8.92 24.89
C ASN B 56 26.38 -7.46 24.87
N CYS B 57 26.52 -6.77 23.74
CA CYS B 57 26.37 -5.32 23.67
C CYS B 57 25.24 -4.91 22.72
N THR B 58 24.37 -4.03 23.19
CA THR B 58 23.50 -3.31 22.28
C THR B 58 24.29 -2.27 21.50
N LEU B 59 23.70 -1.83 20.39
CA LEU B 59 24.36 -0.82 19.57
C LEU B 59 24.60 0.47 20.36
N ILE B 60 23.64 0.84 21.22
CA ILE B 60 23.77 2.10 21.95
C ILE B 60 24.89 2.02 22.96
N ASP B 61 25.03 0.87 23.64
CA ASP B 61 26.13 0.69 24.60
C ASP B 61 27.49 0.72 23.90
N ALA B 62 27.57 0.14 22.70
CA ALA B 62 28.80 0.26 21.92
C ALA B 62 29.02 1.70 21.46
N LEU B 63 27.94 2.43 21.19
CA LEU B 63 28.05 3.84 20.82
C LEU B 63 28.56 4.66 21.99
N LEU B 64 27.95 4.51 23.17
CA LEU B 64 28.38 5.29 24.31
C LEU B 64 29.78 4.88 24.78
N GLY B 65 30.13 3.61 24.65
CA GLY B 65 31.43 3.13 25.07
C GLY B 65 31.38 2.46 26.43
N ASP B 66 30.35 1.65 26.64
CA ASP B 66 30.33 0.77 27.79
C ASP B 66 31.60 -0.09 27.79
N PRO B 67 32.30 -0.21 28.93
CA PRO B 67 33.60 -0.92 28.94
C PRO B 67 33.64 -2.31 28.31
N HIS B 68 32.67 -3.18 28.60
CA HIS B 68 32.70 -4.48 27.96
C HIS B 68 32.34 -4.41 26.48
N CYS B 69 32.09 -3.21 25.95
CA CYS B 69 31.86 -2.99 24.53
C CYS B 69 33.02 -2.28 23.86
N ASP B 70 34.17 -2.18 24.53
CA ASP B 70 35.30 -1.44 23.98
C ASP B 70 35.75 -2.02 22.64
N GLY B 71 35.62 -3.33 22.46
CA GLY B 71 36.04 -3.90 21.20
C GLY B 71 35.26 -3.40 20.00
N PHE B 72 34.11 -2.76 20.22
CA PHE B 72 33.33 -2.22 19.11
C PHE B 72 33.76 -0.82 18.68
N GLN B 73 34.79 -0.24 19.29
CA GLN B 73 35.20 1.11 18.92
C GLN B 73 35.55 1.20 17.44
N ASN B 74 34.97 2.19 16.76
CA ASN B 74 35.25 2.50 15.36
C ASN B 74 34.85 1.38 14.42
N GLU B 75 34.03 0.46 14.90
CA GLU B 75 33.61 -0.66 14.08
C GLU B 75 32.55 -0.22 13.07
N LYS B 76 32.50 -0.92 11.94
CA LYS B 76 31.48 -0.71 10.92
C LYS B 76 30.71 -2.01 10.67
N TRP B 77 29.59 -1.89 9.97
CA TRP B 77 28.73 -3.04 9.70
C TRP B 77 27.81 -2.73 8.52
N ASP B 78 27.42 -3.79 7.82
CA ASP B 78 26.23 -3.74 6.97
C ASP B 78 24.97 -4.09 7.77
N LEU B 79 25.06 -5.12 8.60
CA LEU B 79 23.98 -5.53 9.47
C LEU B 79 24.53 -5.72 10.87
N PHE B 80 24.01 -4.96 11.82
CA PHE B 80 24.31 -5.15 13.23
C PHE B 80 23.27 -6.10 13.81
N VAL B 81 23.73 -7.15 14.48
CA VAL B 81 22.86 -8.18 15.03
C VAL B 81 22.86 -8.03 16.55
N GLU B 82 21.73 -7.62 17.11
CA GLU B 82 21.59 -7.47 18.56
C GLU B 82 21.02 -8.75 19.17
N ARG B 83 21.68 -9.24 20.20
CA ARG B 83 21.30 -10.47 20.86
C ARG B 83 20.44 -10.18 22.08
N SER B 84 19.54 -11.10 22.37
CA SER B 84 18.67 -10.92 23.52
C SER B 84 19.44 -10.98 24.84
N LYS B 85 20.62 -11.60 24.86
CA LYS B 85 21.42 -11.70 26.07
C LYS B 85 22.20 -10.42 26.39
N ALA B 86 22.17 -9.43 25.51
CA ALA B 86 22.95 -8.22 25.73
C ALA B 86 22.53 -7.54 27.02
N PHE B 87 23.46 -6.80 27.62
CA PHE B 87 23.21 -6.14 28.89
C PHE B 87 24.10 -4.92 28.99
N SER B 88 23.70 -3.99 29.87
CA SER B 88 24.47 -2.81 30.18
C SER B 88 25.23 -3.02 31.49
N ASN B 89 26.45 -2.49 31.54
CA ASN B 89 27.32 -2.68 32.69
C ASN B 89 28.11 -1.41 32.97
N CYS B 90 27.45 -0.27 32.84
CA CYS B 90 28.09 1.03 33.11
C CYS B 90 27.11 1.87 33.92
N TYR B 91 27.20 3.19 33.83
CA TYR B 91 26.31 4.05 34.61
C TYR B 91 24.88 3.90 34.13
N PRO B 92 23.91 3.73 35.03
CA PRO B 92 22.51 3.62 34.59
C PRO B 92 22.06 4.86 33.85
N TYR B 93 21.41 4.66 32.71
CA TYR B 93 21.06 5.76 31.83
C TYR B 93 19.71 5.50 31.18
N ASP B 94 19.16 6.56 30.60
CA ASP B 94 18.01 6.44 29.72
C ASP B 94 18.26 7.34 28.52
N VAL B 95 17.59 7.03 27.41
CA VAL B 95 17.73 7.84 26.20
C VAL B 95 16.36 8.27 25.73
N PRO B 96 15.97 9.55 25.89
CA PRO B 96 14.73 10.02 25.25
C PRO B 96 14.81 9.76 23.75
N ASP B 97 13.75 9.17 23.22
CA ASP B 97 13.71 8.75 21.82
C ASP B 97 14.86 7.78 21.53
N TYR B 98 15.00 6.77 22.39
CA TYR B 98 16.00 5.72 22.22
C TYR B 98 15.92 5.10 20.82
N ALA B 99 14.71 4.78 20.37
CA ALA B 99 14.53 4.10 19.10
C ALA B 99 15.10 4.93 17.94
N SER B 100 14.94 6.25 17.99
CA SER B 100 15.43 7.09 16.89
C SER B 100 16.94 7.14 16.86
N LEU B 101 17.59 7.23 18.03
CA LEU B 101 19.05 7.22 18.06
C LEU B 101 19.58 5.87 17.61
N ARG B 102 18.97 4.78 18.10
CA ARG B 102 19.39 3.45 17.65
C ARG B 102 19.26 3.30 16.15
N SER B 103 18.17 3.82 15.59
CA SER B 103 17.92 3.69 14.16
C SER B 103 18.91 4.52 13.35
N LEU B 104 19.16 5.77 13.76
CA LEU B 104 20.01 6.62 12.92
C LEU B 104 21.47 6.16 12.96
N VAL B 105 21.92 5.60 14.08
CA VAL B 105 23.26 5.03 14.11
C VAL B 105 23.33 3.76 13.27
N ALA B 106 22.33 2.89 13.44
CA ALA B 106 22.28 1.64 12.67
C ALA B 106 22.34 1.92 11.17
N SER B 107 21.55 2.90 10.71
CA SER B 107 21.53 3.24 9.30
C SER B 107 22.86 3.83 8.84
N SER B 108 23.52 4.58 9.72
CA SER B 108 24.82 5.14 9.38
C SER B 108 25.84 4.04 9.15
N GLY B 109 25.76 2.97 9.95
CA GLY B 109 26.59 1.80 9.74
C GLY B 109 28.02 1.89 10.24
N THR B 110 28.33 2.85 11.11
CA THR B 110 29.70 3.00 11.60
C THR B 110 29.71 3.63 12.99
N LEU B 111 30.65 3.18 13.83
CA LEU B 111 30.91 3.80 15.12
C LEU B 111 32.21 4.60 15.08
N GLU B 112 32.68 4.95 13.89
CA GLU B 112 33.89 5.74 13.74
C GLU B 112 33.77 7.02 14.54
N PHE B 113 34.76 7.29 15.39
CA PHE B 113 34.71 8.39 16.34
C PHE B 113 35.98 9.21 16.22
N ILE B 114 35.82 10.54 16.25
CA ILE B 114 36.92 11.48 16.10
C ILE B 114 36.99 12.32 17.37
N ASN B 115 38.06 12.16 18.13
CA ASN B 115 38.25 12.98 19.33
C ASN B 115 38.48 14.44 18.94
N GLU B 116 37.95 15.35 19.74
CA GLU B 116 38.16 16.78 19.54
C GLU B 116 38.60 17.40 20.85
N GLY B 117 39.45 18.41 20.75
CA GLY B 117 39.95 19.06 21.94
C GLY B 117 39.01 20.14 22.43
N PHE B 118 38.11 19.78 23.34
CA PHE B 118 37.26 20.77 23.97
C PHE B 118 38.02 21.44 25.09
N ASN B 119 37.75 22.72 25.29
CA ASN B 119 38.43 23.52 26.29
C ASN B 119 37.55 23.54 27.54
N TRP B 120 37.81 22.60 28.45
CA TRP B 120 37.09 22.51 29.72
C TRP B 120 37.89 23.11 30.87
N THR B 121 38.47 24.29 30.69
CA THR B 121 39.20 24.93 31.76
C THR B 121 38.25 25.37 32.86
N GLY B 122 38.59 25.05 34.10
CA GLY B 122 37.79 25.40 35.26
C GLY B 122 37.04 24.24 35.87
N VAL B 123 37.00 23.08 35.20
CA VAL B 123 36.30 21.92 35.73
C VAL B 123 37.21 20.71 35.68
N THR B 124 36.87 19.72 36.51
CA THR B 124 37.56 18.44 36.48
C THR B 124 36.91 17.54 35.42
N GLN B 125 37.74 16.88 34.63
CA GLN B 125 37.28 16.01 33.56
C GLN B 125 37.30 14.53 33.97
N SER B 126 36.63 13.71 33.16
CA SER B 126 36.72 12.25 33.20
C SER B 126 36.30 11.66 34.56
N GLY B 127 35.20 12.16 35.09
CA GLY B 127 34.65 11.56 36.29
C GLY B 127 34.26 10.11 36.04
N GLY B 128 34.46 9.27 37.05
CA GLY B 128 34.20 7.86 36.93
C GLY B 128 33.25 7.36 37.99
N SER B 129 33.02 6.05 37.96
CA SER B 129 32.11 5.40 38.89
C SER B 129 32.50 3.95 39.04
N TYR B 130 32.24 3.40 40.22
CA TYR B 130 32.51 1.99 40.44
C TYR B 130 31.50 1.11 39.72
N THR B 131 30.36 1.67 39.30
CA THR B 131 29.39 0.94 38.50
C THR B 131 29.82 0.80 37.05
N CYS B 132 30.90 1.48 36.63
CA CYS B 132 31.39 1.41 35.26
C CYS B 132 32.88 1.03 35.29
N LYS B 133 33.15 -0.22 35.67
CA LYS B 133 34.53 -0.70 35.76
C LYS B 133 35.09 -0.96 34.37
N ARG B 134 36.30 -0.47 34.13
CA ARG B 134 37.07 -0.81 32.93
C ARG B 134 38.38 -1.38 33.45
N GLY B 135 38.47 -2.70 33.50
CA GLY B 135 39.62 -3.38 34.06
C GLY B 135 39.67 -3.34 35.57
N SER B 136 40.64 -2.61 36.09
CA SER B 136 40.86 -2.47 37.52
C SER B 136 40.53 -1.06 37.98
N ASN B 137 39.93 -0.27 37.10
CA ASN B 137 39.73 1.15 37.30
C ASN B 137 38.24 1.49 37.27
N ASN B 138 37.82 2.33 38.22
CA ASN B 138 36.58 3.06 38.04
C ASN B 138 36.68 3.85 36.74
N SER B 139 35.62 3.84 35.96
CA SER B 139 35.73 4.46 34.65
C SER B 139 34.35 5.00 34.26
N PHE B 140 34.15 5.15 32.95
CA PHE B 140 32.96 5.81 32.45
C PHE B 140 32.86 5.48 30.97
N PHE B 141 31.74 5.89 30.38
CA PHE B 141 31.54 5.72 28.94
C PHE B 141 32.71 6.32 28.17
N SER B 142 33.32 5.51 27.30
CA SER B 142 34.55 5.93 26.65
C SER B 142 34.37 7.19 25.82
N ARG B 143 33.16 7.43 25.30
CA ARG B 143 32.91 8.55 24.40
C ARG B 143 32.27 9.76 25.09
N LEU B 144 32.04 9.68 26.40
CA LEU B 144 31.44 10.76 27.16
C LEU B 144 32.47 11.25 28.18
N ASN B 145 32.33 12.51 28.58
CA ASN B 145 33.30 13.15 29.47
C ASN B 145 32.53 13.74 30.64
N TRP B 146 32.62 13.10 31.81
CA TRP B 146 31.88 13.57 32.99
C TRP B 146 32.64 14.74 33.63
N LEU B 147 32.10 15.95 33.45
CA LEU B 147 32.72 17.14 34.03
C LEU B 147 32.13 17.44 35.40
N TYR B 148 32.97 17.97 36.29
CA TYR B 148 32.49 18.36 37.60
C TYR B 148 33.45 19.39 38.18
N GLU B 149 33.19 19.78 39.43
CA GLU B 149 33.85 20.94 40.01
C GLU B 149 35.35 20.77 40.09
N SER B 150 36.06 21.88 39.97
CA SER B 150 37.50 21.95 40.21
C SER B 150 37.75 23.00 41.28
N GLU B 151 38.40 22.59 42.37
CA GLU B 151 38.74 23.49 43.47
C GLU B 151 37.51 24.14 44.07
N SER B 152 36.46 23.35 44.28
CA SER B 152 35.22 23.84 44.85
C SER B 152 34.64 24.98 44.01
N LYS B 153 34.83 24.92 42.69
CA LYS B 153 34.27 25.89 41.75
C LYS B 153 33.82 25.18 40.49
N TYR B 154 32.66 25.59 39.97
CA TYR B 154 32.16 25.14 38.67
C TYR B 154 31.81 26.39 37.87
N PRO B 155 32.77 26.98 37.19
CA PRO B 155 32.48 28.18 36.39
C PRO B 155 31.55 27.85 35.24
N VAL B 156 30.80 28.86 34.81
CA VAL B 156 29.89 28.69 33.68
C VAL B 156 30.70 28.38 32.42
N LEU B 157 30.44 27.24 31.82
CA LEU B 157 31.16 26.84 30.63
C LEU B 157 30.51 27.45 29.39
N ASN B 158 31.35 27.91 28.47
CA ASN B 158 30.88 28.47 27.20
C ASN B 158 31.90 28.04 26.14
N VAL B 159 31.71 26.81 25.64
CA VAL B 159 32.69 26.11 24.82
C VAL B 159 32.13 25.88 23.42
N THR B 160 32.96 26.12 22.42
CA THR B 160 32.57 26.05 21.01
C THR B 160 33.38 24.99 20.30
N MET B 161 32.80 24.45 19.24
CA MET B 161 33.47 23.49 18.38
C MET B 161 32.90 23.66 16.99
N PRO B 162 33.59 24.36 16.10
CA PRO B 162 33.07 24.55 14.74
C PRO B 162 33.25 23.31 13.88
N ASN B 163 32.31 23.15 12.95
CA ASN B 163 32.40 22.11 11.94
C ASN B 163 32.92 22.75 10.65
N ASN B 164 34.21 22.64 10.41
CA ASN B 164 34.83 23.19 9.21
C ASN B 164 35.05 22.14 8.14
N GLY B 165 34.57 20.91 8.37
CA GLY B 165 34.75 19.81 7.44
C GLY B 165 33.69 19.78 6.36
N LYS B 166 33.66 18.64 5.66
CA LYS B 166 32.72 18.41 4.57
C LYS B 166 31.67 17.36 4.90
N PHE B 167 31.58 16.95 6.17
CA PHE B 167 30.65 15.92 6.61
C PHE B 167 29.86 16.38 7.81
N ASP B 168 28.73 15.70 8.05
CA ASP B 168 27.94 15.94 9.24
C ASP B 168 28.62 15.32 10.45
N LYS B 169 28.41 15.93 11.61
CA LYS B 169 28.96 15.45 12.87
C LYS B 169 27.81 15.06 13.79
N LEU B 170 27.90 13.87 14.37
CA LEU B 170 26.93 13.42 15.36
C LEU B 170 27.58 13.52 16.74
N TYR B 171 27.05 14.41 17.58
CA TYR B 171 27.54 14.59 18.94
C TYR B 171 26.61 13.92 19.92
N ILE B 172 27.15 13.06 20.78
CA ILE B 172 26.41 12.42 21.85
C ILE B 172 26.86 13.06 23.16
N TRP B 173 25.90 13.54 23.94
CA TRP B 173 26.18 14.19 25.22
C TRP B 173 25.06 13.80 26.16
N GLY B 174 25.16 14.27 27.40
CA GLY B 174 24.22 13.78 28.39
C GLY B 174 24.08 14.75 29.54
N ILE B 175 23.22 14.38 30.47
CA ILE B 175 23.04 15.16 31.68
C ILE B 175 22.94 14.24 32.88
N HIS B 176 23.63 14.60 33.95
CA HIS B 176 23.67 13.82 35.17
C HIS B 176 22.53 14.23 36.09
N HIS B 177 21.73 13.26 36.52
CA HIS B 177 20.64 13.47 37.47
C HIS B 177 21.08 12.90 38.82
N PRO B 178 21.67 13.71 39.69
CA PRO B 178 22.07 13.18 41.00
C PRO B 178 20.85 12.81 41.83
N SER B 179 21.07 11.91 42.77
CA SER B 179 20.00 11.42 43.64
C SER B 179 19.77 12.30 44.87
N THR B 180 20.79 13.01 45.37
CA THR B 180 20.61 13.85 46.55
C THR B 180 21.15 15.25 46.30
N ASP B 181 20.72 16.18 47.16
CA ASP B 181 21.21 17.55 47.03
C ASP B 181 22.68 17.67 47.39
N LYS B 182 23.13 16.97 48.44
CA LYS B 182 24.55 16.96 48.78
C LYS B 182 25.38 16.44 47.60
N GLU B 183 24.94 15.33 47.01
CA GLU B 183 25.58 14.83 45.81
C GLU B 183 25.60 15.89 44.72
N GLN B 184 24.47 16.58 44.53
CA GLN B 184 24.40 17.65 43.53
C GLN B 184 25.43 18.73 43.81
N THR B 185 25.50 19.21 45.05
CA THR B 185 26.38 20.33 45.37
C THR B 185 27.83 19.90 45.42
N ASN B 186 28.11 18.66 45.83
CA ASN B 186 29.50 18.19 45.83
C ASN B 186 30.08 18.22 44.42
N LEU B 187 29.35 17.69 43.44
CA LEU B 187 29.86 17.64 42.08
C LEU B 187 29.74 19.00 41.40
N TYR B 188 28.58 19.63 41.54
CA TYR B 188 28.28 20.91 40.92
C TYR B 188 27.84 21.83 42.04
N ILE B 189 28.60 22.89 42.28
CA ILE B 189 28.45 23.65 43.51
C ILE B 189 27.01 24.11 43.71
N ARG B 190 26.33 24.48 42.63
CA ARG B 190 25.00 25.01 42.73
C ARG B 190 24.01 23.89 43.08
N ALA B 191 22.88 24.29 43.65
CA ALA B 191 21.86 23.30 44.00
C ALA B 191 21.13 22.78 42.77
N SER B 192 21.34 23.40 41.61
CA SER B 192 20.80 22.95 40.33
C SER B 192 21.66 23.53 39.22
N GLY B 193 21.75 22.77 38.12
CA GLY B 193 22.54 23.16 36.97
C GLY B 193 21.68 23.20 35.71
N ARG B 194 22.26 23.77 34.66
CA ARG B 194 21.57 23.92 33.38
C ARG B 194 22.54 23.65 32.25
N VAL B 195 22.00 23.09 31.17
CA VAL B 195 22.77 22.84 29.97
C VAL B 195 21.98 23.33 28.77
N THR B 196 22.63 24.14 27.93
CA THR B 196 22.10 24.50 26.63
C THR B 196 23.14 24.13 25.59
N VAL B 197 22.73 23.29 24.65
CA VAL B 197 23.54 22.90 23.51
C VAL B 197 22.88 23.48 22.28
N SER B 198 23.62 24.27 21.51
CA SER B 198 23.01 25.04 20.45
C SER B 198 23.87 25.00 19.20
N THR B 199 23.23 25.28 18.08
CA THR B 199 23.88 25.51 16.80
C THR B 199 23.32 26.80 16.24
N LYS B 200 23.63 27.10 14.97
CA LYS B 200 23.03 28.27 14.32
C LYS B 200 21.51 28.15 14.19
N ARG B 201 21.00 26.92 14.12
CA ARG B 201 19.60 26.64 13.82
C ARG B 201 18.82 25.95 14.93
N SER B 202 19.49 25.55 16.03
CA SER B 202 18.82 24.76 17.06
C SER B 202 19.40 25.04 18.43
N GLN B 203 18.62 24.69 19.46
CA GLN B 203 19.03 24.77 20.86
C GLN B 203 18.29 23.69 21.63
N GLN B 204 18.99 23.08 22.58
CA GLN B 204 18.41 22.06 23.45
C GLN B 204 18.81 22.40 24.89
N THR B 205 17.82 22.55 25.75
CA THR B 205 18.03 22.83 27.16
C THR B 205 17.42 21.70 27.99
N VAL B 206 18.13 21.28 29.01
CA VAL B 206 17.67 20.21 29.90
C VAL B 206 17.99 20.59 31.34
N ILE B 207 17.07 20.27 32.25
CA ILE B 207 17.14 20.54 33.68
C ILE B 207 17.34 19.20 34.38
N PRO B 208 18.37 19.04 35.18
CA PRO B 208 18.47 17.83 35.99
C PRO B 208 17.33 17.78 36.99
N ASN B 209 16.90 16.58 37.32
CA ASN B 209 15.85 16.41 38.31
C ASN B 209 16.44 15.62 39.48
N ILE B 210 16.94 16.34 40.47
CA ILE B 210 17.50 15.69 41.64
C ILE B 210 16.39 14.96 42.38
N GLY B 211 16.73 13.79 42.91
CA GLY B 211 15.77 12.99 43.62
C GLY B 211 16.11 11.52 43.50
N SER B 212 15.50 10.73 44.37
CA SER B 212 15.79 9.30 44.38
C SER B 212 15.09 8.66 43.20
N ARG B 213 15.83 7.84 42.48
CA ARG B 213 15.26 7.00 41.44
C ARG B 213 15.33 5.54 41.85
N PRO B 214 14.48 4.69 41.30
CA PRO B 214 14.59 3.27 41.64
C PRO B 214 15.99 2.75 41.33
N TRP B 215 16.43 1.83 42.18
CA TRP B 215 17.79 1.31 42.18
C TRP B 215 18.07 0.49 40.93
N VAL B 216 19.11 0.86 40.17
CA VAL B 216 19.54 0.10 39.00
C VAL B 216 21.06 -0.04 39.05
N ARG B 217 21.53 -1.27 39.20
CA ARG B 217 22.97 -1.57 39.29
C ARG B 217 23.68 -0.69 40.31
N GLY B 218 23.16 -0.67 41.53
CA GLY B 218 23.86 -0.04 42.64
C GLY B 218 23.71 1.45 42.76
N LEU B 219 22.89 2.09 41.93
CA LEU B 219 22.75 3.53 42.00
C LEU B 219 21.29 3.93 41.90
N SER B 220 21.00 5.12 42.42
CA SER B 220 19.72 5.76 42.23
C SER B 220 19.85 7.02 41.38
N SER B 221 21.06 7.34 40.93
CA SER B 221 21.31 8.43 40.01
C SER B 221 21.13 7.93 38.59
N ARG B 222 21.07 8.87 37.65
CA ARG B 222 20.82 8.56 36.26
C ARG B 222 21.59 9.53 35.37
N ILE B 223 21.82 9.11 34.15
CA ILE B 223 22.29 9.98 33.08
C ILE B 223 21.25 9.94 31.97
N SER B 224 20.90 11.10 31.44
CA SER B 224 20.02 11.19 30.28
C SER B 224 20.87 11.52 29.06
N ILE B 225 20.72 10.73 28.00
CA ILE B 225 21.54 10.84 26.79
C ILE B 225 20.77 11.65 25.74
N TYR B 226 21.46 12.60 25.13
CA TYR B 226 20.91 13.42 24.05
C TYR B 226 21.91 13.43 22.90
N TRP B 227 21.47 13.91 21.74
CA TRP B 227 22.35 13.97 20.59
C TRP B 227 22.08 15.23 19.79
N THR B 228 23.09 15.63 19.02
CA THR B 228 23.05 16.84 18.20
C THR B 228 23.81 16.58 16.93
N ILE B 229 23.23 16.95 15.80
CA ILE B 229 23.90 16.86 14.51
C ILE B 229 24.32 18.25 14.07
N VAL B 230 25.59 18.41 13.73
CA VAL B 230 26.14 19.70 13.32
C VAL B 230 26.57 19.58 11.87
N LYS B 231 25.89 20.34 11.00
CA LYS B 231 26.19 20.33 9.58
C LYS B 231 27.50 21.05 9.29
N PRO B 232 28.11 20.78 8.13
CA PRO B 232 29.28 21.58 7.74
C PRO B 232 28.93 23.06 7.66
N GLY B 233 29.84 23.88 8.17
CA GLY B 233 29.61 25.30 8.29
C GLY B 233 28.82 25.72 9.51
N ASP B 234 28.25 24.78 10.25
CA ASP B 234 27.57 25.10 11.50
C ASP B 234 28.57 25.00 12.65
N ILE B 235 28.10 25.32 13.86
CA ILE B 235 28.98 25.41 15.02
C ILE B 235 28.26 24.82 16.22
N LEU B 236 28.95 24.00 16.99
CA LEU B 236 28.44 23.54 18.28
C LEU B 236 28.81 24.56 19.34
N LEU B 237 27.84 24.93 20.17
CA LEU B 237 28.07 25.83 21.30
C LEU B 237 27.44 25.21 22.52
N ILE B 238 28.25 25.00 23.56
CA ILE B 238 27.80 24.35 24.78
C ILE B 238 27.87 25.36 25.92
N ASN B 239 26.77 25.49 26.64
CA ASN B 239 26.70 26.33 27.82
C ASN B 239 26.22 25.46 28.97
N SER B 240 26.96 25.44 30.06
CA SER B 240 26.60 24.60 31.18
C SER B 240 26.99 25.27 32.49
N THR B 241 26.15 25.06 33.51
CA THR B 241 26.43 25.49 34.87
C THR B 241 26.42 24.31 35.82
N GLY B 242 26.53 23.10 35.29
CA GLY B 242 26.57 21.88 36.07
C GLY B 242 25.83 20.76 35.37
N ASN B 243 26.12 19.53 35.79
CA ASN B 243 25.40 18.33 35.37
C ASN B 243 25.60 17.93 33.91
N LEU B 244 26.49 18.60 33.18
CA LEU B 244 26.76 18.25 31.80
C LEU B 244 27.65 17.02 31.72
N ILE B 245 27.21 16.02 30.96
CA ILE B 245 28.05 14.89 30.55
C ILE B 245 28.50 15.20 29.13
N ALA B 246 29.74 15.62 28.99
CA ALA B 246 30.20 16.28 27.78
C ALA B 246 30.59 15.27 26.69
N PRO B 247 30.52 15.67 25.43
CA PRO B 247 31.06 14.83 24.36
C PRO B 247 32.57 14.95 24.29
N ARG B 248 33.22 13.84 23.91
CA ARG B 248 34.66 13.81 23.66
C ARG B 248 35.02 14.03 22.20
N GLY B 249 34.02 14.27 21.37
CA GLY B 249 34.19 14.36 19.94
C GLY B 249 32.88 14.02 19.26
N TYR B 250 32.97 13.66 17.99
CA TYR B 250 31.80 13.35 17.20
C TYR B 250 31.95 12.00 16.52
N PHE B 251 30.81 11.38 16.23
CA PHE B 251 30.77 10.20 15.38
C PHE B 251 30.57 10.65 13.94
N LYS B 252 31.31 10.02 13.04
CA LYS B 252 31.00 10.20 11.62
C LYS B 252 29.64 9.58 11.32
N ILE B 253 28.80 10.33 10.63
CA ILE B 253 27.50 9.86 10.24
C ILE B 253 27.46 9.83 8.71
N ARG B 254 27.33 8.64 8.15
CA ARG B 254 27.38 8.42 6.72
C ARG B 254 25.99 8.05 6.23
N THR B 255 25.84 8.07 4.92
CA THR B 255 24.60 7.67 4.25
C THR B 255 24.86 6.35 3.54
N GLY B 256 24.10 5.32 3.91
CA GLY B 256 24.31 4.03 3.32
C GLY B 256 23.17 3.08 3.57
N LYS B 257 23.44 1.81 3.31
CA LYS B 257 22.43 0.77 3.32
C LYS B 257 22.48 -0.10 4.56
N SER B 258 23.08 0.39 5.64
CA SER B 258 23.23 -0.45 6.82
C SER B 258 21.96 -0.47 7.65
N SER B 259 21.81 -1.52 8.47
CA SER B 259 20.66 -1.63 9.34
C SER B 259 21.01 -2.51 10.55
N ILE B 260 20.00 -2.76 11.38
CA ILE B 260 20.14 -3.51 12.61
C ILE B 260 18.98 -4.48 12.74
N MET B 261 19.24 -5.63 13.34
CA MET B 261 18.27 -6.70 13.45
C MET B 261 18.42 -7.40 14.79
N ARG B 262 17.29 -7.73 15.41
CA ARG B 262 17.28 -8.54 16.62
C ARG B 262 17.20 -10.01 16.21
N SER B 263 18.16 -10.81 16.67
CA SER B 263 18.21 -12.22 16.32
C SER B 263 19.13 -12.95 17.28
N ASP B 264 18.78 -14.19 17.58
CA ASP B 264 19.66 -15.09 18.30
C ASP B 264 20.24 -16.16 17.40
N ALA B 265 20.11 -16.01 16.09
CA ALA B 265 20.64 -17.01 15.18
C ALA B 265 22.16 -16.94 15.12
N PRO B 266 22.85 -18.08 15.14
CA PRO B 266 24.31 -18.06 15.04
C PRO B 266 24.77 -17.60 13.66
N ILE B 267 25.92 -16.95 13.65
CA ILE B 267 26.54 -16.51 12.40
C ILE B 267 27.32 -17.69 11.84
N GLY B 268 27.15 -17.95 10.53
CA GLY B 268 27.78 -19.08 9.90
C GLY B 268 28.65 -18.65 8.73
N THR B 269 29.49 -19.59 8.29
CA THR B 269 30.35 -19.40 7.13
C THR B 269 29.61 -19.95 5.91
N CYS B 270 28.94 -19.05 5.19
CA CYS B 270 28.21 -19.37 3.97
C CYS B 270 27.91 -18.05 3.29
N SER B 271 27.24 -18.11 2.14
CA SER B 271 26.93 -16.92 1.37
C SER B 271 25.43 -16.93 1.11
N SER B 272 24.76 -15.82 1.44
CA SER B 272 23.32 -15.66 1.27
C SER B 272 22.99 -14.17 1.33
N GLU B 273 22.23 -13.70 0.33
CA GLU B 273 21.93 -12.29 0.25
C GLU B 273 20.79 -11.84 1.16
N CYS B 274 19.84 -12.73 1.46
CA CYS B 274 18.69 -12.40 2.29
C CYS B 274 18.87 -12.93 3.71
N ILE B 275 18.68 -12.05 4.69
CA ILE B 275 18.80 -12.37 6.10
C ILE B 275 17.47 -12.09 6.79
N THR B 276 17.06 -13.00 7.66
CA THR B 276 15.93 -12.84 8.55
C THR B 276 16.39 -13.18 9.95
N PRO B 277 15.60 -12.83 10.97
CA PRO B 277 15.97 -13.24 12.34
C PRO B 277 16.02 -14.74 12.53
N ASN B 278 15.32 -15.52 11.70
CA ASN B 278 15.38 -16.97 11.75
C ASN B 278 16.63 -17.52 11.09
N GLY B 279 17.41 -16.69 10.43
CA GLY B 279 18.52 -17.12 9.61
C GLY B 279 18.37 -16.65 8.18
N SER B 280 19.41 -16.90 7.41
CA SER B 280 19.37 -16.56 6.00
C SER B 280 18.40 -17.47 5.25
N ILE B 281 17.77 -16.93 4.22
CA ILE B 281 16.88 -17.73 3.37
C ILE B 281 17.30 -17.54 1.93
N PRO B 282 17.11 -18.53 1.06
CA PRO B 282 17.36 -18.31 -0.37
C PRO B 282 16.38 -17.28 -0.91
N ASN B 283 16.78 -16.61 -1.98
CA ASN B 283 15.92 -15.60 -2.62
C ASN B 283 15.58 -15.96 -4.06
N ASP B 284 15.57 -17.26 -4.39
CA ASP B 284 15.17 -17.67 -5.74
C ASP B 284 13.67 -17.50 -5.94
N LYS B 285 12.87 -17.83 -4.93
CA LYS B 285 11.42 -17.73 -5.03
C LYS B 285 10.95 -16.29 -4.83
N PRO B 286 9.80 -15.92 -5.40
CA PRO B 286 9.36 -14.52 -5.32
C PRO B 286 8.75 -14.11 -4.00
N PHE B 287 8.29 -15.05 -3.16
CA PHE B 287 7.63 -14.77 -1.91
C PHE B 287 8.26 -15.61 -0.81
N GLN B 288 8.02 -15.23 0.44
CA GLN B 288 8.55 -15.96 1.57
C GLN B 288 7.63 -15.81 2.77
N ASN B 289 7.64 -16.83 3.62
CA ASN B 289 6.77 -16.91 4.78
C ASN B 289 7.56 -16.98 6.07
N VAL B 290 8.87 -16.76 6.01
CA VAL B 290 9.73 -17.01 7.16
C VAL B 290 9.58 -15.92 8.20
N ASN B 291 9.71 -14.67 7.79
CA ASN B 291 9.68 -13.55 8.72
C ASN B 291 9.45 -12.25 7.95
N LYS B 292 8.56 -11.40 8.47
CA LYS B 292 8.37 -10.10 7.84
C LYS B 292 9.56 -9.18 8.05
N ILE B 293 10.45 -9.50 9.00
CA ILE B 293 11.68 -8.73 9.21
C ILE B 293 12.77 -9.31 8.33
N THR B 294 13.29 -8.52 7.40
CA THR B 294 14.29 -8.99 6.46
C THR B 294 15.40 -7.96 6.32
N TYR B 295 16.54 -8.43 5.80
CA TYR B 295 17.62 -7.56 5.38
C TYR B 295 18.22 -8.11 4.11
N GLY B 296 18.46 -7.26 3.12
CA GLY B 296 19.07 -7.65 1.87
C GLY B 296 18.06 -7.88 0.75
N ALA B 297 18.53 -8.51 -0.33
CA ALA B 297 17.67 -8.81 -1.47
C ALA B 297 16.78 -9.99 -1.10
N CYS B 298 15.51 -9.70 -0.81
CA CYS B 298 14.66 -10.68 -0.18
C CYS B 298 13.36 -10.89 -0.93
N PRO B 299 12.83 -12.11 -0.89
CA PRO B 299 11.45 -12.31 -1.34
C PRO B 299 10.48 -11.53 -0.47
N ARG B 300 9.35 -11.16 -1.05
CA ARG B 300 8.36 -10.37 -0.33
C ARG B 300 7.56 -11.27 0.60
N TYR B 301 7.28 -10.77 1.80
CA TYR B 301 6.57 -11.55 2.81
C TYR B 301 5.09 -11.63 2.46
N VAL B 302 4.52 -12.83 2.59
CA VAL B 302 3.10 -13.04 2.38
C VAL B 302 2.59 -13.95 3.49
N LYS B 303 1.27 -13.95 3.67
CA LYS B 303 0.66 -14.79 4.70
C LYS B 303 0.59 -16.26 4.30
N GLN B 304 0.48 -16.57 3.01
CA GLN B 304 0.38 -17.95 2.57
C GLN B 304 1.66 -18.72 2.90
N ASN B 305 1.51 -19.97 3.31
CA ASN B 305 2.67 -20.83 3.50
C ASN B 305 3.03 -21.62 2.25
N THR B 306 2.17 -21.64 1.24
CA THR B 306 2.48 -22.31 -0.01
C THR B 306 1.66 -21.68 -1.15
N LEU B 307 2.30 -21.51 -2.29
CA LEU B 307 1.65 -21.11 -3.53
C LEU B 307 2.33 -21.86 -4.67
N LYS B 308 1.61 -22.80 -5.29
CA LYS B 308 2.18 -23.67 -6.30
C LYS B 308 1.87 -23.13 -7.69
N LEU B 309 2.91 -22.92 -8.48
CA LEU B 309 2.79 -22.45 -9.85
C LEU B 309 2.84 -23.66 -10.79
N ALA B 310 1.82 -23.84 -11.62
CA ALA B 310 1.82 -24.98 -12.53
C ALA B 310 2.92 -24.84 -13.57
N THR B 311 3.68 -25.90 -13.75
CA THR B 311 4.72 -25.94 -14.77
C THR B 311 4.47 -27.05 -15.79
N GLY B 312 3.24 -27.53 -15.87
CA GLY B 312 2.85 -28.54 -16.83
C GLY B 312 1.35 -28.48 -17.06
N MET B 313 0.88 -29.33 -17.98
CA MET B 313 -0.52 -29.34 -18.36
C MET B 313 -1.37 -30.06 -17.32
N ARG B 314 -2.68 -29.97 -17.50
CA ARG B 314 -3.63 -30.71 -16.68
C ARG B 314 -3.31 -32.21 -16.72
N ASN B 315 -3.43 -32.86 -15.57
CA ASN B 315 -3.10 -34.28 -15.46
C ASN B 315 -4.37 -35.11 -15.54
N VAL B 316 -4.42 -36.00 -16.53
CA VAL B 316 -5.60 -36.82 -16.83
C VAL B 316 -5.20 -38.28 -16.81
N PRO B 317 -5.55 -39.05 -15.75
CA PRO B 317 -5.19 -40.45 -15.53
C PRO B 317 -5.34 -41.35 -16.74
N ALA B 327 -8.93 -50.70 -28.63
CA ALA B 327 -8.50 -49.75 -29.63
C ALA B 327 -7.75 -48.59 -28.98
N ILE B 328 -7.20 -47.70 -29.80
CA ILE B 328 -6.43 -46.57 -29.31
C ILE B 328 -7.33 -45.35 -29.29
N ALA B 329 -7.00 -44.38 -28.44
CA ALA B 329 -7.80 -43.19 -28.27
C ALA B 329 -6.90 -41.98 -28.09
N GLY B 330 -7.47 -40.80 -28.34
CA GLY B 330 -6.75 -39.55 -28.34
C GLY B 330 -6.96 -38.74 -27.09
N PHE B 331 -6.65 -37.44 -27.19
CA PHE B 331 -6.60 -36.56 -26.03
C PHE B 331 -7.98 -36.18 -25.50
N ILE B 332 -9.04 -36.34 -26.31
CA ILE B 332 -10.38 -36.00 -25.84
C ILE B 332 -10.76 -36.86 -24.65
N GLU B 333 -10.28 -38.12 -24.63
CA GLU B 333 -10.65 -39.05 -23.58
C GLU B 333 -9.71 -38.95 -22.37
N ASN B 334 -8.40 -38.92 -22.60
CA ASN B 334 -7.47 -39.15 -21.51
C ASN B 334 -6.08 -38.69 -21.94
N GLY B 335 -5.14 -38.69 -20.99
CA GLY B 335 -3.74 -38.54 -21.27
C GLY B 335 -3.02 -39.90 -21.27
N TRP B 336 -1.79 -39.89 -21.76
CA TRP B 336 -0.97 -41.10 -21.96
C TRP B 336 0.14 -41.13 -20.91
N GLU B 337 -0.02 -41.97 -19.89
CA GLU B 337 1.06 -42.14 -18.93
C GLU B 337 2.26 -42.83 -19.57
N GLY B 338 2.02 -43.62 -20.62
CA GLY B 338 3.07 -44.35 -21.30
C GLY B 338 3.94 -43.50 -22.19
N MET B 339 3.59 -42.23 -22.41
CA MET B 339 4.43 -41.34 -23.21
C MET B 339 5.39 -40.60 -22.28
N VAL B 340 6.67 -40.92 -22.39
CA VAL B 340 7.69 -40.38 -21.49
C VAL B 340 8.68 -39.45 -22.20
N ASP B 341 8.78 -39.52 -23.52
CA ASP B 341 9.76 -38.75 -24.29
C ASP B 341 9.18 -37.49 -24.93
N GLY B 342 7.99 -37.08 -24.53
CA GLY B 342 7.41 -35.87 -25.06
C GLY B 342 6.13 -35.55 -24.31
N TRP B 343 5.66 -34.32 -24.51
CA TRP B 343 4.40 -33.89 -23.92
C TRP B 343 3.21 -34.19 -24.81
N TYR B 344 3.41 -34.16 -26.12
CA TYR B 344 2.38 -34.48 -27.08
C TYR B 344 2.91 -35.49 -28.08
N GLY B 345 2.02 -36.24 -28.70
CA GLY B 345 2.50 -37.20 -29.67
C GLY B 345 1.38 -37.98 -30.32
N PHE B 346 1.80 -39.01 -31.05
CA PHE B 346 0.92 -39.79 -31.91
C PHE B 346 0.91 -41.26 -31.48
N ARG B 347 -0.27 -41.86 -31.52
CA ARG B 347 -0.40 -43.31 -31.48
C ARG B 347 -1.15 -43.76 -32.74
N HIS B 348 -0.74 -44.87 -33.31
CA HIS B 348 -1.34 -45.32 -34.55
C HIS B 348 -1.66 -46.79 -34.50
N GLN B 349 -2.57 -47.18 -35.38
CA GLN B 349 -2.92 -48.59 -35.60
C GLN B 349 -3.06 -48.78 -37.09
N ASN B 350 -2.23 -49.65 -37.66
CA ASN B 350 -2.21 -49.88 -39.10
C ASN B 350 -1.92 -51.35 -39.37
N SER B 351 -1.58 -51.66 -40.62
CA SER B 351 -1.33 -53.06 -41.01
C SER B 351 -0.12 -53.63 -40.29
N GLU B 352 0.75 -52.77 -39.75
CA GLU B 352 1.97 -53.20 -39.06
C GLU B 352 1.83 -53.22 -37.56
N GLY B 353 0.64 -52.91 -37.01
CA GLY B 353 0.45 -52.96 -35.58
C GLY B 353 0.17 -51.58 -34.99
N THR B 354 0.56 -51.41 -33.74
CA THR B 354 0.41 -50.18 -33.00
C THR B 354 1.77 -49.58 -32.70
N GLY B 355 1.79 -48.26 -32.52
CA GLY B 355 3.03 -47.55 -32.26
C GLY B 355 2.77 -46.21 -31.62
N GLN B 356 3.84 -45.60 -31.12
CA GLN B 356 3.73 -44.35 -30.41
C GLN B 356 4.97 -43.50 -30.69
N ALA B 357 4.76 -42.20 -30.89
CA ALA B 357 5.89 -41.31 -31.13
C ALA B 357 5.56 -39.92 -30.59
N ALA B 358 6.51 -39.32 -29.90
CA ALA B 358 6.32 -37.98 -29.37
C ALA B 358 6.56 -36.93 -30.45
N ASP B 359 5.81 -35.83 -30.35
CA ASP B 359 5.99 -34.67 -31.24
C ASP B 359 6.86 -33.65 -30.52
N LEU B 360 8.10 -33.49 -30.99
CA LEU B 360 9.05 -32.66 -30.27
C LEU B 360 8.72 -31.18 -30.39
N LYS B 361 8.32 -30.72 -31.58
CA LYS B 361 8.13 -29.30 -31.80
C LYS B 361 7.03 -28.73 -30.91
N SER B 362 5.88 -29.40 -30.85
CA SER B 362 4.82 -28.90 -29.98
C SER B 362 5.19 -29.04 -28.52
N THR B 363 5.96 -30.08 -28.16
CA THR B 363 6.43 -30.21 -26.79
C THR B 363 7.30 -29.03 -26.38
N GLN B 364 8.25 -28.65 -27.26
CA GLN B 364 9.15 -27.54 -26.96
C GLN B 364 8.41 -26.21 -26.93
N ALA B 365 7.42 -26.03 -27.81
CA ALA B 365 6.67 -24.77 -27.81
C ALA B 365 6.00 -24.53 -26.45
N ALA B 366 5.39 -25.56 -25.87
CA ALA B 366 4.79 -25.41 -24.55
C ALA B 366 5.85 -25.20 -23.48
N ILE B 367 6.95 -25.97 -23.54
CA ILE B 367 7.99 -25.87 -22.51
C ILE B 367 8.64 -24.49 -22.54
N ASP B 368 8.82 -23.92 -23.74
CA ASP B 368 9.42 -22.60 -23.85
C ASP B 368 8.52 -21.53 -23.23
N GLN B 369 7.21 -21.67 -23.37
CA GLN B 369 6.30 -20.70 -22.79
C GLN B 369 6.24 -20.84 -21.28
N ILE B 370 6.26 -22.07 -20.76
CA ILE B 370 6.21 -22.25 -19.31
C ILE B 370 7.50 -21.77 -18.67
N ASN B 371 8.65 -22.07 -19.29
CA ASN B 371 9.89 -21.49 -18.82
C ASN B 371 9.92 -19.98 -19.00
N GLY B 372 9.22 -19.48 -20.03
CA GLY B 372 9.15 -18.04 -20.23
C GLY B 372 8.43 -17.34 -19.09
N LYS B 373 7.29 -17.88 -18.67
CA LYS B 373 6.57 -17.27 -17.56
C LYS B 373 7.30 -17.50 -16.25
N LEU B 374 8.05 -18.61 -16.12
CA LEU B 374 8.89 -18.78 -14.94
C LEU B 374 9.90 -17.64 -14.80
N ASN B 375 10.50 -17.20 -15.91
CA ASN B 375 11.49 -16.13 -15.81
C ASN B 375 10.82 -14.82 -15.38
N ARG B 376 9.65 -14.52 -15.95
CA ARG B 376 8.93 -13.30 -15.58
C ARG B 376 8.47 -13.35 -14.13
N VAL B 377 7.98 -14.51 -13.65
CA VAL B 377 7.53 -14.60 -12.28
C VAL B 377 8.70 -14.59 -11.30
N ILE B 378 9.88 -15.04 -11.72
CA ILE B 378 11.01 -15.21 -10.82
C ILE B 378 11.97 -14.01 -10.82
N GLU B 379 11.94 -13.16 -11.85
CA GLU B 379 12.89 -12.04 -11.89
C GLU B 379 12.32 -10.71 -11.42
N LYS B 380 11.00 -10.54 -11.41
CA LYS B 380 10.37 -9.29 -10.95
C LYS B 380 10.15 -9.38 -9.43
N THR B 381 11.26 -9.52 -8.68
CA THR B 381 11.18 -10.22 -7.40
C THR B 381 11.54 -9.41 -6.16
N ASN B 382 12.76 -8.93 -6.02
CA ASN B 382 13.27 -8.59 -4.70
C ASN B 382 12.91 -7.18 -4.24
N GLU B 383 12.41 -7.08 -3.01
CA GLU B 383 12.38 -5.83 -2.30
C GLU B 383 13.78 -5.51 -1.79
N LYS B 384 14.25 -4.28 -2.03
CA LYS B 384 15.64 -3.88 -1.73
C LYS B 384 15.73 -2.44 -1.20
N PHE B 385 14.95 -2.11 -0.16
CA PHE B 385 15.06 -0.79 0.46
C PHE B 385 14.96 -0.92 1.99
N HIS B 386 15.01 0.22 2.67
CA HIS B 386 15.14 0.23 4.12
C HIS B 386 13.84 -0.18 4.82
N GLN B 387 13.97 -0.71 6.03
CA GLN B 387 12.87 -1.34 6.75
C GLN B 387 12.65 -0.64 8.09
N ILE B 388 11.40 -0.27 8.36
CA ILE B 388 11.00 0.19 9.68
C ILE B 388 11.07 -0.97 10.67
N GLU B 389 10.94 -0.67 11.95
CA GLU B 389 10.79 -1.71 12.95
C GLU B 389 9.41 -2.38 12.79
N LYS B 390 9.37 -3.69 13.01
CA LYS B 390 8.12 -4.44 12.85
C LYS B 390 7.77 -5.28 14.07
N GLU B 391 8.59 -5.24 15.11
CA GLU B 391 8.26 -5.84 16.39
C GLU B 391 8.53 -4.81 17.48
N PHE B 392 7.70 -4.83 18.52
CA PHE B 392 7.77 -3.81 19.56
C PHE B 392 7.68 -4.44 20.94
N SER B 393 8.63 -4.08 21.80
CA SER B 393 8.66 -4.58 23.17
C SER B 393 7.80 -3.75 24.11
N GLU B 394 7.62 -2.46 23.85
CA GLU B 394 6.85 -1.57 24.70
C GLU B 394 5.61 -1.06 23.99
N VAL B 395 4.59 -0.75 24.80
CA VAL B 395 3.36 -0.12 24.33
C VAL B 395 3.57 1.38 24.20
N GLU B 396 3.28 1.94 23.01
CA GLU B 396 3.61 3.33 22.72
C GLU B 396 2.46 4.15 22.17
N GLY B 397 1.40 3.56 21.67
CA GLY B 397 0.27 4.35 21.19
C GLY B 397 0.43 4.72 19.73
N ARG B 398 0.18 5.98 19.42
CA ARG B 398 -0.15 6.43 18.06
C ARG B 398 0.85 5.95 17.01
N ILE B 399 2.13 6.25 17.20
CA ILE B 399 3.10 6.03 16.13
C ILE B 399 3.40 4.55 15.95
N GLN B 400 3.39 3.78 17.03
CA GLN B 400 3.55 2.35 16.89
C GLN B 400 2.36 1.73 16.18
N ASP B 401 1.14 2.22 16.48
CA ASP B 401 -0.04 1.76 15.77
C ASP B 401 0.06 2.01 14.27
N LEU B 402 0.59 3.17 13.89
CA LEU B 402 0.72 3.48 12.47
C LEU B 402 1.74 2.57 11.80
N GLU B 403 2.84 2.26 12.48
CA GLU B 403 3.82 1.33 11.92
C GLU B 403 3.22 -0.06 11.71
N LYS B 404 2.47 -0.56 12.69
CA LYS B 404 1.82 -1.87 12.55
C LYS B 404 0.80 -1.83 11.43
N TYR B 405 0.01 -0.76 11.37
CA TYR B 405 -1.01 -0.65 10.34
C TYR B 405 -0.40 -0.60 8.95
N VAL B 406 0.72 0.13 8.80
CA VAL B 406 1.40 0.19 7.50
C VAL B 406 1.87 -1.19 7.08
N GLU B 407 2.49 -1.92 8.02
CA GLU B 407 3.02 -3.25 7.69
C GLU B 407 1.89 -4.24 7.41
N ASP B 408 0.80 -4.17 8.18
CA ASP B 408 -0.32 -5.07 7.94
C ASP B 408 -0.97 -4.77 6.59
N THR B 409 -1.16 -3.50 6.27
CA THR B 409 -1.68 -3.13 4.96
C THR B 409 -0.78 -3.65 3.85
N LYS B 410 0.54 -3.52 4.03
CA LYS B 410 1.47 -3.96 3.00
C LYS B 410 1.36 -5.46 2.79
N ILE B 411 1.34 -6.23 3.87
CA ILE B 411 1.34 -7.69 3.77
C ILE B 411 0.04 -8.19 3.13
N ASP B 412 -1.10 -7.60 3.48
CA ASP B 412 -2.36 -8.04 2.87
C ASP B 412 -2.37 -7.74 1.38
N LEU B 413 -1.88 -6.57 0.98
CA LEU B 413 -1.82 -6.27 -0.44
C LEU B 413 -0.91 -7.25 -1.18
N TRP B 414 0.27 -7.54 -0.63
CA TRP B 414 1.18 -8.45 -1.32
C TRP B 414 0.66 -9.88 -1.29
N SER B 415 -0.03 -10.29 -0.22
CA SER B 415 -0.67 -11.59 -0.21
C SER B 415 -1.74 -11.69 -1.29
N TYR B 416 -2.52 -10.61 -1.48
CA TYR B 416 -3.51 -10.58 -2.55
C TYR B 416 -2.82 -10.69 -3.90
N ASN B 417 -1.77 -9.89 -4.13
CA ASN B 417 -1.03 -9.96 -5.39
C ASN B 417 -0.54 -11.37 -5.68
N ALA B 418 0.01 -12.03 -4.65
CA ALA B 418 0.56 -13.37 -4.82
C ALA B 418 -0.53 -14.37 -5.16
N GLU B 419 -1.68 -14.29 -4.48
CA GLU B 419 -2.79 -15.19 -4.75
C GLU B 419 -3.33 -15.02 -6.16
N LEU B 420 -3.56 -13.76 -6.57
CA LEU B 420 -4.07 -13.51 -7.91
C LEU B 420 -3.07 -13.94 -8.97
N LEU B 421 -1.77 -13.65 -8.76
CA LEU B 421 -0.77 -13.97 -9.77
C LEU B 421 -0.75 -15.47 -10.07
N VAL B 422 -0.78 -16.30 -9.03
CA VAL B 422 -0.72 -17.74 -9.23
C VAL B 422 -1.97 -18.24 -9.96
N ALA B 423 -3.14 -17.74 -9.57
CA ALA B 423 -4.38 -18.15 -10.22
C ALA B 423 -4.40 -17.74 -11.69
N LEU B 424 -3.96 -16.52 -12.01
CA LEU B 424 -3.93 -16.10 -13.40
C LEU B 424 -2.88 -16.88 -14.19
N GLU B 425 -1.69 -17.04 -13.62
CA GLU B 425 -0.63 -17.75 -14.33
C GLU B 425 -1.02 -19.20 -14.59
N ASN B 426 -1.63 -19.86 -13.61
CA ASN B 426 -2.02 -21.25 -13.77
C ASN B 426 -3.12 -21.42 -14.81
N GLN B 427 -4.11 -20.54 -14.79
CA GLN B 427 -5.13 -20.57 -15.84
C GLN B 427 -4.51 -20.42 -17.21
N HIS B 428 -3.52 -19.53 -17.35
CA HIS B 428 -2.90 -19.36 -18.65
C HIS B 428 -2.05 -20.57 -19.03
N THR B 429 -1.41 -21.20 -18.05
CA THR B 429 -0.60 -22.39 -18.36
C THR B 429 -1.49 -23.52 -18.86
N ILE B 430 -2.61 -23.76 -18.17
CA ILE B 430 -3.60 -24.74 -18.62
C ILE B 430 -4.06 -24.41 -20.03
N ASP B 431 -4.39 -23.15 -20.28
CA ASP B 431 -4.90 -22.76 -21.59
C ASP B 431 -3.85 -22.96 -22.66
N LEU B 432 -2.60 -22.61 -22.38
CA LEU B 432 -1.59 -22.68 -23.44
C LEU B 432 -1.23 -24.13 -23.76
N THR B 433 -1.23 -25.02 -22.76
CA THR B 433 -0.92 -26.41 -23.01
C THR B 433 -2.08 -27.09 -23.74
N ASP B 434 -3.32 -26.75 -23.38
CA ASP B 434 -4.46 -27.22 -24.16
C ASP B 434 -4.39 -26.71 -25.59
N SER B 435 -3.98 -25.46 -25.77
CA SER B 435 -3.92 -24.88 -27.11
C SER B 435 -2.91 -25.61 -28.00
N GLU B 436 -1.75 -25.96 -27.43
CA GLU B 436 -0.76 -26.69 -28.21
C GLU B 436 -1.31 -28.01 -28.71
N MET B 437 -2.11 -28.70 -27.89
CA MET B 437 -2.74 -29.95 -28.29
C MET B 437 -3.66 -29.74 -29.48
N ASN B 438 -4.50 -28.71 -29.40
CA ASN B 438 -5.42 -28.42 -30.48
C ASN B 438 -4.67 -28.01 -31.74
N LYS B 439 -3.57 -27.26 -31.59
CA LYS B 439 -2.82 -26.83 -32.77
C LYS B 439 -2.19 -28.01 -33.49
N LEU B 440 -1.69 -28.99 -32.73
CA LEU B 440 -1.12 -30.18 -33.35
C LEU B 440 -2.20 -30.97 -34.09
N PHE B 441 -3.39 -31.09 -33.48
CA PHE B 441 -4.49 -31.82 -34.10
C PHE B 441 -4.93 -31.16 -35.39
N GLU B 442 -5.09 -29.84 -35.37
CA GLU B 442 -5.47 -29.13 -36.59
C GLU B 442 -4.35 -29.21 -37.62
N LYS B 443 -3.10 -29.12 -37.19
CA LYS B 443 -1.99 -29.25 -38.13
C LYS B 443 -2.07 -30.59 -38.84
N THR B 444 -2.35 -31.66 -38.09
CA THR B 444 -2.46 -32.98 -38.67
C THR B 444 -3.66 -33.08 -39.61
N ARG B 445 -4.78 -32.45 -39.24
CA ARG B 445 -5.97 -32.53 -40.06
C ARG B 445 -5.76 -31.83 -41.40
N LYS B 446 -5.00 -30.73 -41.42
CA LYS B 446 -4.76 -30.04 -42.68
C LYS B 446 -3.93 -30.91 -43.62
N GLN B 447 -2.97 -31.65 -43.08
CA GLN B 447 -2.15 -32.55 -43.89
C GLN B 447 -2.99 -33.61 -44.58
N LEU B 448 -3.94 -34.19 -43.85
CA LEU B 448 -4.69 -35.33 -44.33
C LEU B 448 -5.70 -34.97 -45.40
N ARG B 449 -6.11 -33.70 -45.50
CA ARG B 449 -7.04 -33.23 -46.53
C ARG B 449 -8.27 -34.12 -46.57
N GLU B 450 -8.58 -34.69 -47.73
CA GLU B 450 -9.76 -35.52 -47.89
C GLU B 450 -9.48 -37.01 -47.67
N ASN B 451 -8.30 -37.36 -47.16
CA ASN B 451 -7.93 -38.76 -46.99
C ASN B 451 -8.29 -39.32 -45.63
N ALA B 452 -8.89 -38.52 -44.75
CA ALA B 452 -9.18 -38.95 -43.39
C ALA B 452 -10.45 -38.26 -42.90
N GLU B 453 -11.03 -38.84 -41.86
CA GLU B 453 -12.17 -38.26 -41.16
C GLU B 453 -11.88 -38.22 -39.67
N ASP B 454 -12.37 -37.16 -39.02
CA ASP B 454 -12.25 -36.96 -37.58
C ASP B 454 -13.23 -37.88 -36.86
N MET B 455 -12.72 -38.81 -36.05
CA MET B 455 -13.59 -39.73 -35.34
C MET B 455 -14.17 -39.14 -34.06
N GLY B 456 -13.73 -37.95 -33.66
CA GLY B 456 -14.31 -37.27 -32.53
C GLY B 456 -13.68 -37.58 -31.20
N ASN B 457 -12.72 -38.50 -31.13
CA ASN B 457 -12.09 -38.88 -29.89
C ASN B 457 -10.60 -38.51 -29.87
N GLY B 458 -10.20 -37.53 -30.68
CA GLY B 458 -8.80 -37.21 -30.84
C GLY B 458 -8.07 -38.08 -31.84
N CYS B 459 -8.78 -38.88 -32.63
CA CYS B 459 -8.16 -39.78 -33.60
C CYS B 459 -8.72 -39.51 -34.99
N PHE B 460 -7.90 -39.81 -35.99
CA PHE B 460 -8.34 -39.77 -37.39
C PHE B 460 -8.47 -41.19 -37.91
N LYS B 461 -9.51 -41.43 -38.69
CA LYS B 461 -9.59 -42.65 -39.49
C LYS B 461 -9.02 -42.32 -40.86
N ILE B 462 -7.89 -42.95 -41.19
CA ILE B 462 -7.23 -42.74 -42.46
C ILE B 462 -7.73 -43.80 -43.44
N TYR B 463 -8.31 -43.34 -44.55
CA TYR B 463 -9.04 -44.24 -45.45
C TYR B 463 -8.15 -44.81 -46.55
N HIS B 464 -6.90 -45.11 -46.24
CA HIS B 464 -6.03 -45.82 -47.15
C HIS B 464 -5.05 -46.63 -46.34
N LYS B 465 -4.44 -47.62 -46.99
CA LYS B 465 -3.39 -48.39 -46.34
C LYS B 465 -2.24 -47.46 -45.99
N CYS B 466 -1.79 -47.54 -44.74
CA CYS B 466 -0.94 -46.49 -44.18
C CYS B 466 0.11 -47.13 -43.26
N ASP B 467 1.20 -47.60 -43.87
CA ASP B 467 2.23 -48.29 -43.11
C ASP B 467 3.00 -47.30 -42.23
N ASN B 468 4.02 -47.83 -41.54
CA ASN B 468 4.75 -47.01 -40.58
C ASN B 468 5.49 -45.86 -41.25
N ALA B 469 6.05 -46.08 -42.43
CA ALA B 469 6.71 -44.99 -43.13
C ALA B 469 5.71 -43.91 -43.55
N CYS B 470 4.50 -44.33 -43.94
CA CYS B 470 3.47 -43.36 -44.26
C CYS B 470 3.04 -42.60 -43.00
N ILE B 471 2.83 -43.31 -41.90
CA ILE B 471 2.55 -42.64 -40.63
C ILE B 471 3.70 -41.70 -40.27
N GLY B 472 4.94 -42.13 -40.48
CA GLY B 472 6.08 -41.26 -40.22
C GLY B 472 6.06 -40.00 -41.06
N SER B 473 5.61 -40.11 -42.32
CA SER B 473 5.53 -38.91 -43.15
C SER B 473 4.50 -37.91 -42.59
N ILE B 474 3.44 -38.39 -41.94
CA ILE B 474 2.49 -37.47 -41.31
C ILE B 474 3.13 -36.77 -40.12
N ARG B 475 3.84 -37.53 -39.29
CA ARG B 475 4.57 -36.92 -38.19
C ARG B 475 5.70 -36.04 -38.71
N ASN B 476 6.16 -36.32 -39.92
CA ASN B 476 7.23 -35.57 -40.56
C ASN B 476 6.81 -34.20 -41.03
N GLY B 477 5.51 -34.01 -41.26
CA GLY B 477 5.08 -32.88 -42.04
C GLY B 477 5.36 -33.02 -43.52
N THR B 478 5.63 -34.25 -44.01
CA THR B 478 5.95 -34.47 -45.42
C THR B 478 4.92 -35.33 -46.15
N TYR B 479 3.81 -35.66 -45.50
CA TYR B 479 2.76 -36.46 -46.11
C TYR B 479 2.17 -35.74 -47.31
N ASP B 480 2.16 -36.43 -48.46
CA ASP B 480 1.61 -35.89 -49.69
C ASP B 480 0.23 -36.50 -49.90
N HIS B 481 -0.81 -35.71 -49.67
CA HIS B 481 -2.17 -36.24 -49.71
C HIS B 481 -2.54 -36.72 -51.11
N ASP B 482 -1.93 -36.14 -52.16
CA ASP B 482 -2.26 -36.54 -53.53
C ASP B 482 -1.90 -37.98 -53.83
N VAL B 483 -0.83 -38.51 -53.21
CA VAL B 483 -0.42 -39.88 -53.46
C VAL B 483 -1.53 -40.86 -53.12
N TYR B 484 -2.31 -40.55 -52.09
CA TYR B 484 -3.31 -41.47 -51.57
C TYR B 484 -4.73 -41.05 -51.87
N ARG B 485 -4.94 -39.90 -52.51
CA ARG B 485 -6.29 -39.33 -52.59
C ARG B 485 -7.23 -40.24 -53.35
N ASP B 486 -6.77 -40.82 -54.47
CA ASP B 486 -7.62 -41.72 -55.24
C ASP B 486 -8.07 -42.91 -54.40
N GLU B 487 -7.13 -43.59 -53.74
CA GLU B 487 -7.51 -44.71 -52.89
C GLU B 487 -8.44 -44.27 -51.76
N ALA B 488 -8.13 -43.13 -51.14
CA ALA B 488 -8.90 -42.70 -49.98
C ALA B 488 -10.33 -42.31 -50.36
N LEU B 489 -10.50 -41.51 -51.43
CA LEU B 489 -11.85 -41.16 -51.85
C LEU B 489 -12.65 -42.40 -52.23
N ASN B 490 -11.99 -43.41 -52.79
CA ASN B 490 -12.66 -44.67 -53.13
C ASN B 490 -13.18 -45.37 -51.88
N ASN B 491 -12.39 -45.37 -50.80
CA ASN B 491 -12.84 -46.00 -49.56
C ASN B 491 -13.87 -45.15 -48.83
N ARG B 492 -13.72 -43.81 -48.85
CA ARG B 492 -14.65 -42.97 -48.08
C ARG B 492 -16.05 -42.96 -48.69
N PHE B 493 -16.15 -42.75 -50.00
CA PHE B 493 -17.45 -42.48 -50.61
C PHE B 493 -17.93 -43.68 -51.41
N GLN B 494 -18.14 -44.79 -50.73
CA GLN B 494 -18.73 -46.00 -51.29
C GLN B 494 -20.10 -46.22 -50.64
N ILE B 495 -20.93 -47.05 -51.29
CA ILE B 495 -22.27 -47.29 -50.79
C ILE B 495 -22.35 -48.71 -50.21
N ASN C 1 -34.55 -37.51 -51.54
CA ASN C 1 -33.52 -36.57 -51.08
C ASN C 1 -34.03 -35.58 -50.04
N SER C 2 -34.56 -36.10 -48.94
CA SER C 2 -35.09 -35.25 -47.90
C SER C 2 -34.00 -34.93 -46.88
N THR C 3 -34.13 -33.77 -46.25
CA THR C 3 -33.13 -33.28 -45.32
C THR C 3 -33.79 -32.74 -44.07
N ALA C 4 -32.95 -32.42 -43.07
CA ALA C 4 -33.41 -31.87 -41.81
C ALA C 4 -32.40 -30.83 -41.34
N THR C 5 -32.86 -29.95 -40.46
CA THR C 5 -32.00 -28.93 -39.87
C THR C 5 -31.94 -29.09 -38.36
N LEU C 6 -30.73 -29.00 -37.84
CA LEU C 6 -30.47 -29.04 -36.40
C LEU C 6 -29.64 -27.81 -36.05
N CYS C 7 -30.23 -26.94 -35.23
CA CYS C 7 -29.59 -25.68 -34.81
C CYS C 7 -29.16 -25.75 -33.36
N LEU C 8 -27.99 -25.18 -33.10
CA LEU C 8 -27.43 -25.04 -31.77
C LEU C 8 -27.59 -23.60 -31.32
N GLY C 9 -27.96 -23.40 -30.07
CA GLY C 9 -28.13 -22.05 -29.58
C GLY C 9 -27.99 -21.96 -28.09
N HIS C 10 -28.03 -20.72 -27.60
CA HIS C 10 -27.96 -20.42 -26.19
C HIS C 10 -29.10 -19.48 -25.83
N HIS C 11 -29.36 -19.34 -24.53
CA HIS C 11 -30.55 -18.57 -24.15
C HIS C 11 -30.25 -17.07 -24.09
N ALA C 12 -31.32 -16.31 -23.99
CA ALA C 12 -31.21 -14.87 -23.81
C ALA C 12 -32.37 -14.43 -22.93
N VAL C 13 -32.21 -13.28 -22.31
CA VAL C 13 -33.23 -12.77 -21.40
C VAL C 13 -33.62 -11.37 -21.87
N PRO C 14 -34.84 -10.92 -21.56
CA PRO C 14 -35.23 -9.56 -21.97
C PRO C 14 -34.65 -8.45 -21.08
N ASN C 15 -34.19 -8.77 -19.87
CA ASN C 15 -33.71 -7.78 -18.91
C ASN C 15 -32.26 -8.07 -18.56
N GLY C 16 -31.35 -7.77 -19.49
CA GLY C 16 -29.94 -7.99 -19.24
C GLY C 16 -29.35 -6.95 -18.30
N THR C 17 -28.10 -7.18 -17.92
CA THR C 17 -27.35 -6.31 -17.02
C THR C 17 -26.02 -5.94 -17.66
N LEU C 18 -25.64 -4.67 -17.56
CA LEU C 18 -24.36 -4.21 -18.08
C LEU C 18 -23.26 -4.47 -17.07
N VAL C 19 -22.14 -5.03 -17.54
CA VAL C 19 -20.95 -5.20 -16.72
C VAL C 19 -19.74 -4.70 -17.50
N LYS C 20 -18.59 -4.68 -16.82
CA LYS C 20 -17.34 -4.22 -17.40
C LYS C 20 -16.41 -5.40 -17.66
N THR C 21 -15.64 -5.31 -18.73
CA THR C 21 -14.63 -6.33 -19.01
C THR C 21 -13.28 -5.67 -19.28
N ILE C 22 -12.31 -6.45 -19.74
CA ILE C 22 -11.04 -5.87 -20.14
C ILE C 22 -11.24 -4.97 -21.36
N THR C 23 -12.15 -5.36 -22.26
CA THR C 23 -12.38 -4.63 -23.49
C THR C 23 -13.32 -3.45 -23.32
N ASN C 24 -14.57 -3.72 -22.97
CA ASN C 24 -15.65 -2.74 -23.03
C ASN C 24 -16.06 -2.22 -21.66
N ASP C 25 -16.57 -0.99 -21.65
CA ASP C 25 -17.12 -0.40 -20.44
C ASP C 25 -18.48 -0.99 -20.09
N GLN C 26 -19.22 -1.43 -21.11
CA GLN C 26 -20.60 -1.90 -20.93
C GLN C 26 -20.83 -3.06 -21.89
N ILE C 27 -20.99 -4.26 -21.35
CA ILE C 27 -21.41 -5.41 -22.14
C ILE C 27 -22.56 -6.06 -21.39
N GLU C 28 -23.61 -6.41 -22.11
CA GLU C 28 -24.81 -6.92 -21.49
C GLU C 28 -24.67 -8.42 -21.29
N VAL C 29 -24.92 -8.89 -20.08
CA VAL C 29 -24.91 -10.30 -19.74
C VAL C 29 -26.29 -10.68 -19.21
N THR C 30 -26.53 -11.98 -19.10
CA THR C 30 -27.87 -12.38 -18.67
C THR C 30 -28.11 -12.11 -17.19
N ASN C 31 -27.05 -12.07 -16.40
CA ASN C 31 -27.22 -11.97 -14.95
C ASN C 31 -25.92 -11.50 -14.32
N ALA C 32 -26.04 -10.81 -13.20
CA ALA C 32 -24.85 -10.33 -12.50
C ALA C 32 -25.16 -10.18 -11.01
N THR C 33 -24.11 -10.08 -10.21
CA THR C 33 -24.25 -9.93 -8.78
C THR C 33 -23.37 -8.77 -8.29
N GLU C 34 -23.83 -8.09 -7.25
CA GLU C 34 -23.14 -6.93 -6.74
C GLU C 34 -22.04 -7.34 -5.77
N LEU C 35 -20.85 -6.74 -5.93
CA LEU C 35 -19.71 -7.04 -5.10
C LEU C 35 -19.37 -5.95 -4.09
N VAL C 36 -20.03 -4.79 -4.14
CA VAL C 36 -19.76 -3.68 -3.25
C VAL C 36 -20.95 -3.52 -2.31
N GLN C 37 -20.74 -3.78 -1.03
CA GLN C 37 -21.78 -3.50 -0.04
C GLN C 37 -21.91 -1.99 0.14
N SER C 38 -23.06 -1.45 -0.18
CA SER C 38 -23.23 -0.01 -0.18
C SER C 38 -24.31 0.49 0.77
N SER C 39 -24.99 -0.41 1.48
CA SER C 39 -26.06 -0.03 2.38
C SER C 39 -25.79 -0.58 3.77
N SER C 40 -26.35 0.11 4.77
CA SER C 40 -26.30 -0.35 6.16
C SER C 40 -27.71 -0.32 6.73
N THR C 41 -27.94 -1.16 7.74
CA THR C 41 -29.21 -1.10 8.46
C THR C 41 -29.35 0.19 9.24
N GLY C 42 -28.24 0.86 9.55
CA GLY C 42 -28.26 2.04 10.39
C GLY C 42 -28.18 1.73 11.86
N ARG C 43 -28.07 0.46 12.22
CA ARG C 43 -28.15 -0.06 13.57
C ARG C 43 -26.89 -0.86 13.87
N ILE C 44 -26.33 -0.67 15.05
CA ILE C 44 -25.16 -1.43 15.48
C ILE C 44 -25.63 -2.68 16.22
N CYS C 45 -25.36 -3.86 15.65
CA CYS C 45 -25.79 -5.10 16.27
C CYS C 45 -24.97 -5.41 17.51
N ASP C 46 -25.65 -5.79 18.61
CA ASP C 46 -24.98 -6.06 19.87
C ASP C 46 -24.35 -7.44 19.94
N SER C 47 -24.40 -8.21 18.86
CA SER C 47 -23.79 -9.53 18.79
C SER C 47 -23.03 -9.66 17.48
N PRO C 48 -21.96 -10.48 17.42
CA PRO C 48 -21.43 -11.28 18.53
C PRO C 48 -20.36 -10.58 19.36
N HIS C 49 -20.10 -9.31 19.03
CA HIS C 49 -19.09 -8.54 19.76
C HIS C 49 -19.70 -7.85 20.97
N ARG C 50 -18.90 -7.73 22.03
CA ARG C 50 -19.33 -7.04 23.24
C ARG C 50 -19.30 -5.54 23.00
N ILE C 51 -20.47 -4.94 22.81
CA ILE C 51 -20.58 -3.51 22.57
C ILE C 51 -20.84 -2.81 23.89
N LEU C 52 -20.15 -1.69 24.12
CA LEU C 52 -20.31 -0.86 25.31
C LEU C 52 -20.67 0.55 24.86
N ASP C 53 -21.89 0.98 25.13
CA ASP C 53 -22.35 2.30 24.72
C ASP C 53 -21.89 3.33 25.75
N GLY C 54 -20.99 4.23 25.36
CA GLY C 54 -20.50 5.25 26.27
C GLY C 54 -21.55 6.27 26.64
N LYS C 55 -22.58 6.43 25.81
CA LYS C 55 -23.72 7.31 26.07
C LYS C 55 -23.26 8.73 26.34
N ASN C 56 -23.28 9.13 27.61
CA ASN C 56 -22.89 10.47 28.00
C ASN C 56 -21.40 10.59 28.36
N CYS C 57 -20.64 9.50 28.31
CA CYS C 57 -19.27 9.47 28.81
C CYS C 57 -18.28 9.14 27.71
N THR C 58 -17.21 9.92 27.62
CA THR C 58 -16.05 9.50 26.86
C THR C 58 -15.29 8.41 27.61
N LEU C 59 -14.45 7.67 26.87
CA LEU C 59 -13.67 6.61 27.50
C LEU C 59 -12.76 7.17 28.58
N ILE C 60 -12.16 8.34 28.35
CA ILE C 60 -11.25 8.92 29.33
C ILE C 60 -12.00 9.34 30.59
N ASP C 61 -13.21 9.90 30.43
CA ASP C 61 -14.00 10.28 31.60
C ASP C 61 -14.39 9.05 32.43
N ALA C 62 -14.72 7.94 31.76
CA ALA C 62 -14.98 6.70 32.48
C ALA C 62 -13.71 6.18 33.14
N LEU C 63 -12.56 6.39 32.50
CA LEU C 63 -11.29 5.99 33.10
C LEU C 63 -10.99 6.80 34.35
N LEU C 64 -11.06 8.13 34.25
CA LEU C 64 -10.74 8.98 35.40
C LEU C 64 -11.76 8.83 36.52
N GLY C 65 -13.03 8.61 36.20
CA GLY C 65 -14.05 8.45 37.23
C GLY C 65 -14.91 9.68 37.44
N ASP C 66 -15.29 10.33 36.35
CA ASP C 66 -16.31 11.36 36.39
C ASP C 66 -17.57 10.80 37.06
N PRO C 67 -18.16 11.50 38.05
CA PRO C 67 -19.29 10.92 38.79
C PRO C 67 -20.40 10.35 37.92
N HIS C 68 -20.83 11.05 36.87
CA HIS C 68 -21.88 10.45 36.04
C HIS C 68 -21.38 9.30 35.19
N CYS C 69 -20.10 8.93 35.29
CA CYS C 69 -19.54 7.76 34.63
C CYS C 69 -19.22 6.64 35.62
N ASP C 70 -19.74 6.72 36.84
CA ASP C 70 -19.46 5.70 37.85
C ASP C 70 -19.95 4.33 37.41
N GLY C 71 -21.04 4.27 36.65
CA GLY C 71 -21.56 3.00 36.19
C GLY C 71 -20.64 2.24 35.25
N PHE C 72 -19.63 2.90 34.69
CA PHE C 72 -18.67 2.27 33.79
C PHE C 72 -17.50 1.60 34.51
N GLN C 73 -17.47 1.67 35.85
CA GLN C 73 -16.35 1.11 36.60
C GLN C 73 -16.18 -0.38 36.33
N ASN C 74 -14.93 -0.77 36.02
CA ASN C 74 -14.49 -2.16 35.84
C ASN C 74 -15.13 -2.86 34.65
N GLU C 75 -15.78 -2.11 33.76
CA GLU C 75 -16.38 -2.71 32.59
C GLU C 75 -15.34 -3.04 31.52
N LYS C 76 -15.65 -4.04 30.71
CA LYS C 76 -14.84 -4.45 29.57
C LYS C 76 -15.67 -4.28 28.30
N TRP C 77 -14.99 -4.36 27.15
CA TRP C 77 -15.67 -4.18 25.88
C TRP C 77 -14.84 -4.80 24.77
N ASP C 78 -15.53 -5.19 23.71
CA ASP C 78 -14.86 -5.38 22.42
C ASP C 78 -14.83 -4.09 21.64
N LEU C 79 -15.95 -3.36 21.60
CA LEU C 79 -16.00 -2.07 20.93
C LEU C 79 -16.65 -1.05 21.85
N PHE C 80 -15.92 0.01 22.18
CA PHE C 80 -16.47 1.13 22.92
C PHE C 80 -17.03 2.14 21.93
N VAL C 81 -18.28 2.54 22.11
CA VAL C 81 -18.95 3.45 21.20
C VAL C 81 -19.09 4.80 21.91
N GLU C 82 -18.38 5.81 21.42
CA GLU C 82 -18.45 7.17 21.97
C GLU C 82 -19.48 7.98 21.19
N ARG C 83 -20.36 8.65 21.92
CA ARG C 83 -21.42 9.45 21.33
C ARG C 83 -20.98 10.91 21.25
N SER C 84 -21.50 11.61 20.25
CA SER C 84 -21.19 13.03 20.07
C SER C 84 -21.76 13.89 21.17
N LYS C 85 -22.80 13.42 21.87
CA LYS C 85 -23.42 14.18 22.94
C LYS C 85 -22.65 14.12 24.25
N ALA C 86 -21.58 13.33 24.31
CA ALA C 86 -20.84 13.18 25.55
C ALA C 86 -20.30 14.51 26.06
N PHE C 87 -20.14 14.60 27.37
CA PHE C 87 -19.68 15.83 28.02
C PHE C 87 -19.03 15.48 29.34
N SER C 88 -18.19 16.39 29.83
CA SER C 88 -17.55 16.27 31.12
C SER C 88 -18.29 17.10 32.16
N ASN C 89 -18.35 16.58 33.38
CA ASN C 89 -19.07 17.22 34.46
C ASN C 89 -18.31 17.08 35.76
N CYS C 90 -16.98 17.22 35.69
CA CYS C 90 -16.13 17.15 36.87
C CYS C 90 -15.12 18.28 36.83
N TYR C 91 -13.96 18.10 37.47
CA TYR C 91 -12.94 19.13 37.49
C TYR C 91 -12.40 19.34 36.08
N PRO C 92 -12.26 20.58 35.62
CA PRO C 92 -11.71 20.80 34.27
C PRO C 92 -10.29 20.26 34.16
N TYR C 93 -10.04 19.51 33.09
CA TYR C 93 -8.77 18.82 32.92
C TYR C 93 -8.36 18.84 31.46
N ASP C 94 -7.08 18.53 31.24
CA ASP C 94 -6.57 18.29 29.90
C ASP C 94 -5.61 17.10 29.97
N VAL C 95 -5.44 16.42 28.85
CA VAL C 95 -4.55 15.28 28.81
C VAL C 95 -3.54 15.47 27.68
N PRO C 96 -2.28 15.78 27.99
CA PRO C 96 -1.25 15.77 26.95
C PRO C 96 -1.20 14.41 26.29
N ASP C 97 -1.25 14.40 24.95
CA ASP C 97 -1.33 13.16 24.17
C ASP C 97 -2.60 12.38 24.57
N TYR C 98 -3.72 13.09 24.57
CA TYR C 98 -5.02 12.47 24.85
C TYR C 98 -5.27 11.27 23.95
N ALA C 99 -5.03 11.44 22.64
CA ALA C 99 -5.32 10.40 21.68
C ALA C 99 -4.57 9.10 22.00
N SER C 100 -3.33 9.22 22.49
CA SER C 100 -2.57 8.02 22.80
C SER C 100 -3.11 7.31 24.02
N LEU C 101 -3.51 8.07 25.04
CA LEU C 101 -4.10 7.45 26.23
C LEU C 101 -5.45 6.82 25.89
N ARG C 102 -6.28 7.53 25.13
CA ARG C 102 -7.55 6.98 24.68
C ARG C 102 -7.34 5.70 23.86
N SER C 103 -6.33 5.69 23.00
CA SER C 103 -6.11 4.54 22.13
C SER C 103 -5.65 3.32 22.92
N LEU C 104 -4.72 3.49 23.85
CA LEU C 104 -4.19 2.32 24.56
C LEU C 104 -5.21 1.75 25.53
N VAL C 105 -6.06 2.59 26.12
CA VAL C 105 -7.14 2.08 26.96
C VAL C 105 -8.16 1.34 26.12
N ALA C 106 -8.55 1.92 24.98
CA ALA C 106 -9.48 1.27 24.06
C ALA C 106 -8.96 -0.09 23.63
N SER C 107 -7.69 -0.16 23.23
CA SER C 107 -7.12 -1.42 22.76
C SER C 107 -7.04 -2.44 23.90
N SER C 108 -6.80 -1.99 25.12
CA SER C 108 -6.79 -2.89 26.27
C SER C 108 -8.16 -3.52 26.48
N GLY C 109 -9.22 -2.74 26.27
CA GLY C 109 -10.57 -3.28 26.31
C GLY C 109 -11.14 -3.50 27.69
N THR C 110 -10.57 -2.91 28.72
CA THR C 110 -11.05 -3.13 30.07
C THR C 110 -10.74 -1.92 30.93
N LEU C 111 -11.67 -1.60 31.83
CA LEU C 111 -11.46 -0.59 32.87
C LEU C 111 -11.25 -1.24 34.24
N GLU C 112 -10.87 -2.52 34.26
CA GLU C 112 -10.62 -3.23 35.51
C GLU C 112 -9.58 -2.48 36.33
N PHE C 113 -9.92 -2.22 37.59
CA PHE C 113 -9.10 -1.40 38.47
C PHE C 113 -8.84 -2.12 39.78
N ILE C 114 -7.59 -2.05 40.24
CA ILE C 114 -7.15 -2.71 41.47
C ILE C 114 -6.64 -1.62 42.40
N ASN C 115 -7.35 -1.40 43.51
CA ASN C 115 -6.89 -0.45 44.51
C ASN C 115 -5.65 -0.97 45.22
N GLU C 116 -4.74 -0.06 45.55
CA GLU C 116 -3.52 -0.39 46.29
C GLU C 116 -3.32 0.59 47.45
N GLY C 117 -2.66 0.09 48.50
CA GLY C 117 -2.42 0.90 49.67
C GLY C 117 -1.17 1.75 49.62
N PHE C 118 -1.31 3.00 49.20
CA PHE C 118 -0.22 3.97 49.21
C PHE C 118 -0.10 4.63 50.58
N ASN C 119 1.13 4.98 50.94
CA ASN C 119 1.45 5.62 52.23
C ASN C 119 1.52 7.13 52.03
N TRP C 120 0.39 7.80 52.26
CA TRP C 120 0.30 9.25 52.19
C TRP C 120 0.32 9.89 53.57
N THR C 121 1.24 9.46 54.43
CA THR C 121 1.37 10.06 55.75
C THR C 121 1.95 11.47 55.63
N GLY C 122 1.32 12.43 56.29
CA GLY C 122 1.77 13.80 56.28
C GLY C 122 0.95 14.71 55.41
N VAL C 123 0.03 14.18 54.61
CA VAL C 123 -0.82 14.99 53.74
C VAL C 123 -2.27 14.56 53.92
N THR C 124 -3.18 15.46 53.57
CA THR C 124 -4.60 15.15 53.56
C THR C 124 -4.97 14.52 52.22
N GLN C 125 -5.75 13.44 52.28
CA GLN C 125 -6.17 12.72 51.08
C GLN C 125 -7.59 13.11 50.70
N SER C 126 -7.97 12.71 49.48
CA SER C 126 -9.36 12.78 49.00
C SER C 126 -9.86 14.22 48.94
N GLY C 127 -9.03 15.11 48.38
CA GLY C 127 -9.48 16.46 48.13
C GLY C 127 -10.59 16.48 47.08
N GLY C 128 -11.56 17.37 47.30
CA GLY C 128 -12.72 17.46 46.44
C GLY C 128 -12.92 18.87 45.89
N SER C 129 -14.00 19.01 45.13
CA SER C 129 -14.34 20.29 44.51
C SER C 129 -15.84 20.32 44.21
N TYR C 130 -16.41 21.52 44.20
CA TYR C 130 -17.83 21.68 43.92
C TYR C 130 -18.18 21.51 42.44
N THR C 131 -17.21 21.60 41.54
CA THR C 131 -17.50 21.36 40.13
C THR C 131 -17.61 19.88 39.80
N CYS C 132 -17.29 19.00 40.75
CA CYS C 132 -17.34 17.56 40.56
C CYS C 132 -18.23 16.97 41.65
N LYS C 133 -19.53 17.23 41.54
CA LYS C 133 -20.51 16.77 42.52
C LYS C 133 -20.81 15.29 42.33
N ARG C 134 -20.80 14.54 43.43
CA ARG C 134 -21.27 13.16 43.45
C ARG C 134 -22.36 13.06 44.51
N GLY C 135 -23.62 13.03 44.08
CA GLY C 135 -24.72 13.04 45.03
C GLY C 135 -25.02 14.41 45.61
N SER C 136 -24.68 14.63 46.86
CA SER C 136 -24.97 15.91 47.49
C SER C 136 -23.73 16.70 47.87
N ASN C 137 -22.57 16.05 47.93
CA ASN C 137 -21.37 16.67 48.48
C ASN C 137 -20.27 16.75 47.43
N ASN C 138 -19.47 17.81 47.54
CA ASN C 138 -18.26 17.95 46.74
C ASN C 138 -17.47 16.65 46.71
N SER C 139 -16.96 16.31 45.53
CA SER C 139 -16.28 15.05 45.32
C SER C 139 -15.20 15.26 44.28
N PHE C 140 -14.79 14.18 43.63
CA PHE C 140 -13.64 14.21 42.73
C PHE C 140 -13.67 12.94 41.89
N PHE C 141 -12.73 12.86 40.95
CA PHE C 141 -12.56 11.66 40.14
C PHE C 141 -12.38 10.44 41.02
N SER C 142 -13.20 9.42 40.78
CA SER C 142 -13.21 8.26 41.67
C SER C 142 -11.87 7.56 41.73
N ARG C 143 -11.10 7.62 40.65
CA ARG C 143 -9.84 6.89 40.55
C ARG C 143 -8.63 7.76 40.84
N LEU C 144 -8.83 9.03 41.16
CA LEU C 144 -7.74 9.94 41.48
C LEU C 144 -7.86 10.42 42.92
N ASN C 145 -6.72 10.81 43.49
CA ASN C 145 -6.61 11.17 44.90
C ASN C 145 -5.96 12.54 45.02
N TRP C 146 -6.75 13.55 45.36
CA TRP C 146 -6.23 14.91 45.49
C TRP C 146 -5.57 15.07 46.87
N LEU C 147 -4.24 15.12 46.89
CA LEU C 147 -3.49 15.32 48.12
C LEU C 147 -3.21 16.80 48.36
N TYR C 148 -3.21 17.18 49.62
CA TYR C 148 -2.91 18.57 50.01
C TYR C 148 -2.44 18.57 51.48
N GLU C 149 -2.34 19.77 52.06
CA GLU C 149 -1.65 19.97 53.34
C GLU C 149 -2.30 19.17 54.46
N SER C 150 -1.46 18.76 55.42
CA SER C 150 -1.91 18.22 56.70
C SER C 150 -1.25 19.01 57.81
N GLU C 151 -2.06 19.66 58.65
CA GLU C 151 -1.56 20.49 59.77
C GLU C 151 -0.62 21.59 59.29
N SER C 152 -1.01 22.25 58.20
CA SER C 152 -0.21 23.32 57.60
C SER C 152 1.18 22.82 57.22
N LYS C 153 1.27 21.56 56.79
CA LYS C 153 2.53 20.99 56.31
C LYS C 153 2.26 20.07 55.13
N TYR C 154 3.13 20.16 54.12
CA TYR C 154 3.15 19.23 52.99
C TYR C 154 4.58 18.74 52.89
N PRO C 155 4.92 17.67 53.61
CA PRO C 155 6.28 17.13 53.54
C PRO C 155 6.57 16.57 52.17
N VAL C 156 7.86 16.50 51.84
CA VAL C 156 8.23 15.92 50.55
C VAL C 156 7.84 14.46 50.55
N LEU C 157 6.90 14.09 49.68
CA LEU C 157 6.45 12.71 49.64
C LEU C 157 7.44 11.89 48.83
N ASN C 158 7.74 10.66 49.31
CA ASN C 158 8.66 9.72 48.63
C ASN C 158 8.02 8.35 48.85
N VAL C 159 7.09 8.00 47.97
CA VAL C 159 6.24 6.82 48.15
C VAL C 159 6.53 5.80 47.04
N THR C 160 6.59 4.53 47.41
CA THR C 160 6.96 3.47 46.49
C THR C 160 5.81 2.48 46.34
N MET C 161 5.78 1.81 45.19
CA MET C 161 4.79 0.75 44.92
C MET C 161 5.42 -0.25 43.97
N PRO C 162 5.89 -1.38 44.48
CA PRO C 162 6.50 -2.39 43.60
C PRO C 162 5.46 -3.16 42.82
N ASN C 163 5.86 -3.58 41.62
CA ASN C 163 5.05 -4.46 40.78
C ASN C 163 5.60 -5.88 40.95
N ASN C 164 4.94 -6.65 41.81
CA ASN C 164 5.34 -8.03 42.08
C ASN C 164 4.50 -9.04 41.33
N GLY C 165 3.56 -8.59 40.50
CA GLY C 165 2.71 -9.48 39.74
C GLY C 165 3.37 -9.90 38.43
N LYS C 166 2.56 -10.54 37.59
CA LYS C 166 3.01 -11.02 36.29
C LYS C 166 2.36 -10.28 35.13
N PHE C 167 1.70 -9.15 35.39
CA PHE C 167 1.08 -8.36 34.34
C PHE C 167 1.51 -6.90 34.48
N ASP C 168 1.33 -6.15 33.40
CA ASP C 168 1.66 -4.74 33.41
C ASP C 168 0.63 -3.93 34.21
N LYS C 169 1.09 -2.83 34.78
CA LYS C 169 0.25 -1.93 35.57
C LYS C 169 0.19 -0.56 34.89
N LEU C 170 -1.02 -0.06 34.69
CA LEU C 170 -1.23 1.28 34.15
C LEU C 170 -1.66 2.21 35.28
N TYR C 171 -0.82 3.20 35.58
CA TYR C 171 -1.12 4.18 36.61
C TYR C 171 -1.54 5.49 35.96
N ILE C 172 -2.68 6.01 36.39
CA ILE C 172 -3.16 7.33 35.96
C ILE C 172 -2.98 8.29 37.12
N TRP C 173 -2.29 9.40 36.87
CA TRP C 173 -2.04 10.39 37.89
C TRP C 173 -2.09 11.77 37.24
N GLY C 174 -1.94 12.81 38.04
CA GLY C 174 -2.16 14.13 37.51
C GLY C 174 -1.46 15.20 38.33
N ILE C 175 -1.57 16.44 37.85
CA ILE C 175 -1.02 17.59 38.54
C ILE C 175 -2.03 18.72 38.53
N HIS C 176 -2.23 19.35 39.68
CA HIS C 176 -3.17 20.44 39.83
C HIS C 176 -2.47 21.76 39.52
N HIS C 177 -3.08 22.56 38.63
CA HIS C 177 -2.60 23.88 38.29
C HIS C 177 -3.53 24.92 38.92
N PRO C 178 -3.22 25.41 40.12
CA PRO C 178 -4.07 26.42 40.74
C PRO C 178 -4.05 27.73 39.98
N SER C 179 -5.12 28.51 40.15
CA SER C 179 -5.28 29.77 39.44
C SER C 179 -4.64 30.94 40.17
N THR C 180 -4.56 30.90 41.50
CA THR C 180 -3.99 32.00 42.27
C THR C 180 -2.94 31.49 43.24
N ASP C 181 -2.13 32.43 43.74
CA ASP C 181 -1.11 32.11 44.73
C ASP C 181 -1.73 31.66 46.05
N LYS C 182 -2.83 32.30 46.47
CA LYS C 182 -3.51 31.89 47.69
C LYS C 182 -3.91 30.42 47.60
N GLU C 183 -4.56 30.05 46.49
CA GLU C 183 -4.94 28.66 46.27
C GLU C 183 -3.73 27.75 46.34
N GLN C 184 -2.63 28.12 45.68
CA GLN C 184 -1.43 27.30 45.68
C GLN C 184 -0.91 27.11 47.11
N THR C 185 -0.75 28.21 47.85
CA THR C 185 -0.15 28.14 49.18
C THR C 185 -1.08 27.54 50.22
N ASN C 186 -2.40 27.78 50.10
CA ASN C 186 -3.35 27.18 51.03
C ASN C 186 -3.30 25.66 50.97
N LEU C 187 -3.35 25.09 49.76
CA LEU C 187 -3.35 23.64 49.60
C LEU C 187 -1.94 23.08 49.71
N TYR C 188 -0.98 23.71 49.04
CA TYR C 188 0.41 23.27 49.01
C TYR C 188 1.26 24.42 49.53
N ILE C 189 1.91 24.21 50.67
CA ILE C 189 2.44 25.34 51.45
C ILE C 189 3.37 26.21 50.64
N ARG C 190 4.23 25.59 49.84
CA ARG C 190 5.21 26.37 49.12
C ARG C 190 4.55 27.07 47.94
N ALA C 191 5.19 28.14 47.47
CA ALA C 191 4.62 28.89 46.36
C ALA C 191 4.72 28.16 45.03
N SER C 192 5.45 27.04 44.98
CA SER C 192 5.53 26.23 43.78
C SER C 192 5.88 24.81 44.16
N GLY C 193 5.37 23.86 43.36
CA GLY C 193 5.57 22.45 43.65
C GLY C 193 6.19 21.73 42.46
N ARG C 194 6.61 20.49 42.72
CA ARG C 194 7.24 19.63 41.74
C ARG C 194 6.71 18.22 41.89
N VAL C 195 6.63 17.50 40.77
CA VAL C 195 6.26 16.08 40.77
C VAL C 195 7.23 15.34 39.87
N THR C 196 7.82 14.27 40.40
CA THR C 196 8.61 13.34 39.60
C THR C 196 8.09 11.93 39.84
N VAL C 197 7.61 11.29 38.78
CA VAL C 197 7.18 9.90 38.83
C VAL C 197 8.15 9.10 37.97
N SER C 198 8.79 8.09 38.55
CA SER C 198 9.87 7.41 37.84
C SER C 198 9.77 5.90 38.04
N THR C 199 10.42 5.17 37.14
CA THR C 199 10.61 3.73 37.26
C THR C 199 12.09 3.42 37.03
N LYS C 200 12.43 2.15 36.88
CA LYS C 200 13.81 1.79 36.55
C LYS C 200 14.24 2.31 35.18
N ARG C 201 13.29 2.47 34.25
CA ARG C 201 13.62 2.79 32.87
C ARG C 201 13.04 4.12 32.41
N SER C 202 12.29 4.81 33.26
CA SER C 202 11.64 6.05 32.84
C SER C 202 11.51 6.98 34.04
N GLN C 203 11.39 8.26 33.74
CA GLN C 203 11.15 9.29 34.74
C GLN C 203 10.40 10.43 34.08
N GLN C 204 9.41 10.98 34.79
CA GLN C 204 8.60 12.09 34.30
C GLN C 204 8.52 13.17 35.35
N THR C 205 8.96 14.38 35.01
CA THR C 205 8.90 15.54 35.88
C THR C 205 8.03 16.59 35.22
N VAL C 206 7.10 17.15 36.00
CA VAL C 206 6.20 18.17 35.47
C VAL C 206 6.05 19.29 36.50
N ILE C 207 5.99 20.51 36.00
CA ILE C 207 5.95 21.73 36.81
C ILE C 207 4.57 22.34 36.69
N PRO C 208 3.85 22.54 37.79
CA PRO C 208 2.61 23.32 37.72
C PRO C 208 2.89 24.76 37.35
N ASN C 209 1.95 25.35 36.63
CA ASN C 209 2.02 26.75 36.21
C ASN C 209 0.87 27.48 36.89
N ILE C 210 1.17 28.13 38.01
CA ILE C 210 0.14 28.84 38.75
C ILE C 210 -0.40 29.96 37.86
N GLY C 211 -1.70 30.11 37.84
CA GLY C 211 -2.30 31.16 37.03
C GLY C 211 -3.67 30.81 36.49
N SER C 212 -4.37 31.85 36.09
CA SER C 212 -5.73 31.73 35.55
C SER C 212 -5.70 31.29 34.09
N ARG C 213 -6.52 30.31 33.77
CA ARG C 213 -6.88 29.88 32.43
C ARG C 213 -8.33 30.21 32.15
N PRO C 214 -8.75 30.25 30.88
CA PRO C 214 -10.14 30.58 30.57
C PRO C 214 -11.14 29.74 31.37
N TRP C 215 -12.25 30.37 31.72
CA TRP C 215 -13.28 29.79 32.57
C TRP C 215 -13.89 28.55 31.92
N VAL C 216 -13.85 27.42 32.63
CA VAL C 216 -14.47 26.18 32.18
C VAL C 216 -15.22 25.57 33.36
N ARG C 217 -16.55 25.48 33.22
CA ARG C 217 -17.43 24.91 34.25
C ARG C 217 -17.14 25.51 35.63
N GLY C 218 -17.13 26.84 35.69
CA GLY C 218 -17.07 27.53 36.95
C GLY C 218 -15.70 27.65 37.58
N LEU C 219 -14.65 27.23 36.90
CA LEU C 219 -13.31 27.28 37.47
C LEU C 219 -12.32 27.82 36.45
N SER C 220 -11.22 28.35 36.98
CA SER C 220 -10.09 28.77 36.17
C SER C 220 -8.84 27.93 36.43
N SER C 221 -8.89 26.96 37.34
CA SER C 221 -7.80 26.04 37.57
C SER C 221 -7.92 24.84 36.63
N ARG C 222 -6.86 24.05 36.57
CA ARG C 222 -6.81 22.90 35.69
C ARG C 222 -6.08 21.75 36.38
N ILE C 223 -6.39 20.54 35.92
CA ILE C 223 -5.64 19.35 36.25
C ILE C 223 -5.11 18.75 34.95
N SER C 224 -3.82 18.45 34.92
CA SER C 224 -3.19 17.81 33.78
C SER C 224 -2.98 16.33 34.10
N ILE C 225 -3.44 15.46 33.20
CA ILE C 225 -3.44 14.01 33.43
C ILE C 225 -2.23 13.41 32.73
N TYR C 226 -1.53 12.53 33.43
CA TYR C 226 -0.41 11.78 32.88
C TYR C 226 -0.58 10.32 33.23
N TRP C 227 0.18 9.46 32.56
CA TRP C 227 0.09 8.03 32.82
C TRP C 227 1.48 7.42 32.77
N THR C 228 1.62 6.27 33.43
CA THR C 228 2.88 5.57 33.53
C THR C 228 2.59 4.08 33.56
N ILE C 229 3.31 3.31 32.75
CA ILE C 229 3.18 1.85 32.72
C ILE C 229 4.36 1.24 33.47
N VAL C 230 4.07 0.35 34.40
CA VAL C 230 5.08 -0.29 35.23
C VAL C 230 5.11 -1.77 34.92
N LYS C 231 6.23 -2.25 34.38
CA LYS C 231 6.36 -3.65 34.01
C LYS C 231 6.51 -4.52 35.26
N PRO C 232 6.22 -5.82 35.15
CA PRO C 232 6.52 -6.73 36.25
C PRO C 232 8.01 -6.68 36.59
N GLY C 233 8.30 -6.68 37.89
CA GLY C 233 9.66 -6.53 38.37
C GLY C 233 10.16 -5.11 38.44
N ASP C 234 9.43 -4.15 37.89
CA ASP C 234 9.79 -2.75 37.99
C ASP C 234 9.12 -2.14 39.23
N ILE C 235 9.41 -0.86 39.50
CA ILE C 235 8.96 -0.20 40.72
C ILE C 235 8.51 1.21 40.37
N LEU C 236 7.34 1.60 40.87
CA LEU C 236 6.87 2.98 40.78
C LEU C 236 7.42 3.78 41.95
N LEU C 237 7.97 4.95 41.66
CA LEU C 237 8.48 5.85 42.69
C LEU C 237 7.90 7.23 42.45
N ILE C 238 7.21 7.76 43.46
CA ILE C 238 6.54 9.05 43.38
C ILE C 238 7.23 10.00 44.34
N ASN C 239 7.69 11.14 43.82
CA ASN C 239 8.28 12.20 44.62
C ASN C 239 7.54 13.49 44.29
N SER C 240 6.99 14.14 45.32
CA SER C 240 6.21 15.35 45.12
C SER C 240 6.31 16.26 46.33
N THR C 241 6.22 17.56 46.08
CA THR C 241 6.12 18.55 47.14
C THR C 241 4.86 19.39 47.02
N GLY C 242 3.88 18.92 46.27
CA GLY C 242 2.63 19.63 46.11
C GLY C 242 2.08 19.43 44.71
N ASN C 243 0.80 19.71 44.56
CA ASN C 243 0.07 19.73 43.30
C ASN C 243 -0.11 18.33 42.72
N LEU C 244 0.23 17.29 43.46
CA LEU C 244 0.11 15.93 42.96
C LEU C 244 -1.33 15.44 43.06
N ILE C 245 -1.87 14.96 41.94
CA ILE C 245 -3.11 14.22 41.93
C ILE C 245 -2.73 12.75 41.88
N ALA C 246 -2.83 12.08 43.02
CA ALA C 246 -2.23 10.76 43.19
C ALA C 246 -3.13 9.67 42.61
N PRO C 247 -2.55 8.54 42.19
CA PRO C 247 -3.36 7.39 41.80
C PRO C 247 -3.83 6.62 43.02
N ARG C 248 -5.01 6.00 42.89
CA ARG C 248 -5.54 5.13 43.92
C ARG C 248 -5.22 3.67 43.68
N GLY C 249 -4.41 3.38 42.67
CA GLY C 249 -4.14 2.04 42.23
C GLY C 249 -3.74 2.08 40.76
N TYR C 250 -3.89 0.93 40.11
CA TYR C 250 -3.55 0.81 38.70
C TYR C 250 -4.70 0.18 37.93
N PHE C 251 -4.76 0.50 36.64
CA PHE C 251 -5.62 -0.20 35.71
C PHE C 251 -4.88 -1.37 35.08
N LYS C 252 -5.56 -2.50 34.96
CA LYS C 252 -5.03 -3.60 34.15
C LYS C 252 -4.98 -3.19 32.68
N ILE C 253 -3.86 -3.48 32.04
CA ILE C 253 -3.68 -3.18 30.62
C ILE C 253 -3.46 -4.49 29.88
N ARG C 254 -4.37 -4.81 28.96
CA ARG C 254 -4.36 -6.08 28.24
C ARG C 254 -3.99 -5.85 26.79
N THR C 255 -3.69 -6.96 26.12
CA THR C 255 -3.43 -6.99 24.68
C THR C 255 -4.55 -7.79 24.03
N GLY C 256 -5.29 -7.16 23.13
CA GLY C 256 -6.39 -7.85 22.50
C GLY C 256 -6.94 -7.08 21.31
N LYS C 257 -8.14 -7.48 20.90
CA LYS C 257 -8.76 -6.96 19.69
C LYS C 257 -9.81 -5.90 19.99
N SER C 258 -9.74 -5.27 21.17
CA SER C 258 -10.73 -4.27 21.51
C SER C 258 -10.38 -2.94 20.86
N SER C 259 -11.39 -2.11 20.64
CA SER C 259 -11.17 -0.82 20.02
C SER C 259 -12.29 0.13 20.41
N ILE C 260 -12.26 1.33 19.85
CA ILE C 260 -13.21 2.38 20.16
C ILE C 260 -13.65 3.01 18.84
N MET C 261 -14.91 3.43 18.79
CA MET C 261 -15.48 4.02 17.59
C MET C 261 -16.40 5.16 17.97
N ARG C 262 -16.33 6.26 17.20
CA ARG C 262 -17.27 7.37 17.34
C ARG C 262 -18.46 7.09 16.43
N SER C 263 -19.65 7.07 17.02
CA SER C 263 -20.87 6.79 16.25
C SER C 263 -22.09 7.22 17.04
N ASP C 264 -23.09 7.71 16.33
CA ASP C 264 -24.39 7.99 16.93
C ASP C 264 -25.43 6.95 16.53
N ALA C 265 -25.02 5.84 15.96
CA ALA C 265 -25.98 4.82 15.55
C ALA C 265 -26.53 4.09 16.78
N PRO C 266 -27.83 3.81 16.82
CA PRO C 266 -28.39 3.06 17.94
C PRO C 266 -27.92 1.62 17.94
N ILE C 267 -27.82 1.06 19.15
CA ILE C 267 -27.46 -0.34 19.34
C ILE C 267 -28.73 -1.17 19.22
N GLY C 268 -28.67 -2.26 18.44
CA GLY C 268 -29.82 -3.10 18.20
C GLY C 268 -29.55 -4.53 18.63
N THR C 269 -30.64 -5.30 18.73
CA THR C 269 -30.56 -6.72 19.02
C THR C 269 -30.52 -7.50 17.72
N CYS C 270 -29.31 -7.84 17.28
CA CYS C 270 -29.09 -8.61 16.06
C CYS C 270 -27.65 -9.11 16.10
N SER C 271 -27.26 -9.83 15.05
CA SER C 271 -25.93 -10.40 14.97
C SER C 271 -25.30 -9.98 13.65
N SER C 272 -24.09 -9.39 13.72
CA SER C 272 -23.33 -8.97 12.54
C SER C 272 -21.87 -8.73 12.92
N GLU C 273 -20.95 -9.33 12.16
CA GLU C 273 -19.56 -9.26 12.54
C GLU C 273 -18.89 -7.95 12.17
N CYS C 274 -19.38 -7.27 11.14
CA CYS C 274 -18.76 -6.03 10.72
C CYS C 274 -19.55 -4.83 11.25
N ILE C 275 -18.85 -3.92 11.89
CA ILE C 275 -19.44 -2.70 12.46
C ILE C 275 -18.77 -1.50 11.80
N THR C 276 -19.57 -0.53 11.40
CA THR C 276 -19.13 0.78 10.93
C THR C 276 -19.88 1.84 11.72
N PRO C 277 -19.39 3.09 11.71
CA PRO C 277 -20.16 4.16 12.38
C PRO C 277 -21.57 4.33 11.84
N ASN C 278 -21.86 3.90 10.60
CA ASN C 278 -23.21 3.94 10.06
C ASN C 278 -24.07 2.80 10.58
N GLY C 279 -23.51 1.84 11.29
CA GLY C 279 -24.21 0.63 11.67
C GLY C 279 -23.52 -0.60 11.13
N SER C 280 -24.06 -1.75 11.54
CA SER C 280 -23.54 -3.01 11.05
C SER C 280 -23.88 -3.20 9.57
N ILE C 281 -22.98 -3.87 8.85
CA ILE C 281 -23.19 -4.21 7.45
C ILE C 281 -22.91 -5.70 7.25
N PRO C 282 -23.56 -6.35 6.30
CA PRO C 282 -23.20 -7.74 5.97
C PRO C 282 -21.80 -7.82 5.39
N ASN C 283 -21.16 -8.97 5.59
CA ASN C 283 -19.79 -9.18 5.11
C ASN C 283 -19.71 -10.30 4.07
N ASP C 284 -20.81 -10.56 3.37
CA ASP C 284 -20.80 -11.55 2.30
C ASP C 284 -20.01 -11.05 1.09
N LYS C 285 -20.16 -9.78 0.76
CA LYS C 285 -19.49 -9.22 -0.40
C LYS C 285 -18.03 -8.91 -0.10
N PRO C 286 -17.17 -8.90 -1.13
CA PRO C 286 -15.74 -8.66 -0.88
C PRO C 286 -15.40 -7.21 -0.62
N PHE C 287 -16.24 -6.27 -1.03
CA PHE C 287 -15.92 -4.86 -0.91
C PHE C 287 -17.10 -4.11 -0.31
N GLN C 288 -16.82 -2.91 0.20
CA GLN C 288 -17.86 -2.08 0.77
C GLN C 288 -17.50 -0.61 0.57
N ASN C 289 -18.54 0.21 0.48
CA ASN C 289 -18.43 1.64 0.25
C ASN C 289 -19.04 2.45 1.40
N VAL C 290 -19.39 1.80 2.51
CA VAL C 290 -20.15 2.46 3.56
C VAL C 290 -19.28 3.42 4.34
N ASN C 291 -18.14 2.95 4.84
CA ASN C 291 -17.28 3.76 5.69
C ASN C 291 -15.90 3.12 5.76
N LYS C 292 -14.86 3.94 5.60
CA LYS C 292 -13.50 3.41 5.77
C LYS C 292 -13.20 3.04 7.21
N ILE C 293 -14.02 3.49 8.15
CA ILE C 293 -13.87 3.12 9.56
C ILE C 293 -14.70 1.86 9.80
N THR C 294 -14.03 0.78 10.18
CA THR C 294 -14.70 -0.50 10.38
C THR C 294 -14.17 -1.17 11.64
N TYR C 295 -14.96 -2.09 12.19
CA TYR C 295 -14.51 -2.96 13.26
C TYR C 295 -15.06 -4.36 13.01
N GLY C 296 -14.21 -5.38 13.16
CA GLY C 296 -14.60 -6.77 12.96
C GLY C 296 -14.19 -7.32 11.60
N ALA C 297 -14.74 -8.49 11.27
CA ALA C 297 -14.46 -9.11 9.98
C ALA C 297 -15.26 -8.40 8.90
N CYS C 298 -14.58 -7.55 8.13
CA CYS C 298 -15.25 -6.59 7.28
C CYS C 298 -14.79 -6.69 5.84
N PRO C 299 -15.67 -6.43 4.89
CA PRO C 299 -15.25 -6.24 3.50
C PRO C 299 -14.32 -5.04 3.40
N ARG C 300 -13.46 -5.07 2.39
CA ARG C 300 -12.47 -4.00 2.22
C ARG C 300 -13.11 -2.76 1.59
N TYR C 301 -12.71 -1.61 2.10
CA TYR C 301 -13.28 -0.35 1.63
C TYR C 301 -12.72 0.02 0.27
N VAL C 302 -13.60 0.41 -0.64
CA VAL C 302 -13.20 0.85 -1.96
C VAL C 302 -13.97 2.11 -2.31
N LYS C 303 -13.45 2.85 -3.28
CA LYS C 303 -14.10 4.08 -3.71
C LYS C 303 -15.34 3.82 -4.56
N GLN C 304 -15.39 2.71 -5.30
CA GLN C 304 -16.54 2.42 -6.15
C GLN C 304 -17.79 2.18 -5.31
N ASN C 305 -18.93 2.65 -5.80
CA ASN C 305 -20.20 2.32 -5.18
C ASN C 305 -20.87 1.09 -5.79
N THR C 306 -20.38 0.62 -6.92
CA THR C 306 -20.91 -0.60 -7.50
C THR C 306 -19.85 -1.26 -8.38
N LEU C 307 -19.79 -2.59 -8.28
CA LEU C 307 -18.98 -3.42 -9.16
C LEU C 307 -19.77 -4.68 -9.42
N LYS C 308 -20.23 -4.84 -10.66
CA LYS C 308 -21.09 -5.96 -11.02
C LYS C 308 -20.24 -7.08 -11.61
N LEU C 309 -20.36 -8.27 -11.04
CA LEU C 309 -19.65 -9.46 -11.49
C LEU C 309 -20.60 -10.28 -12.35
N ALA C 310 -20.20 -10.52 -13.61
CA ALA C 310 -21.05 -11.30 -14.51
C ALA C 310 -21.24 -12.70 -13.98
N THR C 311 -22.50 -13.17 -13.96
CA THR C 311 -22.81 -14.55 -13.60
C THR C 311 -23.56 -15.28 -14.71
N GLY C 312 -23.46 -14.78 -15.94
CA GLY C 312 -24.07 -15.44 -17.08
C GLY C 312 -23.39 -15.00 -18.34
N MET C 313 -23.82 -15.57 -19.45
CA MET C 313 -23.20 -15.30 -20.74
C MET C 313 -23.66 -13.95 -21.29
N ARG C 314 -23.00 -13.51 -22.37
CA ARG C 314 -23.43 -12.30 -23.06
C ARG C 314 -24.89 -12.43 -23.47
N ASN C 315 -25.64 -11.33 -23.34
CA ASN C 315 -27.07 -11.33 -23.66
C ASN C 315 -27.28 -10.76 -25.04
N VAL C 316 -27.82 -11.57 -25.95
CA VAL C 316 -28.01 -11.22 -27.35
C VAL C 316 -29.50 -11.33 -27.69
N PRO C 317 -30.20 -10.23 -27.97
CA PRO C 317 -31.65 -10.14 -28.20
C PRO C 317 -32.21 -11.20 -29.13
N GLY C 326 -40.01 -19.69 -43.20
CA GLY C 326 -39.67 -19.58 -41.79
C GLY C 326 -38.72 -20.67 -41.37
N ALA C 327 -37.44 -20.34 -41.30
CA ALA C 327 -36.41 -21.28 -40.87
C ALA C 327 -35.93 -20.93 -39.47
N ILE C 328 -35.18 -21.85 -38.89
CA ILE C 328 -34.64 -21.68 -37.56
C ILE C 328 -33.19 -21.29 -37.71
N ALA C 329 -32.62 -20.65 -36.69
CA ALA C 329 -31.24 -20.21 -36.76
C ALA C 329 -30.57 -20.48 -35.43
N GLY C 330 -29.25 -20.53 -35.48
CA GLY C 330 -28.43 -20.90 -34.35
C GLY C 330 -27.80 -19.72 -33.66
N PHE C 331 -26.76 -20.00 -32.87
CA PHE C 331 -26.15 -19.03 -31.96
C PHE C 331 -25.32 -17.98 -32.68
N ILE C 332 -24.90 -18.23 -33.93
CA ILE C 332 -24.08 -17.24 -34.62
C ILE C 332 -24.85 -15.93 -34.81
N GLU C 333 -26.14 -16.02 -35.03
CA GLU C 333 -26.93 -14.85 -35.32
C GLU C 333 -27.43 -14.17 -34.05
N ASN C 334 -27.91 -14.95 -33.09
CA ASN C 334 -28.66 -14.39 -31.99
C ASN C 334 -28.74 -15.43 -30.88
N GLY C 335 -29.30 -15.01 -29.74
CA GLY C 335 -29.69 -15.91 -28.68
C GLY C 335 -31.18 -16.22 -28.72
N TRP C 336 -31.59 -17.20 -27.90
CA TRP C 336 -32.96 -17.70 -27.89
C TRP C 336 -33.66 -17.27 -26.61
N GLU C 337 -34.52 -16.24 -26.71
CA GLU C 337 -35.31 -15.83 -25.55
C GLU C 337 -36.33 -16.89 -25.18
N GLY C 338 -36.74 -17.70 -26.16
CA GLY C 338 -37.69 -18.77 -25.94
C GLY C 338 -37.16 -19.99 -25.22
N MET C 339 -35.86 -20.08 -24.99
CA MET C 339 -35.30 -21.19 -24.22
C MET C 339 -35.21 -20.81 -22.75
N VAL C 340 -36.06 -21.43 -21.93
CA VAL C 340 -36.17 -21.08 -20.52
C VAL C 340 -35.64 -22.18 -19.60
N ASP C 341 -35.54 -23.41 -20.07
CA ASP C 341 -35.15 -24.55 -19.24
C ASP C 341 -33.68 -24.92 -19.39
N GLY C 342 -32.88 -24.06 -20.00
CA GLY C 342 -31.46 -24.34 -20.11
C GLY C 342 -30.73 -23.15 -20.68
N TRP C 343 -29.41 -23.17 -20.54
CA TRP C 343 -28.58 -22.12 -21.10
C TRP C 343 -28.17 -22.40 -22.53
N TYR C 344 -28.00 -23.67 -22.89
CA TYR C 344 -27.68 -24.10 -24.23
C TYR C 344 -28.67 -25.17 -24.65
N GLY C 345 -28.89 -25.30 -25.95
CA GLY C 345 -29.82 -26.32 -26.40
C GLY C 345 -29.92 -26.39 -27.90
N PHE C 346 -30.90 -27.17 -28.35
CA PHE C 346 -31.06 -27.52 -29.75
C PHE C 346 -32.43 -27.07 -30.23
N ARG C 347 -32.50 -26.64 -31.49
CA ARG C 347 -33.76 -26.54 -32.21
C ARG C 347 -33.65 -27.34 -33.49
N HIS C 348 -34.72 -28.02 -33.88
CA HIS C 348 -34.66 -28.87 -35.05
C HIS C 348 -35.86 -28.60 -35.94
N GLN C 349 -35.70 -28.92 -37.21
CA GLN C 349 -36.79 -28.75 -38.16
C GLN C 349 -36.72 -29.94 -39.12
N ASN C 350 -37.74 -30.79 -39.11
CA ASN C 350 -37.70 -32.02 -39.89
C ASN C 350 -39.10 -32.30 -40.42
N SER C 351 -39.30 -33.53 -40.91
CA SER C 351 -40.57 -33.92 -41.51
C SER C 351 -41.71 -33.93 -40.50
N GLU C 352 -41.41 -33.96 -39.21
CA GLU C 352 -42.46 -34.03 -38.22
C GLU C 352 -42.76 -32.66 -37.60
N GLY C 353 -42.11 -31.59 -38.07
CA GLY C 353 -42.36 -30.25 -37.58
C GLY C 353 -41.12 -29.65 -36.97
N THR C 354 -41.33 -28.72 -36.03
CA THR C 354 -40.23 -28.03 -35.36
C THR C 354 -40.22 -28.39 -33.88
N GLY C 355 -39.04 -28.25 -33.26
CA GLY C 355 -38.94 -28.59 -31.85
C GLY C 355 -37.75 -27.91 -31.21
N GLN C 356 -37.71 -28.01 -29.88
CA GLN C 356 -36.67 -27.38 -29.09
C GLN C 356 -36.34 -28.27 -27.88
N ALA C 357 -35.07 -28.34 -27.53
CA ALA C 357 -34.64 -29.14 -26.39
C ALA C 357 -33.39 -28.53 -25.79
N ALA C 358 -33.37 -28.39 -24.47
CA ALA C 358 -32.19 -27.88 -23.78
C ALA C 358 -31.17 -28.98 -23.55
N ASP C 359 -29.88 -28.61 -23.58
CA ASP C 359 -28.79 -29.51 -23.25
C ASP C 359 -28.41 -29.29 -21.79
N LEU C 360 -28.75 -30.25 -20.93
CA LEU C 360 -28.56 -30.06 -19.50
C LEU C 360 -27.09 -30.11 -19.11
N LYS C 361 -26.33 -31.04 -19.69
CA LYS C 361 -24.94 -31.27 -19.27
C LYS C 361 -24.08 -30.03 -19.51
N SER C 362 -24.15 -29.46 -20.71
CA SER C 362 -23.34 -28.27 -21.00
C SER C 362 -23.79 -27.06 -20.19
N THR C 363 -25.09 -26.97 -19.88
CA THR C 363 -25.57 -25.88 -19.02
C THR C 363 -24.93 -25.96 -17.64
N GLN C 364 -24.88 -27.15 -17.05
CA GLN C 364 -24.30 -27.30 -15.71
C GLN C 364 -22.80 -27.06 -15.72
N ALA C 365 -22.11 -27.43 -16.80
CA ALA C 365 -20.69 -27.17 -16.89
C ALA C 365 -20.40 -25.68 -16.77
N ALA C 366 -21.19 -24.85 -17.44
CA ALA C 366 -21.02 -23.41 -17.35
C ALA C 366 -21.36 -22.91 -15.95
N ILE C 367 -22.49 -23.36 -15.40
CA ILE C 367 -22.91 -22.90 -14.09
C ILE C 367 -21.89 -23.32 -13.02
N ASP C 368 -21.31 -24.52 -13.16
CA ASP C 368 -20.32 -24.96 -12.18
C ASP C 368 -19.08 -24.10 -12.20
N GLN C 369 -18.67 -23.64 -13.38
CA GLN C 369 -17.49 -22.79 -13.46
C GLN C 369 -17.78 -21.40 -12.93
N ILE C 370 -18.99 -20.87 -13.20
CA ILE C 370 -19.33 -19.54 -12.72
C ILE C 370 -19.50 -19.55 -11.21
N ASN C 371 -20.13 -20.60 -10.67
CA ASN C 371 -20.19 -20.74 -9.22
C ASN C 371 -18.80 -20.97 -8.62
N GLY C 372 -17.89 -21.59 -9.39
CA GLY C 372 -16.54 -21.78 -8.91
C GLY C 372 -15.81 -20.47 -8.68
N LYS C 373 -15.90 -19.55 -9.65
CA LYS C 373 -15.24 -18.27 -9.47
C LYS C 373 -15.96 -17.40 -8.44
N LEU C 374 -17.27 -17.58 -8.29
CA LEU C 374 -18.01 -16.88 -7.23
C LEU C 374 -17.42 -17.19 -5.87
N ASN C 375 -17.01 -18.45 -5.65
CA ASN C 375 -16.41 -18.82 -4.37
C ASN C 375 -15.04 -18.19 -4.17
N ARG C 376 -14.20 -18.21 -5.20
CA ARG C 376 -12.85 -17.65 -5.07
C ARG C 376 -12.89 -16.15 -4.80
N VAL C 377 -13.84 -15.44 -5.40
CA VAL C 377 -13.92 -14.00 -5.21
C VAL C 377 -14.38 -13.68 -3.79
N ILE C 378 -15.16 -14.57 -3.16
CA ILE C 378 -15.77 -14.28 -1.87
C ILE C 378 -15.00 -14.84 -0.67
N GLU C 379 -14.12 -15.82 -0.87
CA GLU C 379 -13.47 -16.49 0.26
C GLU C 379 -12.17 -15.85 0.70
N LYS C 380 -11.50 -15.11 -0.20
CA LYS C 380 -10.24 -14.42 0.10
C LYS C 380 -10.48 -12.93 0.43
N THR C 381 -11.32 -12.66 1.43
CA THR C 381 -11.94 -11.32 1.39
C THR C 381 -11.74 -10.42 2.60
N ASN C 382 -11.91 -10.93 3.83
CA ASN C 382 -12.07 -10.04 5.00
C ASN C 382 -10.75 -9.51 5.54
N GLU C 383 -10.69 -8.20 5.77
CA GLU C 383 -9.64 -7.60 6.59
C GLU C 383 -9.87 -7.93 8.06
N LYS C 384 -8.81 -8.34 8.76
CA LYS C 384 -8.95 -8.87 10.12
C LYS C 384 -7.81 -8.38 11.03
N PHE C 385 -7.53 -7.08 11.05
CA PHE C 385 -6.50 -6.55 11.95
C PHE C 385 -6.91 -5.18 12.49
N HIS C 386 -6.01 -4.59 13.29
CA HIS C 386 -6.30 -3.36 14.01
C HIS C 386 -6.26 -2.15 13.08
N GLN C 387 -7.02 -1.12 13.44
CA GLN C 387 -7.24 0.04 12.58
C GLN C 387 -6.80 1.30 13.30
N ILE C 388 -6.01 2.13 12.62
CA ILE C 388 -5.68 3.46 13.09
C ILE C 388 -6.91 4.34 13.02
N GLU C 389 -6.84 5.52 13.63
CA GLU C 389 -7.89 6.53 13.47
C GLU C 389 -7.89 7.05 12.04
N LYS C 390 -9.09 7.34 11.51
CA LYS C 390 -9.22 7.80 10.15
C LYS C 390 -10.02 9.09 10.01
N GLU C 391 -10.51 9.65 11.11
CA GLU C 391 -11.09 11.00 11.12
C GLU C 391 -10.44 11.80 12.23
N PHE C 392 -10.29 13.10 12.00
CA PHE C 392 -9.49 13.95 12.88
C PHE C 392 -10.26 15.22 13.19
N SER C 393 -10.37 15.56 14.47
CA SER C 393 -11.13 16.73 14.87
C SER C 393 -10.30 18.01 14.79
N GLU C 394 -9.00 17.93 15.07
CA GLU C 394 -8.13 19.10 15.01
C GLU C 394 -7.09 18.88 13.92
N VAL C 395 -6.63 19.99 13.35
CA VAL C 395 -5.54 19.96 12.39
C VAL C 395 -4.24 19.92 13.19
N GLU C 396 -3.39 18.91 12.92
CA GLU C 396 -2.26 18.58 13.80
C GLU C 396 -0.89 18.52 13.14
N GLY C 397 -0.79 18.48 11.81
CA GLY C 397 0.52 18.45 11.18
C GLY C 397 1.08 17.07 10.83
N ARG C 398 2.38 16.88 11.07
CA ARG C 398 3.15 15.83 10.41
C ARG C 398 2.53 14.43 10.57
N ILE C 399 2.22 14.03 11.80
CA ILE C 399 1.79 12.65 12.04
C ILE C 399 0.40 12.41 11.46
N GLN C 400 -0.48 13.41 11.49
CA GLN C 400 -1.81 13.27 10.92
C GLN C 400 -1.77 13.20 9.40
N ASP C 401 -0.85 13.96 8.77
CA ASP C 401 -0.71 13.87 7.33
C ASP C 401 -0.35 12.46 6.90
N LEU C 402 0.57 11.83 7.63
CA LEU C 402 1.01 10.49 7.30
C LEU C 402 -0.12 9.47 7.50
N GLU C 403 -0.90 9.61 8.56
CA GLU C 403 -2.05 8.72 8.74
C GLU C 403 -3.04 8.85 7.60
N LYS C 404 -3.34 10.08 7.17
CA LYS C 404 -4.25 10.27 6.04
C LYS C 404 -3.65 9.72 4.77
N TYR C 405 -2.35 9.95 4.56
CA TYR C 405 -1.69 9.50 3.34
C TYR C 405 -1.68 7.98 3.26
N VAL C 406 -1.40 7.31 4.37
CA VAL C 406 -1.43 5.85 4.43
C VAL C 406 -2.81 5.32 4.05
N GLU C 407 -3.85 5.91 4.63
CA GLU C 407 -5.20 5.43 4.37
C GLU C 407 -5.62 5.72 2.93
N ASP C 408 -5.26 6.88 2.40
CA ASP C 408 -5.60 7.20 1.03
C ASP C 408 -4.88 6.29 0.05
N THR C 409 -3.59 6.02 0.30
CA THR C 409 -2.83 5.09 -0.52
C THR C 409 -3.45 3.70 -0.50
N LYS C 410 -3.82 3.21 0.68
CA LYS C 410 -4.42 1.90 0.81
C LYS C 410 -5.72 1.80 0.03
N ILE C 411 -6.58 2.81 0.16
CA ILE C 411 -7.89 2.74 -0.49
C ILE C 411 -7.74 2.76 -2.00
N ASP C 412 -6.82 3.56 -2.52
CA ASP C 412 -6.62 3.61 -3.96
C ASP C 412 -6.13 2.25 -4.51
N LEU C 413 -5.22 1.60 -3.78
CA LEU C 413 -4.71 0.30 -4.20
C LEU C 413 -5.80 -0.76 -4.17
N TRP C 414 -6.63 -0.79 -3.12
CA TRP C 414 -7.70 -1.77 -3.09
C TRP C 414 -8.79 -1.44 -4.08
N SER C 415 -9.03 -0.16 -4.36
CA SER C 415 -9.97 0.19 -5.42
C SER C 415 -9.48 -0.29 -6.78
N TYR C 416 -8.17 -0.17 -7.02
CA TYR C 416 -7.60 -0.68 -8.26
C TYR C 416 -7.76 -2.20 -8.35
N ASN C 417 -7.41 -2.91 -7.27
CA ASN C 417 -7.56 -4.36 -7.25
C ASN C 417 -8.99 -4.79 -7.57
N ALA C 418 -9.97 -4.12 -6.98
CA ALA C 418 -11.35 -4.50 -7.20
C ALA C 418 -11.76 -4.30 -8.65
N GLU C 419 -11.33 -3.18 -9.25
CA GLU C 419 -11.67 -2.89 -10.64
C GLU C 419 -11.05 -3.92 -11.58
N LEU C 420 -9.76 -4.23 -11.39
CA LEU C 420 -9.09 -5.20 -12.25
C LEU C 420 -9.68 -6.59 -12.07
N LEU C 421 -9.94 -6.99 -10.82
CA LEU C 421 -10.47 -8.32 -10.57
C LEU C 421 -11.80 -8.53 -11.27
N VAL C 422 -12.69 -7.54 -11.19
CA VAL C 422 -14.01 -7.69 -11.81
C VAL C 422 -13.90 -7.72 -13.33
N ALA C 423 -13.02 -6.89 -13.90
CA ALA C 423 -12.83 -6.90 -15.34
C ALA C 423 -12.20 -8.21 -15.82
N LEU C 424 -11.24 -8.77 -15.09
CA LEU C 424 -10.67 -10.05 -15.49
C LEU C 424 -11.70 -11.17 -15.35
N GLU C 425 -12.39 -11.21 -14.21
CA GLU C 425 -13.35 -12.29 -13.98
C GLU C 425 -14.45 -12.26 -15.03
N ASN C 426 -14.95 -11.06 -15.37
CA ASN C 426 -16.04 -10.96 -16.35
C ASN C 426 -15.59 -11.39 -17.73
N GLN C 427 -14.37 -10.99 -18.13
CA GLN C 427 -13.82 -11.45 -19.39
C GLN C 427 -13.75 -12.97 -19.43
N HIS C 428 -13.37 -13.60 -18.32
CA HIS C 428 -13.25 -15.05 -18.27
C HIS C 428 -14.62 -15.73 -18.32
N THR C 429 -15.62 -15.14 -17.68
CA THR C 429 -16.97 -15.70 -17.72
C THR C 429 -17.55 -15.63 -19.12
N ILE C 430 -17.38 -14.50 -19.80
CA ILE C 430 -17.79 -14.38 -21.19
C ILE C 430 -17.08 -15.44 -22.03
N ASP C 431 -15.77 -15.59 -21.83
CA ASP C 431 -14.99 -16.53 -22.64
C ASP C 431 -15.41 -17.96 -22.38
N LEU C 432 -15.64 -18.34 -21.11
CA LEU C 432 -15.99 -19.73 -20.86
C LEU C 432 -17.40 -20.08 -21.32
N THR C 433 -18.35 -19.13 -21.26
CA THR C 433 -19.69 -19.43 -21.72
C THR C 433 -19.75 -19.48 -23.25
N ASP C 434 -18.98 -18.62 -23.92
CA ASP C 434 -18.80 -18.74 -25.37
C ASP C 434 -18.15 -20.07 -25.74
N SER C 435 -17.17 -20.52 -24.95
CA SER C 435 -16.48 -21.76 -25.25
C SER C 435 -17.41 -22.96 -25.10
N GLU C 436 -18.28 -22.96 -24.10
CA GLU C 436 -19.21 -24.07 -23.96
C GLU C 436 -20.12 -24.19 -25.18
N MET C 437 -20.54 -23.04 -25.74
CA MET C 437 -21.38 -23.06 -26.94
C MET C 437 -20.62 -23.67 -28.11
N ASN C 438 -19.37 -23.26 -28.29
CA ASN C 438 -18.56 -23.81 -29.38
C ASN C 438 -18.26 -25.29 -29.18
N LYS C 439 -18.02 -25.72 -27.93
CA LYS C 439 -17.74 -27.13 -27.70
C LYS C 439 -18.97 -28.00 -27.98
N LEU C 440 -20.15 -27.53 -27.61
CA LEU C 440 -21.36 -28.29 -27.92
C LEU C 440 -21.57 -28.38 -29.43
N PHE C 441 -21.27 -27.30 -30.17
CA PHE C 441 -21.39 -27.35 -31.61
C PHE C 441 -20.39 -28.32 -32.22
N GLU C 442 -19.15 -28.30 -31.74
CA GLU C 442 -18.14 -29.23 -32.25
C GLU C 442 -18.47 -30.67 -31.89
N LYS C 443 -18.97 -30.88 -30.67
CA LYS C 443 -19.40 -32.22 -30.28
C LYS C 443 -20.45 -32.77 -31.23
N THR C 444 -21.41 -31.91 -31.64
CA THR C 444 -22.44 -32.34 -32.57
C THR C 444 -21.90 -32.64 -33.96
N ARG C 445 -20.97 -31.81 -34.46
CA ARG C 445 -20.44 -32.04 -35.78
C ARG C 445 -19.62 -33.32 -35.85
N LYS C 446 -18.93 -33.66 -34.77
CA LYS C 446 -18.17 -34.91 -34.75
C LYS C 446 -19.11 -36.11 -34.84
N GLN C 447 -20.27 -36.03 -34.20
CA GLN C 447 -21.25 -37.11 -34.31
C GLN C 447 -21.72 -37.30 -35.74
N LEU C 448 -22.02 -36.19 -36.43
CA LEU C 448 -22.68 -36.27 -37.72
C LEU C 448 -21.76 -36.74 -38.83
N ARG C 449 -20.45 -36.58 -38.66
CA ARG C 449 -19.48 -37.04 -39.65
C ARG C 449 -19.81 -36.52 -41.05
N GLU C 450 -19.99 -37.43 -42.00
CA GLU C 450 -20.27 -37.02 -43.37
C GLU C 450 -21.76 -36.93 -43.66
N ASN C 451 -22.61 -36.96 -42.64
CA ASN C 451 -24.05 -36.93 -42.84
C ASN C 451 -24.63 -35.52 -42.80
N ALA C 452 -23.81 -34.51 -42.56
CA ALA C 452 -24.32 -33.15 -42.41
C ALA C 452 -23.29 -32.15 -42.89
N GLU C 453 -23.76 -30.94 -43.18
CA GLU C 453 -22.86 -29.85 -43.53
C GLU C 453 -23.17 -28.65 -42.63
N ASP C 454 -22.14 -27.90 -42.28
CA ASP C 454 -22.30 -26.70 -41.46
C ASP C 454 -22.87 -25.58 -42.32
N MET C 455 -24.06 -25.09 -41.96
CA MET C 455 -24.69 -24.01 -42.73
C MET C 455 -24.15 -22.63 -42.36
N GLY C 456 -23.29 -22.52 -41.36
CA GLY C 456 -22.63 -21.26 -41.04
C GLY C 456 -23.38 -20.36 -40.08
N ASN C 457 -24.59 -20.74 -39.68
CA ASN C 457 -25.39 -19.93 -38.79
C ASN C 457 -25.63 -20.63 -37.46
N GLY C 458 -24.75 -21.57 -37.10
CA GLY C 458 -24.99 -22.38 -35.93
C GLY C 458 -25.90 -23.56 -36.16
N CYS C 459 -26.20 -23.87 -37.42
CA CYS C 459 -27.10 -24.96 -37.74
C CYS C 459 -26.44 -25.96 -38.66
N PHE C 460 -26.89 -27.22 -38.56
CA PHE C 460 -26.47 -28.25 -39.48
C PHE C 460 -27.60 -28.62 -40.42
N LYS C 461 -27.25 -28.81 -41.68
CA LYS C 461 -28.13 -29.44 -42.64
C LYS C 461 -27.79 -30.91 -42.62
N ILE C 462 -28.71 -31.72 -42.15
CA ILE C 462 -28.56 -33.16 -42.08
C ILE C 462 -29.18 -33.70 -43.37
N TYR C 463 -28.38 -34.41 -44.16
CA TYR C 463 -28.74 -34.84 -45.51
C TYR C 463 -29.38 -36.21 -45.54
N HIS C 464 -30.18 -36.55 -44.53
CA HIS C 464 -30.94 -37.79 -44.55
C HIS C 464 -32.20 -37.59 -43.73
N LYS C 465 -33.14 -38.53 -43.88
CA LYS C 465 -34.32 -38.55 -43.03
C LYS C 465 -33.94 -38.62 -41.56
N CYS C 466 -34.51 -37.72 -40.77
CA CYS C 466 -34.04 -37.50 -39.41
C CYS C 466 -35.28 -37.21 -38.55
N ASP C 467 -35.96 -38.26 -38.15
CA ASP C 467 -37.19 -38.09 -37.37
C ASP C 467 -36.84 -37.65 -35.95
N ASN C 468 -37.87 -37.52 -35.12
CA ASN C 468 -37.67 -36.97 -33.79
C ASN C 468 -36.76 -37.86 -32.95
N ALA C 469 -36.90 -39.18 -33.08
CA ALA C 469 -36.03 -40.09 -32.34
C ALA C 469 -34.60 -39.98 -32.82
N CYS C 470 -34.41 -39.77 -34.11
CA CYS C 470 -33.08 -39.59 -34.67
C CYS C 470 -32.45 -38.29 -34.16
N ILE C 471 -33.23 -37.20 -34.16
CA ILE C 471 -32.76 -35.96 -33.54
C ILE C 471 -32.42 -36.19 -32.08
N GLY C 472 -33.27 -36.93 -31.37
CA GLY C 472 -32.99 -37.22 -29.97
C GLY C 472 -31.70 -37.99 -29.78
N SER C 473 -31.39 -38.90 -30.71
CA SER C 473 -30.14 -39.67 -30.60
C SER C 473 -28.92 -38.77 -30.75
N ILE C 474 -29.02 -37.69 -31.54
CA ILE C 474 -27.92 -36.74 -31.65
C ILE C 474 -27.73 -35.97 -30.34
N ARG C 475 -28.84 -35.52 -29.73
CA ARG C 475 -28.77 -34.80 -28.47
C ARG C 475 -28.32 -35.70 -27.33
N ASN C 476 -28.62 -36.97 -27.43
CA ASN C 476 -28.28 -37.97 -26.44
C ASN C 476 -26.85 -38.50 -26.60
N GLY C 477 -26.19 -38.22 -27.74
CA GLY C 477 -24.87 -38.76 -28.00
C GLY C 477 -24.82 -40.21 -28.43
N THR C 478 -25.92 -40.75 -28.94
CA THR C 478 -25.95 -42.14 -29.36
C THR C 478 -26.18 -42.29 -30.85
N TYR C 479 -26.15 -41.19 -31.59
CA TYR C 479 -26.35 -41.23 -33.05
C TYR C 479 -25.25 -42.04 -33.72
N ASP C 480 -25.66 -43.02 -34.53
CA ASP C 480 -24.72 -43.88 -35.25
C ASP C 480 -24.70 -43.43 -36.70
N HIS C 481 -23.60 -42.76 -37.09
CA HIS C 481 -23.54 -42.17 -38.43
C HIS C 481 -23.54 -43.23 -39.53
N ASP C 482 -23.05 -44.44 -39.24
CA ASP C 482 -22.99 -45.47 -40.28
C ASP C 482 -24.38 -45.86 -40.76
N VAL C 483 -25.37 -45.82 -39.87
CA VAL C 483 -26.72 -46.21 -40.26
C VAL C 483 -27.23 -45.34 -41.40
N TYR C 484 -26.84 -44.07 -41.42
CA TYR C 484 -27.40 -43.13 -42.38
C TYR C 484 -26.41 -42.70 -43.45
N ARG C 485 -25.17 -43.19 -43.39
CA ARG C 485 -24.11 -42.65 -44.23
C ARG C 485 -24.41 -42.84 -45.71
N ASP C 486 -24.90 -44.02 -46.09
CA ASP C 486 -25.23 -44.27 -47.50
C ASP C 486 -26.28 -43.29 -48.00
N GLU C 487 -27.38 -43.16 -47.26
CA GLU C 487 -28.42 -42.20 -47.64
C GLU C 487 -27.86 -40.78 -47.70
N ALA C 488 -27.04 -40.40 -46.72
CA ALA C 488 -26.55 -39.02 -46.66
C ALA C 488 -25.61 -38.72 -47.82
N LEU C 489 -24.63 -39.61 -48.07
CA LEU C 489 -23.68 -39.39 -49.14
C LEU C 489 -24.36 -39.33 -50.50
N ASN C 490 -25.42 -40.10 -50.68
CA ASN C 490 -26.16 -40.04 -51.92
C ASN C 490 -26.84 -38.68 -52.11
N ASN C 491 -27.37 -38.10 -51.02
CA ASN C 491 -28.02 -36.78 -51.12
C ASN C 491 -27.00 -35.65 -51.27
N ARG C 492 -25.85 -35.76 -50.60
CA ARG C 492 -24.85 -34.69 -50.64
C ARG C 492 -24.18 -34.61 -52.00
N PHE C 493 -23.73 -35.75 -52.52
CA PHE C 493 -22.82 -35.76 -53.65
C PHE C 493 -23.49 -36.21 -54.94
N GLN C 494 -24.46 -35.43 -55.41
CA GLN C 494 -25.09 -35.60 -56.70
C GLN C 494 -24.71 -34.44 -57.62
N ILE C 495 -24.89 -34.65 -58.92
CA ILE C 495 -24.52 -33.66 -59.94
C ILE C 495 -25.80 -33.10 -60.58
C1 NAG D . -0.39 3.20 -32.78
C2 NAG D . -0.85 4.04 -33.98
C3 NAG D . -1.18 5.46 -33.52
C4 NAG D . -2.16 5.45 -32.36
C5 NAG D . -1.65 4.56 -31.24
C6 NAG D . -2.64 4.37 -30.12
C7 NAG D . 0.00 3.43 -36.20
C8 NAG D . 1.15 3.54 -37.16
N2 NAG D . 0.15 4.05 -35.02
O3 NAG D . -1.72 6.19 -34.62
O4 NAG D . -2.30 6.79 -31.86
O5 NAG D . -1.37 3.24 -31.75
O6 NAG D . -3.72 3.56 -30.53
O7 NAG D . -1.02 2.80 -36.46
C1 NAG D . -3.68 7.23 -31.78
C2 NAG D . -3.75 8.23 -30.61
C3 NAG D . -5.18 8.80 -30.50
C4 NAG D . -5.62 9.39 -31.84
C5 NAG D . -5.50 8.33 -32.92
C6 NAG D . -5.86 8.83 -34.30
C7 NAG D . -2.17 7.71 -28.81
C8 NAG D . -1.95 6.99 -27.53
N2 NAG D . -3.38 7.59 -29.37
O3 NAG D . -5.18 9.81 -29.50
O4 NAG D . -6.97 9.84 -31.75
O5 NAG D . -4.14 7.87 -32.99
O6 NAG D . -4.88 9.73 -34.81
O7 NAG D . -1.28 8.39 -29.33
C1 NAG E . 16.77 38.13 -4.15
C2 NAG E . 16.53 39.16 -5.26
C3 NAG E . 17.85 39.48 -5.96
C4 NAG E . 18.92 39.88 -4.95
C5 NAG E . 19.05 38.83 -3.85
C6 NAG E . 19.95 39.27 -2.73
C7 NAG E . 14.22 38.90 -6.09
C8 NAG E . 13.37 38.35 -7.19
N2 NAG E . 15.55 38.70 -6.21
O3 NAG E . 17.63 40.55 -6.88
O4 NAG E . 20.19 40.10 -5.57
O5 NAG E . 17.77 38.60 -3.26
O6 NAG E . 19.39 40.37 -2.03
O7 NAG E . 13.75 39.51 -5.14
C1 NAG E . 20.33 41.54 -5.53
C2 NAG E . 21.74 42.07 -5.65
C3 NAG E . 21.74 43.58 -5.53
C4 NAG E . 20.80 44.21 -6.56
C5 NAG E . 19.46 43.46 -6.76
C6 NAG E . 18.85 43.71 -8.13
C7 NAG E . 22.88 41.49 -3.44
C8 NAG E . 21.87 42.28 -2.66
N2 NAG E . 22.74 41.43 -4.78
O3 NAG E . 23.05 44.10 -5.68
O4 NAG E . 20.47 45.52 -6.14
O5 NAG E . 19.56 42.02 -6.64
O6 NAG E . 18.14 42.58 -8.60
O7 NAG E . 23.79 40.88 -2.87
C1 NAG F . -6.36 47.07 29.68
C2 NAG F . -7.79 47.33 30.15
C3 NAG F . -7.80 48.44 31.21
C4 NAG F . -6.80 48.16 32.33
C5 NAG F . -5.44 47.78 31.77
C6 NAG F . -4.45 47.31 32.82
C7 NAG F . -9.85 47.17 28.83
C8 NAG F . -10.59 47.65 27.62
N2 NAG F . -8.64 47.69 29.02
O3 NAG F . -9.11 48.55 31.75
O4 NAG F . -6.64 49.34 33.09
O5 NAG F . -5.56 46.71 30.81
O6 NAG F . -4.61 45.95 33.16
O7 NAG F . -10.34 46.35 29.61
C1 NAG F . -7.10 49.27 34.45
C2 NAG F . -6.30 50.29 35.25
C3 NAG F . -6.79 50.35 36.70
C4 NAG F . -8.30 50.62 36.72
C5 NAG F . -9.02 49.55 35.90
C6 NAG F . -10.50 49.78 35.79
C7 NAG F . -4.01 50.69 34.44
C8 NAG F . -2.58 50.28 34.55
N2 NAG F . -4.88 50.02 35.20
O3 NAG F . -6.09 51.37 37.39
O4 NAG F . -8.79 50.62 38.05
O5 NAG F . -8.50 49.54 34.55
O6 NAG F . -10.79 50.72 34.77
O7 NAG F . -4.37 51.58 33.66
C1 BMA F . -8.95 52.00 38.48
C2 BMA F . -10.23 52.12 39.35
C3 BMA F . -10.32 53.54 39.92
C4 BMA F . -8.99 53.97 40.58
C5 BMA F . -7.84 53.83 39.57
C6 BMA F . -6.49 54.20 40.15
O2 BMA F . -10.18 51.24 40.46
O3 BMA F . -11.40 53.64 40.83
O4 BMA F . -9.06 55.32 41.02
O5 BMA F . -7.78 52.44 39.18
O6 BMA F . -5.55 54.25 39.09
C1 NAG G . -6.90 37.31 33.79
C2 NAG G . -7.63 37.39 35.14
C3 NAG G . -8.86 36.48 35.15
C4 NAG G . -9.73 36.69 33.93
C5 NAG G . -8.89 36.63 32.65
C6 NAG G . -9.68 36.97 31.41
C7 NAG G . -6.34 37.91 37.17
C8 NAG G . -5.44 37.37 38.25
N2 NAG G . -6.75 37.04 36.24
O3 NAG G . -9.63 36.73 36.32
O4 NAG G . -10.69 35.64 33.86
O5 NAG G . -7.83 37.58 32.74
O6 NAG G . -9.35 38.27 30.95
O7 NAG G . -6.70 39.08 37.16
C1 NAG G . -12.05 36.12 33.95
C2 NAG G . -12.91 35.20 33.09
C3 NAG G . -14.37 35.62 33.14
C4 NAG G . -14.84 35.71 34.59
C5 NAG G . -13.88 36.59 35.41
C6 NAG G . -14.19 36.61 36.88
C7 NAG G . -11.96 34.06 31.13
C8 NAG G . -11.52 34.20 29.70
N2 NAG G . -12.43 35.17 31.72
O3 NAG G . -15.12 34.67 32.41
O4 NAG G . -16.13 36.31 34.67
O5 NAG G . -12.53 36.10 35.29
O6 NAG G . -15.33 35.80 37.18
O7 NAG G . -11.90 32.99 31.72
C1 BMA G . -17.21 35.40 34.32
C2 BMA G . -18.00 34.99 35.59
C3 BMA G . -19.19 34.12 35.18
C4 BMA G . -20.02 34.76 34.02
C5 BMA G . -19.09 35.13 32.85
C6 BMA G . -19.83 35.83 31.71
O2 BMA G . -18.53 36.14 36.25
O3 BMA G . -20.03 33.83 36.29
O4 BMA G . -21.02 33.86 33.55
O5 BMA G . -18.08 36.01 33.35
O6 BMA G . -20.89 35.00 31.26
C1 NAG H . 13.96 15.35 -11.74
C2 NAG H . 14.81 14.41 -12.60
C3 NAG H . 15.48 13.36 -11.72
C4 NAG H . 16.27 14.03 -10.60
C5 NAG H . 15.38 15.01 -9.83
C6 NAG H . 16.13 15.83 -8.79
C7 NAG H . 13.76 14.31 -14.82
C8 NAG H . 12.88 13.52 -15.75
N2 NAG H . 13.99 13.77 -13.62
O3 NAG H . 16.36 12.57 -12.52
O4 NAG H . 16.77 13.03 -9.71
O5 NAG H . 14.79 15.95 -10.74
O6 NAG H . 16.21 17.20 -9.16
O7 NAG H . 14.21 15.41 -15.13
C1 NAG H . 18.20 13.13 -9.57
C2 NAG H . 18.64 12.18 -8.46
C3 NAG H . 20.15 12.23 -8.28
C4 NAG H . 20.86 11.96 -9.62
C5 NAG H . 20.32 12.91 -10.69
C6 NAG H . 20.88 12.64 -12.06
C7 NAG H . 16.82 11.96 -6.81
C8 NAG H . 16.29 12.41 -5.49
N2 NAG H . 17.98 12.50 -7.20
O3 NAG H . 20.55 11.25 -7.33
O4 NAG H . 22.26 12.14 -9.48
O5 NAG H . 18.90 12.80 -10.78
O6 NAG H . 20.66 13.73 -12.95
O7 NAG H . 16.23 11.13 -7.50
C1 NAG I . 0.70 34.63 35.41
C2 NAG I . -0.15 34.87 36.65
C3 NAG I . 0.73 35.19 37.86
C4 NAG I . 1.92 34.25 37.98
C5 NAG I . 2.58 33.98 36.63
C6 NAG I . 3.59 32.86 36.67
C7 NAG I . -2.36 35.80 36.00
C8 NAG I . -2.79 34.39 35.74
N2 NAG I . -1.10 35.96 36.42
O3 NAG I . -0.09 35.08 39.03
O4 NAG I . 2.96 34.85 38.76
O5 NAG I . 1.59 33.60 35.67
O6 NAG I . 3.27 31.92 37.69
O7 NAG I . -3.12 36.75 35.84
C1 NAG I . 2.69 34.92 40.16
C2 NAG I . 3.95 34.45 40.89
C3 NAG I . 3.76 34.62 42.41
C4 NAG I . 3.32 36.04 42.75
C5 NAG I . 2.13 36.45 41.90
C6 NAG I . 1.75 37.91 42.04
C7 NAG I . 5.49 32.60 40.42
C8 NAG I . 5.60 31.14 40.10
N2 NAG I . 4.23 33.06 40.58
O3 NAG I . 4.99 34.32 43.06
O4 NAG I . 2.94 36.06 44.12
O5 NAG I . 2.41 36.25 40.51
O6 NAG I . 1.12 38.40 40.88
O7 NAG I . 6.47 33.32 40.54
C1 BMA I . 3.59 37.11 44.89
C2 BMA I . 2.65 37.37 46.09
C3 BMA I . 3.30 38.35 47.07
C4 BMA I . 4.72 37.89 47.44
C5 BMA I . 5.55 37.73 46.15
C6 BMA I . 6.98 37.26 46.42
O2 BMA I . 2.42 36.17 46.82
O3 BMA I . 2.52 38.48 48.25
O4 BMA I . 5.33 38.84 48.28
O5 BMA I . 4.90 36.74 45.31
O6 BMA I . 7.58 38.10 47.40
C1 NAG J . 30.61 32.24 24.26
C2 NAG J . 30.92 33.74 24.27
C3 NAG J . 30.72 34.36 22.88
C4 NAG J . 31.35 33.52 21.77
C5 NAG J . 30.99 32.05 21.91
C6 NAG J . 31.74 31.17 20.95
C7 NAG J . 30.50 35.50 25.95
C8 NAG J . 29.50 36.07 26.90
N2 NAG J . 30.09 34.42 25.25
O3 NAG J . 31.29 35.65 22.84
O4 NAG J . 30.83 33.96 20.52
O5 NAG J . 31.34 31.60 23.23
O6 NAG J . 33.15 31.32 21.09
O7 NAG J . 31.60 35.97 25.80
C1 NAG J . 31.79 34.70 19.76
C2 NAG J . 31.39 34.55 18.29
C3 NAG J . 32.31 35.37 17.41
C4 NAG J . 32.34 36.81 17.87
C5 NAG J . 32.70 36.87 19.35
C6 NAG J . 32.61 38.26 19.93
C7 NAG J . 30.29 32.40 17.83
C8 NAG J . 30.49 30.99 17.38
N2 NAG J . 31.39 33.16 17.89
O3 NAG J . 31.86 35.26 16.06
O4 NAG J . 33.30 37.55 17.12
O5 NAG J . 31.80 36.07 20.12
O6 NAG J . 31.98 39.15 19.02
O7 NAG J . 29.19 32.83 18.15
C1 BMA J . 32.69 38.21 16.00
C2 BMA J . 33.24 39.67 15.91
C3 BMA J . 32.82 40.33 14.58
C4 BMA J . 33.09 39.40 13.39
C5 BMA J . 32.38 38.06 13.62
C6 BMA J . 32.56 37.07 12.47
O2 BMA J . 34.66 39.67 15.94
O3 BMA J . 33.48 41.58 14.40
O4 BMA J . 32.62 39.98 12.19
O5 BMA J . 32.92 37.47 14.80
O6 BMA J . 33.80 37.35 11.83
C1 NAG K . 10.81 -17.27 12.77
C2 NAG K . 9.70 -18.31 12.83
C3 NAG K . 8.41 -17.69 13.36
C4 NAG K . 8.65 -16.96 14.68
C5 NAG K . 9.83 -15.99 14.54
C6 NAG K . 10.22 -15.35 15.85
C7 NAG K . 9.32 -20.23 11.32
C8 NAG K . 9.37 -21.09 12.55
N2 NAG K . 9.48 -18.91 11.52
O3 NAG K . 7.43 -18.71 13.55
O4 NAG K . 7.50 -16.23 15.04
O5 NAG K . 10.99 -16.68 14.06
O6 NAG K . 11.63 -15.22 15.95
O7 NAG K . 9.13 -20.70 10.20
C1 NAG K . 6.86 -16.85 16.18
C2 NAG K . 5.72 -15.94 16.64
C3 NAG K . 4.92 -16.58 17.78
C4 NAG K . 4.51 -18.01 17.41
C5 NAG K . 5.72 -18.80 16.95
C6 NAG K . 5.38 -20.19 16.49
C7 NAG K . 6.27 -13.56 16.28
C8 NAG K . 6.85 -12.32 16.90
N2 NAG K . 6.24 -14.64 17.07
O3 NAG K . 3.77 -15.81 18.04
O4 NAG K . 3.93 -18.65 18.53
O5 NAG K . 6.34 -18.13 15.84
O6 NAG K . 4.51 -20.84 17.40
O7 NAG K . 5.87 -13.59 15.12
C1 NAG L . 8.94 -29.60 -12.59
C2 NAG L . 10.14 -30.41 -13.13
C3 NAG L . 11.49 -29.80 -12.69
C4 NAG L . 11.52 -28.29 -12.93
C5 NAG L . 10.29 -27.62 -12.36
C6 NAG L . 10.20 -26.15 -12.70
C7 NAG L . 10.11 -32.45 -11.62
C8 NAG L . 10.23 -31.59 -10.39
N2 NAG L . 10.08 -31.84 -12.82
O3 NAG L . 12.53 -30.43 -13.41
O4 NAG L . 12.68 -27.75 -12.29
O5 NAG L . 9.11 -28.22 -12.91
O6 NAG L . 10.11 -25.96 -14.10
O7 NAG L . 10.05 -33.67 -11.53
C1 NAG L . 13.57 -27.12 -13.22
C2 NAG L . 14.41 -26.10 -12.44
C3 NAG L . 15.43 -25.44 -13.36
C4 NAG L . 16.27 -26.49 -14.07
C5 NAG L . 15.36 -27.49 -14.79
C6 NAG L . 16.11 -28.63 -15.41
C7 NAG L . 13.15 -25.17 -10.55
C8 NAG L . 12.28 -24.05 -10.08
N2 NAG L . 13.56 -25.10 -11.82
O3 NAG L . 16.27 -24.59 -12.60
O4 NAG L . 17.13 -25.87 -15.03
O5 NAG L . 14.44 -28.07 -13.85
O6 NAG L . 15.95 -29.83 -14.67
O7 NAG L . 13.48 -26.09 -9.81
C1 NAG M . 25.05 30.44 29.83
C2 NAG M . 25.40 31.92 29.85
C3 NAG M . 25.15 32.48 31.26
C4 NAG M . 23.77 32.12 31.78
C5 NAG M . 23.43 30.64 31.57
C6 NAG M . 21.98 30.35 31.80
C7 NAG M . 27.10 32.52 28.19
C8 NAG M . 28.56 32.77 27.95
N2 NAG M . 26.76 32.18 29.44
O3 NAG M . 25.31 33.88 31.17
O4 NAG M . 23.69 32.30 33.18
O5 NAG M . 23.72 30.25 30.21
O6 NAG M . 21.46 29.45 30.83
O7 NAG M . 26.26 32.62 27.29
C1 NAG M . 23.67 33.67 33.61
C2 NAG M . 22.67 33.80 34.76
C3 NAG M . 22.73 35.19 35.37
C4 NAG M . 24.16 35.64 35.66
C5 NAG M . 25.07 35.37 34.45
C6 NAG M . 26.54 35.58 34.75
C7 NAG M . 20.38 32.93 35.03
C8 NAG M . 19.05 32.73 34.36
N2 NAG M . 21.32 33.50 34.28
O3 NAG M . 21.98 35.24 36.59
O4 NAG M . 24.14 37.04 35.93
O5 NAG M . 24.95 34.00 34.07
O6 NAG M . 27.22 36.03 33.59
O7 NAG M . 20.58 32.58 36.18
C1 BMA M . 24.86 37.41 37.11
C2 BMA M . 25.21 38.92 36.93
C3 BMA M . 25.74 39.54 38.22
C4 BMA M . 24.87 39.14 39.42
C5 BMA M . 24.81 37.60 39.50
C6 BMA M . 24.05 37.06 40.72
O2 BMA M . 24.04 39.64 36.57
O3 BMA M . 25.82 40.97 38.11
O4 BMA M . 25.41 39.67 40.62
O5 BMA M . 24.13 37.15 38.32
O6 BMA M . 23.01 37.97 41.05
C1 NAG N . -27.35 11.95 29.41
C2 NAG N . -28.52 11.33 30.19
C3 NAG N . -29.78 12.18 29.99
C4 NAG N . -29.52 13.63 30.37
C5 NAG N . -28.32 14.18 29.61
C6 NAG N . -27.90 15.55 30.10
C7 NAG N . -28.03 8.92 30.25
C8 NAG N . -28.44 7.57 29.75
N2 NAG N . -28.76 9.95 29.80
O3 NAG N . -30.83 11.65 30.79
O4 NAG N . -30.65 14.45 30.10
O5 NAG N . -27.18 13.32 29.80
O6 NAG N . -27.79 15.57 31.51
O7 NAG N . -27.10 9.08 31.03
C1 NAG N . -31.12 15.00 31.34
C2 NAG N . -32.23 16.04 31.15
C3 NAG N . -32.78 16.49 32.50
C4 NAG N . -33.19 15.29 33.34
C5 NAG N . -32.02 14.31 33.46
C6 NAG N . -32.40 13.04 34.18
C7 NAG N . -31.80 17.26 29.04
C8 NAG N . -31.29 18.52 28.44
N2 NAG N . -31.77 17.19 30.38
O3 NAG N . -33.88 17.36 32.31
O4 NAG N . -33.58 15.72 34.65
O5 NAG N . -31.59 13.93 32.15
O6 NAG N . -33.32 12.28 33.42
O7 NAG N . -32.22 16.32 28.36
C1 NAG O . 12.87 7.26 48.67
C2 NAG O . 14.23 7.00 49.34
C3 NAG O . 14.99 5.89 48.55
C4 NAG O . 14.17 4.60 48.50
C5 NAG O . 12.80 4.81 47.87
C6 NAG O . 11.89 3.60 47.99
C7 NAG O . 15.06 9.10 50.40
C8 NAG O . 14.19 8.76 51.60
N2 NAG O . 15.04 8.20 49.40
O3 NAG O . 16.27 5.58 49.08
O4 NAG O . 14.85 3.65 47.68
O5 NAG O . 12.12 5.92 48.49
O6 NAG O . 12.37 2.54 48.80
O7 NAG O . 15.77 10.06 50.37
C1 NAG O . 15.58 2.61 48.38
C2 NAG O . 15.67 1.54 47.34
C3 NAG O . 16.26 0.31 47.97
C4 NAG O . 17.61 0.59 48.63
C5 NAG O . 17.57 1.84 49.54
C6 NAG O . 18.94 2.28 49.99
C7 NAG O . 14.16 1.37 45.38
C8 NAG O . 12.76 1.08 44.92
N2 NAG O . 14.38 1.29 46.70
O3 NAG O . 16.39 -0.70 46.99
O4 NAG O . 17.98 -0.54 49.42
O5 NAG O . 16.94 2.93 48.89
O6 NAG O . 18.95 3.65 50.37
O7 NAG O . 15.06 1.66 44.59
C1 BMA O . 18.97 -1.32 48.73
C2 BMA O . 20.10 -1.45 49.70
C3 BMA O . 21.13 -2.37 49.12
C4 BMA O . 20.48 -3.72 48.74
C5 BMA O . 19.25 -3.53 47.83
C6 BMA O . 18.46 -4.83 47.64
O2 BMA O . 19.62 -2.05 50.88
O3 BMA O . 22.19 -2.55 50.07
O4 BMA O . 21.46 -4.54 48.09
O5 BMA O . 18.39 -2.57 48.43
O6 BMA O . 19.23 -5.87 48.20
C1 NAG P . -22.12 6.85 6.61
C2 NAG P . -22.58 7.26 5.22
C3 NAG P . -21.47 8.05 4.53
C4 NAG P . -20.96 9.19 5.42
C5 NAG P . -20.69 8.68 6.85
C6 NAG P . -20.32 9.74 7.86
C7 NAG P . -24.30 5.77 4.30
C8 NAG P . -24.59 4.56 3.43
N2 NAG P . -23.01 6.13 4.41
O3 NAG P . -21.96 8.56 3.29
O4 NAG P . -19.72 9.68 4.89
O5 NAG P . -21.83 8.00 7.37
O6 NAG P . -20.40 9.18 9.17
O7 NAG P . -25.19 6.38 4.86
C1 NAG P . -19.79 11.13 4.79
C2 NAG P . -18.71 11.63 3.84
C3 NAG P . -18.82 13.15 3.70
C4 NAG P . -20.22 13.53 3.24
C5 NAG P . -21.27 12.95 4.18
C6 NAG P . -22.69 13.15 3.67
C7 NAG P . -16.72 10.20 3.82
C8 NAG P . -15.37 9.96 4.43
N2 NAG P . -17.39 11.26 4.32
O3 NAG P . -17.84 13.59 2.76
O4 NAG P . -20.36 14.95 3.18
O5 NAG P . -21.09 11.54 4.33
O6 NAG P . -22.77 13.14 2.26
O7 NAG P . -17.17 9.51 2.92
C1 NAG Q . 12.24 14.78 45.65
C2 NAG Q . 13.57 14.63 46.36
C3 NAG Q . 13.96 15.95 47.01
C4 NAG Q . 13.92 17.10 45.99
C5 NAG Q . 12.61 17.11 45.21
C6 NAG Q . 12.61 18.08 44.05
C7 NAG Q . 13.79 12.29 47.09
C8 NAG Q . 13.68 11.33 48.25
N2 NAG Q . 13.51 13.57 47.37
O3 NAG Q . 15.27 15.82 47.55
O4 NAG Q . 13.98 18.36 46.62
O5 NAG Q . 12.33 15.82 44.66
O6 NAG Q . 13.86 18.10 43.37
O7 NAG Q . 14.10 11.92 45.97
C1 NAG Q . 15.22 18.70 47.24
C2 NAG Q . 15.49 20.19 46.98
C3 NAG Q . 16.65 20.71 47.83
C4 NAG Q . 16.49 20.30 49.29
C5 NAG Q . 16.28 18.79 49.36
C6 NAG Q . 16.08 18.27 50.76
C7 NAG Q . 14.97 21.13 44.76
C8 NAG Q . 15.42 21.24 43.33
N2 NAG Q . 15.76 20.41 45.57
O3 NAG Q . 16.71 22.12 47.73
O4 NAG Q . 17.68 20.64 49.99
O5 NAG Q . 15.10 18.48 48.62
O6 NAG Q . 15.86 16.86 50.75
O7 NAG Q . 13.93 21.66 45.16
C1 BMA Q . 17.50 21.63 51.01
C2 BMA Q . 18.69 21.38 51.92
C3 BMA Q . 18.77 22.42 53.00
C4 BMA Q . 18.81 23.82 52.36
C5 BMA Q . 17.54 24.04 51.53
C6 BMA Q . 17.52 25.39 50.84
O2 BMA Q . 19.90 21.53 51.16
O3 BMA Q . 19.92 22.22 53.79
O4 BMA Q . 18.87 24.82 53.37
O5 BMA Q . 17.46 22.99 50.51
O6 BMA Q . 17.99 26.38 51.78
C1 NAG R . -21.38 -7.79 -52.24
C2 NAG R . -22.65 -7.43 -52.99
C3 NAG R . -22.75 -8.27 -54.25
C4 NAG R . -21.49 -8.12 -55.09
C5 NAG R . -20.24 -8.36 -54.26
C6 NAG R . -18.98 -8.00 -55.02
C7 NAG R . -24.23 -6.69 -51.26
C8 NAG R . -25.48 -7.04 -50.50
N2 NAG R . -23.83 -7.61 -52.15
O3 NAG R . -23.88 -7.86 -55.01
O4 NAG R . -21.49 -9.07 -56.16
O5 NAG R . -20.24 -7.56 -53.08
O6 NAG R . -19.17 -8.16 -56.42
O7 NAG R . -23.63 -5.64 -51.08
C1 NAG S . 28.99 -12.35 27.70
C2 NAG S . 30.43 -12.86 27.51
C3 NAG S . 30.64 -14.16 28.28
C4 NAG S . 30.23 -14.01 29.74
C5 NAG S . 28.78 -13.52 29.81
C6 NAG S . 28.31 -13.25 31.22
C7 NAG S . 31.39 -12.12 25.38
C8 NAG S . 31.65 -12.47 23.95
N2 NAG S . 30.75 -13.04 26.11
O3 NAG S . 32.01 -14.53 28.21
O4 NAG S . 30.35 -15.24 30.45
O5 NAG S . 28.68 -12.27 29.11
O6 NAG S . 29.08 -12.24 31.84
O7 NAG S . 31.74 -11.04 25.86
C1 NAG T . 40.90 27.74 27.05
C2 NAG T . 42.13 28.30 26.29
C3 NAG T . 42.86 29.37 27.11
C4 NAG T . 41.88 30.42 27.61
C5 NAG T . 40.74 29.76 28.36
C6 NAG T . 39.69 30.74 28.83
C7 NAG T . 43.80 26.40 26.50
C8 NAG T . 43.71 26.44 28.01
N2 NAG T . 43.04 27.27 25.80
O3 NAG T . 43.87 29.98 26.31
O4 NAG T . 42.54 31.34 28.47
O5 NAG T . 40.07 28.83 27.49
O6 NAG T . 39.12 30.33 30.07
O7 NAG T . 44.52 25.58 25.94
C1 NAG U . 10.33 -38.53 -42.91
C2 NAG U . 10.43 -39.73 -43.86
C3 NAG U . 11.89 -40.16 -44.08
C4 NAG U . 12.74 -38.95 -44.48
C5 NAG U . 12.54 -37.81 -43.49
C6 NAG U . 13.23 -36.53 -43.90
C7 NAG U . 9.59 -41.58 -42.32
C8 NAG U . 10.59 -41.20 -41.26
N2 NAG U . 9.58 -40.87 -43.47
O3 NAG U . 11.96 -41.17 -45.08
O4 NAG U . 14.12 -39.32 -44.49
O5 NAG U . 11.15 -37.49 -43.38
O6 NAG U . 12.64 -35.41 -43.25
O7 NAG U . 8.81 -42.51 -42.15
C1 NAG V . 6.64 -37.83 -9.79
C2 NAG V . 7.12 -36.40 -9.55
C3 NAG V . 8.41 -36.13 -10.34
C4 NAG V . 9.45 -37.20 -10.05
C5 NAG V . 8.86 -38.59 -10.28
C6 NAG V . 9.81 -39.70 -9.92
C7 NAG V . 5.80 -34.34 -9.23
C8 NAG V . 4.70 -33.49 -9.78
N2 NAG V . 6.08 -35.45 -9.94
O3 NAG V . 8.90 -34.85 -9.98
O4 NAG V . 10.58 -37.01 -10.89
O5 NAG V . 7.69 -38.75 -9.47
O6 NAG V . 9.16 -40.72 -9.17
O7 NAG V . 6.41 -34.04 -8.21
C1 NAG W . -28.18 -14.48 -10.81
C2 NAG W . -29.19 -15.63 -10.62
C3 NAG W . -29.41 -15.89 -9.12
C4 NAG W . -28.07 -16.14 -8.43
C5 NAG W . -27.14 -14.96 -8.67
C6 NAG W . -25.75 -15.18 -8.09
C7 NAG W . -30.79 -15.83 -12.46
C8 NAG W . -32.12 -15.40 -12.99
N2 NAG W . -30.45 -15.33 -11.27
O3 NAG W . -30.26 -17.02 -8.96
O4 NAG W . -28.26 -16.34 -7.03
O5 NAG W . -26.96 -14.76 -10.08
O6 NAG W . -24.96 -15.99 -8.96
O7 NAG W . -30.06 -16.60 -13.08
C1 NAG X . 4.43 5.49 56.14
C2 NAG X . 4.66 4.39 57.19
C3 NAG X . 5.26 4.98 58.47
C4 NAG X . 6.46 5.88 58.16
C5 NAG X . 6.06 6.92 57.12
C6 NAG X . 7.20 7.81 56.69
C7 NAG X . 3.19 2.41 57.27
C8 NAG X . 1.85 1.88 57.67
N2 NAG X . 3.40 3.71 57.50
O3 NAG X . 5.69 3.91 59.32
O4 NAG X . 6.87 6.56 59.34
O5 NAG X . 5.62 6.23 55.94
O6 NAG X . 7.60 8.68 57.75
O7 NAG X . 4.05 1.69 56.77
C1 NAG Y . -31.65 -40.77 -26.02
C2 NAG Y . -31.73 -42.26 -25.93
C3 NAG Y . -32.36 -42.69 -27.27
C4 NAG Y . -33.73 -42.05 -27.54
C5 NAG Y . -33.83 -40.56 -27.19
C6 NAG Y . -35.22 -40.15 -26.72
C7 NAG Y . -29.78 -43.12 -24.61
C8 NAG Y . -30.46 -42.58 -23.36
N2 NAG Y . -30.45 -42.93 -25.76
O3 NAG Y . -32.34 -44.11 -27.51
O4 NAG Y . -34.11 -42.15 -28.91
O5 NAG Y . -32.96 -40.24 -26.11
O6 NAG Y . -35.70 -40.77 -25.53
O7 NAG Y . -28.74 -43.76 -24.56
#